data_2CQ0
#
_entry.id   2CQ0
#
_entity_poly.entity_id   1
_entity_poly.type   'polypeptide(L)'
_entity_poly.pdbx_seq_one_letter_code
;GSSGSSGPNRRADDNATIRVTNLSEDTRETDLQELFRPFGSISRIYLAKDKTTGQSKGFAFISFHRREDAARAIAGVSGF
GYDHLILNVEWAKPSTNSGPSSG
;
_entity_poly.pdbx_strand_id   A
#
# COMPACT_ATOMS: atom_id res chain seq x y z
N GLY A 1 -18.75 2.15 3.63
CA GLY A 1 -18.66 0.81 3.09
C GLY A 1 -18.07 0.79 1.69
N SER A 2 -17.00 0.03 1.51
CA SER A 2 -16.33 -0.08 0.22
C SER A 2 -16.45 -1.49 -0.35
N SER A 3 -17.00 -1.59 -1.56
CA SER A 3 -17.18 -2.88 -2.20
C SER A 3 -15.90 -3.71 -2.11
N GLY A 4 -16.06 -5.03 -2.04
CA GLY A 4 -14.92 -5.92 -1.94
C GLY A 4 -14.67 -6.68 -3.23
N SER A 5 -14.49 -5.94 -4.33
CA SER A 5 -14.25 -6.56 -5.63
C SER A 5 -12.76 -6.87 -5.82
N SER A 6 -12.47 -7.82 -6.69
CA SER A 6 -11.10 -8.22 -6.96
C SER A 6 -10.98 -8.88 -8.34
N GLY A 7 -9.84 -8.66 -8.99
CA GLY A 7 -9.62 -9.23 -10.30
C GLY A 7 -8.16 -9.55 -10.56
N PRO A 8 -7.35 -8.51 -10.72
CA PRO A 8 -5.90 -8.64 -10.97
C PRO A 8 -5.25 -9.68 -10.05
N ASN A 9 -5.02 -10.87 -10.58
CA ASN A 9 -4.41 -11.94 -9.81
C ASN A 9 -3.05 -11.51 -9.27
N ARG A 10 -3.02 -11.08 -8.02
CA ARG A 10 -1.79 -10.63 -7.38
C ARG A 10 -1.30 -11.66 -6.36
N ARG A 11 -0.35 -12.49 -6.78
CA ARG A 11 0.20 -13.52 -5.90
C ARG A 11 1.50 -13.05 -5.25
N ALA A 12 1.36 -12.30 -4.15
CA ALA A 12 2.52 -11.79 -3.44
C ALA A 12 2.79 -12.61 -2.18
N ASP A 13 3.94 -13.28 -2.15
CA ASP A 13 4.32 -14.10 -1.00
C ASP A 13 5.65 -13.64 -0.43
N ASP A 14 6.40 -12.87 -1.22
CA ASP A 14 7.70 -12.37 -0.79
C ASP A 14 7.85 -10.90 -1.13
N ASN A 15 7.46 -10.53 -2.35
CA ASN A 15 7.55 -9.14 -2.78
C ASN A 15 6.97 -8.19 -1.75
N ALA A 16 7.46 -6.96 -1.72
CA ALA A 16 7.00 -5.96 -0.77
C ALA A 16 5.76 -5.24 -1.31
N THR A 17 4.60 -5.52 -0.72
CA THR A 17 3.36 -4.90 -1.14
C THR A 17 2.53 -4.45 0.06
N ILE A 18 1.98 -3.25 -0.02
CA ILE A 18 1.16 -2.70 1.06
C ILE A 18 -0.13 -2.12 0.53
N ARG A 19 -1.21 -2.30 1.29
CA ARG A 19 -2.52 -1.79 0.89
C ARG A 19 -2.83 -0.48 1.62
N VAL A 20 -3.62 0.37 0.97
CA VAL A 20 -4.00 1.66 1.55
C VAL A 20 -5.48 1.95 1.33
N THR A 21 -6.13 2.53 2.34
CA THR A 21 -7.54 2.86 2.25
C THR A 21 -7.84 4.18 2.92
N ASN A 22 -9.01 4.75 2.62
CA ASN A 22 -9.41 6.03 3.20
C ASN A 22 -8.58 7.16 2.63
N LEU A 23 -8.52 7.24 1.31
CA LEU A 23 -7.76 8.29 0.63
C LEU A 23 -8.65 9.48 0.29
N SER A 24 -8.07 10.48 -0.36
CA SER A 24 -8.81 11.67 -0.74
C SER A 24 -8.83 11.84 -2.26
N GLU A 25 -9.65 12.77 -2.74
CA GLU A 25 -9.76 13.03 -4.17
C GLU A 25 -8.50 13.71 -4.70
N ASP A 26 -7.74 14.34 -3.80
CA ASP A 26 -6.51 15.02 -4.17
C ASP A 26 -5.30 14.14 -3.88
N THR A 27 -5.52 12.84 -3.75
CA THR A 27 -4.45 11.90 -3.47
C THR A 27 -4.21 10.97 -4.65
N ARG A 28 -3.19 11.28 -5.45
CA ARG A 28 -2.86 10.47 -6.62
C ARG A 28 -1.54 9.72 -6.40
N GLU A 29 -1.11 9.00 -7.43
CA GLU A 29 0.13 8.23 -7.35
C GLU A 29 1.30 9.14 -6.99
N THR A 30 1.34 10.32 -7.59
CA THR A 30 2.40 11.28 -7.35
C THR A 30 2.35 11.80 -5.91
N ASP A 31 1.16 11.78 -5.32
CA ASP A 31 0.97 12.23 -3.95
C ASP A 31 1.44 11.18 -2.95
N LEU A 32 1.36 9.92 -3.35
CA LEU A 32 1.78 8.81 -2.49
C LEU A 32 3.27 8.55 -2.64
N GLN A 33 3.80 8.80 -3.83
CA GLN A 33 5.21 8.59 -4.11
C GLN A 33 6.08 9.42 -3.16
N GLU A 34 5.57 10.58 -2.77
CA GLU A 34 6.30 11.48 -1.88
C GLU A 34 5.96 11.17 -0.42
N LEU A 35 4.87 10.45 -0.21
CA LEU A 35 4.44 10.10 1.14
C LEU A 35 5.18 8.87 1.64
N PHE A 36 5.43 7.92 0.74
CA PHE A 36 6.13 6.69 1.10
C PHE A 36 7.61 6.79 0.73
N ARG A 37 8.05 7.98 0.37
CA ARG A 37 9.44 8.21 -0.01
C ARG A 37 10.34 8.25 1.22
N PRO A 38 9.90 8.98 2.25
CA PRO A 38 10.65 9.10 3.50
C PRO A 38 11.15 7.75 4.03
N PHE A 39 10.55 6.68 3.52
CA PHE A 39 10.92 5.33 3.94
C PHE A 39 11.98 4.74 3.00
N GLY A 40 11.90 5.11 1.73
CA GLY A 40 12.85 4.62 0.75
C GLY A 40 12.39 4.84 -0.68
N SER A 41 12.99 4.12 -1.61
CA SER A 41 12.65 4.25 -3.03
C SER A 41 11.54 3.27 -3.40
N ILE A 42 10.40 3.81 -3.81
CA ILE A 42 9.27 2.97 -4.20
C ILE A 42 9.49 2.36 -5.58
N SER A 43 9.06 1.10 -5.73
CA SER A 43 9.22 0.39 -6.99
C SER A 43 8.02 0.64 -7.90
N ARG A 44 6.82 0.54 -7.32
CA ARG A 44 5.59 0.75 -8.08
C ARG A 44 4.48 1.30 -7.17
N ILE A 45 3.54 2.02 -7.77
CA ILE A 45 2.44 2.60 -7.02
C ILE A 45 1.11 2.41 -7.76
N TYR A 46 0.30 1.48 -7.27
CA TYR A 46 -0.99 1.19 -7.88
C TYR A 46 -2.12 1.94 -7.16
N LEU A 47 -3.13 2.34 -7.92
CA LEU A 47 -4.26 3.06 -7.35
C LEU A 47 -5.57 2.60 -7.99
N ALA A 48 -6.52 2.19 -7.15
CA ALA A 48 -7.82 1.73 -7.63
C ALA A 48 -8.57 2.85 -8.35
N LYS A 49 -8.86 2.63 -9.63
CA LYS A 49 -9.57 3.62 -10.43
C LYS A 49 -10.74 2.98 -11.17
N ASP A 50 -11.80 3.76 -11.39
CA ASP A 50 -12.98 3.27 -12.09
C ASP A 50 -12.89 3.56 -13.58
N LYS A 51 -13.72 2.89 -14.36
CA LYS A 51 -13.74 3.08 -15.81
C LYS A 51 -14.91 3.98 -16.23
N THR A 52 -15.99 3.93 -15.46
CA THR A 52 -17.17 4.74 -15.75
C THR A 52 -17.00 6.17 -15.23
N THR A 53 -16.36 6.30 -14.07
CA THR A 53 -16.14 7.60 -13.46
C THR A 53 -14.72 8.10 -13.74
N GLY A 54 -13.78 7.17 -13.79
CA GLY A 54 -12.39 7.53 -14.06
C GLY A 54 -11.79 8.35 -12.93
N GLN A 55 -12.03 7.92 -11.69
CA GLN A 55 -11.50 8.62 -10.53
C GLN A 55 -10.81 7.66 -9.59
N SER A 56 -10.35 8.16 -8.44
CA SER A 56 -9.66 7.35 -7.45
C SER A 56 -10.66 6.67 -6.52
N LYS A 57 -10.85 5.37 -6.70
CA LYS A 57 -11.77 4.59 -5.89
C LYS A 57 -11.68 5.01 -4.42
N GLY A 58 -10.47 4.93 -3.86
CA GLY A 58 -10.27 5.31 -2.47
C GLY A 58 -9.10 4.57 -1.84
N PHE A 59 -8.77 3.42 -2.40
CA PHE A 59 -7.67 2.61 -1.87
C PHE A 59 -6.54 2.51 -2.89
N ALA A 60 -5.34 2.18 -2.42
CA ALA A 60 -4.18 2.04 -3.28
C ALA A 60 -3.24 0.96 -2.77
N PHE A 61 -2.26 0.59 -3.60
CA PHE A 61 -1.29 -0.44 -3.22
C PHE A 61 0.12 -0.02 -3.63
N ILE A 62 0.96 0.21 -2.63
CA ILE A 62 2.34 0.61 -2.88
C ILE A 62 3.29 -0.57 -2.80
N SER A 63 4.18 -0.68 -3.78
CA SER A 63 5.14 -1.77 -3.83
C SER A 63 6.55 -1.28 -3.49
N PHE A 64 7.16 -1.87 -2.47
CA PHE A 64 8.50 -1.49 -2.05
C PHE A 64 9.54 -2.46 -2.62
N HIS A 65 10.81 -2.09 -2.48
CA HIS A 65 11.90 -2.92 -2.97
C HIS A 65 12.33 -3.95 -1.92
N ARG A 66 12.50 -3.48 -0.69
CA ARG A 66 12.92 -4.36 0.40
C ARG A 66 11.76 -4.59 1.38
N ARG A 67 11.91 -5.59 2.23
CA ARG A 67 10.87 -5.91 3.21
C ARG A 67 10.90 -4.93 4.37
N GLU A 68 12.05 -4.30 4.58
CA GLU A 68 12.21 -3.33 5.67
C GLU A 68 11.58 -1.99 5.28
N ASP A 69 11.91 -1.49 4.11
CA ASP A 69 11.38 -0.23 3.63
C ASP A 69 9.86 -0.25 3.60
N ALA A 70 9.31 -1.40 3.21
CA ALA A 70 7.86 -1.55 3.14
C ALA A 70 7.22 -1.47 4.52
N ALA A 71 7.85 -2.13 5.49
CA ALA A 71 7.33 -2.12 6.86
C ALA A 71 7.41 -0.73 7.47
N ARG A 72 8.50 -0.02 7.17
CA ARG A 72 8.70 1.33 7.69
C ARG A 72 7.45 2.18 7.48
N ALA A 73 6.83 2.03 6.32
CA ALA A 73 5.62 2.78 6.00
C ALA A 73 4.44 2.30 6.83
N ILE A 74 4.02 1.06 6.62
CA ILE A 74 2.90 0.48 7.35
C ILE A 74 2.90 0.94 8.80
N ALA A 75 4.10 1.14 9.36
CA ALA A 75 4.22 1.58 10.74
C ALA A 75 3.90 3.06 10.87
N GLY A 76 4.44 3.87 9.97
CA GLY A 76 4.19 5.30 10.00
C GLY A 76 2.82 5.67 9.45
N VAL A 77 2.61 5.37 8.17
CA VAL A 77 1.34 5.67 7.52
C VAL A 77 0.17 5.33 8.43
N SER A 78 0.38 4.36 9.31
CA SER A 78 -0.67 3.94 10.24
C SER A 78 -0.96 5.02 11.27
N GLY A 79 -2.12 5.65 11.16
CA GLY A 79 -2.50 6.69 12.09
C GLY A 79 -2.07 8.07 11.62
N PHE A 80 -1.75 8.19 10.33
CA PHE A 80 -1.32 9.45 9.75
C PHE A 80 -2.51 10.41 9.60
N GLY A 81 -2.22 11.70 9.51
CA GLY A 81 -3.27 12.69 9.35
C GLY A 81 -3.39 13.18 7.92
N TYR A 82 -3.79 12.28 7.03
CA TYR A 82 -3.94 12.63 5.62
C TYR A 82 -5.31 13.23 5.36
N ASP A 83 -5.32 14.40 4.73
CA ASP A 83 -6.57 15.09 4.42
C ASP A 83 -7.49 15.11 5.63
N HIS A 84 -6.96 15.54 6.76
CA HIS A 84 -7.74 15.61 8.00
C HIS A 84 -8.54 14.33 8.21
N LEU A 85 -7.89 13.19 7.99
CA LEU A 85 -8.54 11.90 8.16
C LEU A 85 -7.54 10.85 8.66
N ILE A 86 -8.06 9.70 9.07
CA ILE A 86 -7.23 8.62 9.56
C ILE A 86 -6.93 7.60 8.47
N LEU A 87 -5.79 7.75 7.82
CA LEU A 87 -5.38 6.85 6.75
C LEU A 87 -5.25 5.42 7.27
N ASN A 88 -5.59 4.45 6.42
CA ASN A 88 -5.50 3.04 6.79
C ASN A 88 -4.53 2.30 5.88
N VAL A 89 -3.61 1.55 6.49
CA VAL A 89 -2.62 0.79 5.73
C VAL A 89 -2.36 -0.56 6.38
N GLU A 90 -2.07 -1.57 5.55
CA GLU A 90 -1.80 -2.91 6.06
C GLU A 90 -1.18 -3.78 4.96
N TRP A 91 -0.35 -4.72 5.37
CA TRP A 91 0.30 -5.63 4.43
C TRP A 91 -0.71 -6.25 3.47
N ALA A 92 -0.51 -6.06 2.18
CA ALA A 92 -1.40 -6.61 1.17
C ALA A 92 -1.59 -8.11 1.36
N LYS A 93 -0.55 -8.78 1.85
CA LYS A 93 -0.60 -10.22 2.08
C LYS A 93 -0.92 -10.52 3.55
N PRO A 94 -1.54 -11.68 3.79
CA PRO A 94 -1.91 -12.12 5.13
C PRO A 94 -0.72 -12.65 5.92
N SER A 95 -0.82 -12.63 7.24
CA SER A 95 0.25 -13.11 8.11
C SER A 95 0.04 -14.57 8.48
N THR A 96 -0.30 -15.39 7.47
CA THR A 96 -0.54 -16.80 7.69
C THR A 96 0.73 -17.50 8.16
N ASN A 97 1.86 -17.15 7.56
CA ASN A 97 3.14 -17.75 7.92
C ASN A 97 3.65 -17.19 9.25
N SER A 98 4.62 -17.87 9.84
CA SER A 98 5.19 -17.44 11.11
C SER A 98 6.72 -17.49 11.07
N GLY A 99 7.29 -16.97 9.98
CA GLY A 99 8.73 -16.97 9.83
C GLY A 99 9.21 -17.89 8.73
N PRO A 100 9.42 -17.33 7.53
CA PRO A 100 9.88 -18.08 6.36
C PRO A 100 11.36 -18.43 6.44
N SER A 101 11.87 -19.06 5.39
CA SER A 101 13.28 -19.45 5.35
C SER A 101 14.17 -18.32 5.84
N SER A 102 15.29 -18.67 6.46
CA SER A 102 16.23 -17.69 6.99
C SER A 102 17.46 -17.59 6.10
N GLY A 103 17.62 -16.45 5.43
CA GLY A 103 18.75 -16.26 4.56
C GLY A 103 18.42 -15.40 3.35
N GLY A 1 -20.23 0.57 6.53
CA GLY A 1 -19.49 -0.63 6.19
C GLY A 1 -18.74 -0.51 4.88
N SER A 2 -17.42 -0.66 4.95
CA SER A 2 -16.57 -0.55 3.76
C SER A 2 -16.99 -1.57 2.71
N SER A 3 -16.69 -1.28 1.44
CA SER A 3 -17.04 -2.16 0.35
C SER A 3 -15.86 -2.33 -0.60
N GLY A 4 -15.65 -3.57 -1.05
CA GLY A 4 -14.54 -3.84 -1.96
C GLY A 4 -15.03 -4.32 -3.32
N SER A 5 -14.64 -5.53 -3.69
CA SER A 5 -15.04 -6.10 -4.97
C SER A 5 -14.36 -5.37 -6.11
N SER A 6 -13.07 -5.07 -5.95
CA SER A 6 -12.31 -4.37 -6.97
C SER A 6 -11.71 -5.34 -7.97
N GLY A 7 -12.57 -6.02 -8.72
CA GLY A 7 -12.10 -6.97 -9.71
C GLY A 7 -11.41 -8.17 -9.07
N PRO A 8 -10.49 -8.79 -9.81
CA PRO A 8 -9.74 -9.96 -9.34
C PRO A 8 -8.63 -9.58 -8.36
N ASN A 9 -8.06 -10.59 -7.71
CA ASN A 9 -7.00 -10.36 -6.73
C ASN A 9 -5.63 -10.50 -7.40
N ARG A 10 -4.69 -9.65 -6.98
CA ARG A 10 -3.34 -9.69 -7.52
C ARG A 10 -2.55 -10.86 -6.96
N ARG A 11 -1.44 -11.19 -7.62
CA ARG A 11 -0.59 -12.30 -7.18
C ARG A 11 0.85 -11.84 -7.03
N ALA A 12 1.56 -12.45 -6.08
CA ALA A 12 2.96 -12.11 -5.82
C ALA A 12 3.60 -13.11 -4.86
N ASP A 13 4.91 -13.00 -4.69
CA ASP A 13 5.65 -13.89 -3.81
C ASP A 13 6.98 -13.28 -3.40
N ASP A 14 7.29 -13.34 -2.11
CA ASP A 14 8.53 -12.79 -1.59
C ASP A 14 8.76 -11.38 -2.11
N ASN A 15 7.68 -10.60 -2.19
CA ASN A 15 7.76 -9.23 -2.67
C ASN A 15 7.20 -8.26 -1.63
N ALA A 16 7.79 -7.08 -1.56
CA ALA A 16 7.35 -6.06 -0.61
C ALA A 16 6.16 -5.28 -1.15
N THR A 17 4.99 -5.51 -0.55
CA THR A 17 3.77 -4.84 -0.97
C THR A 17 2.94 -4.42 0.23
N ILE A 18 2.23 -3.30 0.10
CA ILE A 18 1.39 -2.78 1.17
C ILE A 18 0.09 -2.21 0.63
N ARG A 19 -1.00 -2.41 1.37
CA ARG A 19 -2.30 -1.90 0.96
C ARG A 19 -2.62 -0.59 1.67
N VAL A 20 -3.42 0.25 1.01
CA VAL A 20 -3.80 1.53 1.59
C VAL A 20 -5.27 1.84 1.32
N THR A 21 -5.95 2.39 2.32
CA THR A 21 -7.37 2.72 2.17
C THR A 21 -7.67 4.07 2.83
N ASN A 22 -8.91 4.53 2.66
CA ASN A 22 -9.33 5.81 3.24
C ASN A 22 -8.63 6.97 2.55
N LEU A 23 -8.63 6.96 1.22
CA LEU A 23 -8.00 8.01 0.44
C LEU A 23 -9.03 9.03 -0.05
N SER A 24 -8.56 10.02 -0.79
CA SER A 24 -9.44 11.06 -1.31
C SER A 24 -9.30 11.19 -2.83
N GLU A 25 -10.07 12.11 -3.42
CA GLU A 25 -10.02 12.32 -4.86
C GLU A 25 -8.92 13.32 -5.22
N ASP A 26 -8.27 13.87 -4.20
CA ASP A 26 -7.19 14.83 -4.40
C ASP A 26 -5.83 14.20 -4.12
N THR A 27 -5.78 12.87 -4.18
CA THR A 27 -4.54 12.15 -3.93
C THR A 27 -4.22 11.18 -5.06
N ARG A 28 -3.10 11.43 -5.75
CA ARG A 28 -2.69 10.59 -6.85
C ARG A 28 -1.42 9.81 -6.51
N GLU A 29 -1.04 8.89 -7.38
CA GLU A 29 0.16 8.08 -7.16
C GLU A 29 1.37 8.97 -6.85
N THR A 30 1.55 10.01 -7.65
CA THR A 30 2.66 10.94 -7.47
C THR A 30 2.59 11.60 -6.09
N ASP A 31 1.38 11.76 -5.58
CA ASP A 31 1.17 12.38 -4.28
C ASP A 31 1.58 11.43 -3.15
N LEU A 32 1.57 10.14 -3.44
CA LEU A 32 1.94 9.13 -2.46
C LEU A 32 3.40 8.72 -2.60
N GLN A 33 3.92 8.83 -3.82
CA GLN A 33 5.30 8.48 -4.09
C GLN A 33 6.25 9.25 -3.16
N GLU A 34 5.82 10.43 -2.73
CA GLU A 34 6.63 11.25 -1.84
C GLU A 34 6.32 10.94 -0.38
N LEU A 35 5.16 10.34 -0.14
CA LEU A 35 4.73 9.99 1.21
C LEU A 35 5.44 8.72 1.69
N PHE A 36 5.63 7.79 0.78
CA PHE A 36 6.30 6.52 1.10
C PHE A 36 7.79 6.60 0.78
N ARG A 37 8.27 7.79 0.46
CA ARG A 37 9.67 7.99 0.13
C ARG A 37 10.53 8.02 1.38
N PRO A 38 10.07 8.77 2.40
CA PRO A 38 10.79 8.91 3.68
C PRO A 38 11.23 7.56 4.23
N PHE A 39 10.64 6.48 3.72
CA PHE A 39 10.99 5.14 4.16
C PHE A 39 12.03 4.50 3.25
N GLY A 40 11.97 4.86 1.96
CA GLY A 40 12.91 4.32 1.00
C GLY A 40 12.51 4.62 -0.43
N SER A 41 13.06 3.85 -1.37
CA SER A 41 12.76 4.04 -2.78
C SER A 41 11.64 3.11 -3.23
N ILE A 42 10.48 3.68 -3.53
CA ILE A 42 9.33 2.89 -3.97
C ILE A 42 9.59 2.24 -5.32
N SER A 43 9.02 1.07 -5.53
CA SER A 43 9.19 0.34 -6.77
C SER A 43 8.02 0.56 -7.72
N ARG A 44 6.80 0.46 -7.18
CA ARG A 44 5.59 0.66 -7.97
C ARG A 44 4.48 1.27 -7.12
N ILE A 45 3.67 2.12 -7.74
CA ILE A 45 2.56 2.76 -7.04
C ILE A 45 1.26 2.62 -7.81
N TYR A 46 0.44 1.66 -7.39
CA TYR A 46 -0.85 1.43 -8.05
C TYR A 46 -1.96 2.19 -7.35
N LEU A 47 -3.01 2.51 -8.11
CA LEU A 47 -4.14 3.24 -7.56
C LEU A 47 -5.45 2.73 -8.15
N ALA A 48 -6.50 2.69 -7.33
CA ALA A 48 -7.80 2.22 -7.78
C ALA A 48 -8.60 3.35 -8.43
N LYS A 49 -9.13 3.08 -9.62
CA LYS A 49 -9.90 4.08 -10.35
C LYS A 49 -11.18 3.47 -10.91
N ASP A 50 -12.20 4.30 -11.10
CA ASP A 50 -13.47 3.84 -11.63
C ASP A 50 -13.58 4.13 -13.13
N LYS A 51 -14.44 3.39 -13.81
CA LYS A 51 -14.63 3.56 -15.25
C LYS A 51 -15.92 4.33 -15.53
N THR A 52 -16.62 4.71 -14.47
CA THR A 52 -17.88 5.44 -14.60
C THR A 52 -17.73 6.88 -14.10
N THR A 53 -16.71 7.10 -13.27
CA THR A 53 -16.46 8.42 -12.70
C THR A 53 -15.06 8.92 -13.06
N GLY A 54 -14.22 7.99 -13.50
CA GLY A 54 -12.85 8.35 -13.86
C GLY A 54 -12.10 9.02 -12.73
N GLN A 55 -12.35 8.55 -11.51
CA GLN A 55 -11.69 9.12 -10.34
C GLN A 55 -11.07 8.02 -9.48
N SER A 56 -10.45 8.42 -8.38
CA SER A 56 -9.80 7.47 -7.48
C SER A 56 -10.81 6.89 -6.48
N LYS A 57 -11.04 5.58 -6.57
CA LYS A 57 -11.98 4.91 -5.68
C LYS A 57 -11.75 5.33 -4.23
N GLY A 58 -10.68 4.83 -3.64
CA GLY A 58 -10.36 5.16 -2.26
C GLY A 58 -9.35 4.21 -1.65
N PHE A 59 -8.44 3.71 -2.48
CA PHE A 59 -7.41 2.79 -2.02
C PHE A 59 -6.30 2.64 -3.05
N ALA A 60 -5.12 2.25 -2.60
CA ALA A 60 -3.97 2.07 -3.48
C ALA A 60 -3.04 0.98 -2.96
N PHE A 61 -2.03 0.65 -3.76
CA PHE A 61 -1.07 -0.37 -3.37
C PHE A 61 0.36 0.06 -3.71
N ILE A 62 1.20 0.15 -2.69
CA ILE A 62 2.59 0.56 -2.88
C ILE A 62 3.54 -0.63 -2.75
N SER A 63 4.35 -0.85 -3.77
CA SER A 63 5.30 -1.96 -3.76
C SER A 63 6.71 -1.47 -3.44
N PHE A 64 7.27 -1.96 -2.33
CA PHE A 64 8.61 -1.56 -1.91
C PHE A 64 9.65 -2.53 -2.47
N HIS A 65 10.92 -2.22 -2.21
CA HIS A 65 12.01 -3.06 -2.68
C HIS A 65 12.46 -4.03 -1.59
N ARG A 66 12.70 -3.50 -0.39
CA ARG A 66 13.13 -4.32 0.73
C ARG A 66 12.01 -4.47 1.76
N ARG A 67 11.99 -5.61 2.45
CA ARG A 67 10.97 -5.87 3.45
C ARG A 67 11.16 -4.97 4.67
N GLU A 68 12.30 -4.29 4.73
CA GLU A 68 12.60 -3.39 5.84
C GLU A 68 12.11 -1.97 5.54
N ASP A 69 12.01 -1.65 4.25
CA ASP A 69 11.56 -0.32 3.83
C ASP A 69 10.04 -0.29 3.70
N ALA A 70 9.45 -1.45 3.46
CA ALA A 70 8.00 -1.55 3.31
C ALA A 70 7.31 -1.58 4.67
N ALA A 71 7.97 -2.19 5.65
CA ALA A 71 7.41 -2.29 7.00
C ALA A 71 7.44 -0.93 7.69
N ARG A 72 8.44 -0.12 7.39
CA ARG A 72 8.58 1.20 7.99
C ARG A 72 7.36 2.06 7.67
N ALA A 73 6.85 1.93 6.45
CA ALA A 73 5.67 2.69 6.02
C ALA A 73 4.45 2.32 6.84
N ILE A 74 4.02 1.07 6.72
CA ILE A 74 2.85 0.60 7.47
C ILE A 74 2.83 1.16 8.88
N ALA A 75 4.02 1.30 9.47
CA ALA A 75 4.13 1.83 10.83
C ALA A 75 3.84 3.33 10.86
N GLY A 76 4.59 4.09 10.07
CA GLY A 76 4.40 5.53 10.02
C GLY A 76 3.04 5.92 9.47
N VAL A 77 2.78 5.54 8.22
CA VAL A 77 1.50 5.85 7.58
C VAL A 77 0.33 5.50 8.49
N SER A 78 0.49 4.43 9.25
CA SER A 78 -0.56 3.98 10.16
C SER A 78 -0.89 5.07 11.18
N GLY A 79 -2.02 5.74 10.99
CA GLY A 79 -2.43 6.79 11.90
C GLY A 79 -2.02 8.17 11.42
N PHE A 80 -1.88 8.32 10.10
CA PHE A 80 -1.49 9.59 9.51
C PHE A 80 -2.72 10.44 9.17
N GLY A 81 -2.56 11.75 9.25
CA GLY A 81 -3.66 12.66 8.94
C GLY A 81 -3.66 13.09 7.50
N TYR A 82 -4.14 12.22 6.61
CA TYR A 82 -4.20 12.52 5.19
C TYR A 82 -5.60 12.95 4.78
N ASP A 83 -5.68 14.11 4.13
CA ASP A 83 -6.96 14.64 3.68
C ASP A 83 -7.97 14.69 4.83
N HIS A 84 -7.53 15.24 5.96
CA HIS A 84 -8.39 15.36 7.14
C HIS A 84 -9.12 14.04 7.41
N LEU A 85 -8.46 12.93 7.08
CA LEU A 85 -9.05 11.61 7.28
C LEU A 85 -8.05 10.66 7.92
N ILE A 86 -8.52 9.48 8.31
CA ILE A 86 -7.66 8.48 8.93
C ILE A 86 -7.19 7.45 7.92
N LEU A 87 -6.01 7.67 7.36
CA LEU A 87 -5.45 6.75 6.37
C LEU A 87 -5.11 5.41 7.01
N ASN A 88 -5.45 4.33 6.32
CA ASN A 88 -5.18 2.99 6.81
C ASN A 88 -4.21 2.25 5.89
N VAL A 89 -3.32 1.45 6.47
CA VAL A 89 -2.35 0.70 5.71
C VAL A 89 -2.04 -0.64 6.37
N GLU A 90 -1.81 -1.66 5.56
CA GLU A 90 -1.50 -2.99 6.08
C GLU A 90 -0.93 -3.89 4.98
N TRP A 91 -0.06 -4.81 5.36
CA TRP A 91 0.56 -5.73 4.41
C TRP A 91 -0.50 -6.37 3.52
N ALA A 92 -0.26 -6.34 2.21
CA ALA A 92 -1.19 -6.92 1.24
C ALA A 92 -1.20 -8.44 1.35
N LYS A 93 -0.02 -9.03 1.37
CA LYS A 93 0.11 -10.48 1.45
C LYS A 93 -0.66 -11.02 2.65
N PRO A 94 -1.26 -12.21 2.49
CA PRO A 94 -2.04 -12.87 3.54
C PRO A 94 -1.15 -13.53 4.59
N SER A 95 -0.09 -14.18 4.14
CA SER A 95 0.83 -14.86 5.03
C SER A 95 2.14 -14.08 5.16
N THR A 96 2.48 -13.73 6.40
CA THR A 96 3.71 -12.98 6.66
C THR A 96 4.60 -13.72 7.65
N ASN A 97 5.86 -13.91 7.27
CA ASN A 97 6.82 -14.60 8.13
C ASN A 97 7.58 -13.61 9.00
N SER A 98 8.22 -14.13 10.05
CA SER A 98 8.98 -13.29 10.97
C SER A 98 10.48 -13.46 10.75
N GLY A 99 10.94 -14.70 10.86
CA GLY A 99 12.36 -14.98 10.67
C GLY A 99 13.03 -15.48 11.94
N PRO A 100 13.10 -16.82 12.07
CA PRO A 100 13.72 -17.45 13.25
C PRO A 100 15.25 -17.37 13.21
N SER A 101 15.83 -17.03 14.36
CA SER A 101 17.29 -16.90 14.46
C SER A 101 17.78 -17.47 15.79
N SER A 102 18.97 -18.05 15.77
CA SER A 102 19.57 -18.63 16.96
C SER A 102 20.33 -17.59 17.76
N GLY A 103 20.41 -17.79 19.08
CA GLY A 103 21.12 -16.85 19.93
C GLY A 103 20.59 -16.85 21.35
N GLY A 1 -2.09 0.24 21.72
CA GLY A 1 -1.25 -0.53 20.83
C GLY A 1 -0.31 0.35 20.03
N SER A 2 0.79 0.76 20.66
CA SER A 2 1.77 1.62 20.00
C SER A 2 2.26 0.98 18.70
N SER A 3 1.92 1.60 17.58
CA SER A 3 2.31 1.08 16.28
C SER A 3 1.92 -0.38 16.12
N GLY A 4 0.72 -0.71 16.56
CA GLY A 4 0.24 -2.08 16.46
C GLY A 4 -1.26 -2.16 16.26
N SER A 5 -1.76 -3.37 16.03
CA SER A 5 -3.19 -3.57 15.82
C SER A 5 -3.67 -4.84 16.52
N SER A 6 -4.80 -4.73 17.21
CA SER A 6 -5.37 -5.87 17.93
C SER A 6 -5.13 -7.17 17.17
N GLY A 7 -4.30 -8.04 17.74
CA GLY A 7 -4.00 -9.31 17.11
C GLY A 7 -3.51 -9.14 15.68
N PRO A 8 -2.18 -9.11 15.51
CA PRO A 8 -1.56 -8.96 14.19
C PRO A 8 -2.20 -9.85 13.13
N ASN A 9 -2.49 -9.27 11.98
CA ASN A 9 -3.11 -10.02 10.89
C ASN A 9 -2.07 -10.42 9.84
N ARG A 10 -0.92 -10.87 10.31
CA ARG A 10 0.16 -11.28 9.42
C ARG A 10 0.09 -12.77 9.13
N ARG A 11 -0.11 -13.12 7.86
CA ARG A 11 -0.20 -14.51 7.45
C ARG A 11 1.16 -15.05 7.03
N ALA A 12 1.77 -14.41 6.03
CA ALA A 12 3.08 -14.81 5.54
C ALA A 12 3.73 -13.70 4.74
N ASP A 13 4.74 -13.07 5.32
CA ASP A 13 5.45 -11.98 4.65
C ASP A 13 6.52 -12.52 3.71
N ASP A 14 6.31 -12.32 2.41
CA ASP A 14 7.24 -12.80 1.39
C ASP A 14 7.77 -11.64 0.56
N ASN A 15 6.90 -11.09 -0.29
CA ASN A 15 7.28 -9.97 -1.15
C ASN A 15 7.07 -8.64 -0.44
N ALA A 16 7.38 -7.56 -1.13
CA ALA A 16 7.23 -6.22 -0.57
C ALA A 16 6.02 -5.51 -1.17
N THR A 17 4.88 -5.62 -0.51
CA THR A 17 3.66 -4.99 -0.98
C THR A 17 2.81 -4.47 0.19
N ILE A 18 2.17 -3.33 -0.01
CA ILE A 18 1.33 -2.73 1.02
C ILE A 18 0.07 -2.13 0.43
N ARG A 19 -1.03 -2.18 1.18
CA ARG A 19 -2.30 -1.63 0.72
C ARG A 19 -2.69 -0.40 1.55
N VAL A 20 -3.39 0.53 0.92
CA VAL A 20 -3.83 1.75 1.59
C VAL A 20 -5.32 1.96 1.42
N THR A 21 -5.95 2.57 2.42
CA THR A 21 -7.38 2.84 2.38
C THR A 21 -7.71 4.19 3.02
N ASN A 22 -8.91 4.69 2.74
CA ASN A 22 -9.33 5.98 3.29
C ASN A 22 -8.57 7.13 2.65
N LEU A 23 -8.31 7.01 1.36
CA LEU A 23 -7.59 8.05 0.62
C LEU A 23 -8.53 9.18 0.20
N SER A 24 -8.00 10.13 -0.57
CA SER A 24 -8.79 11.26 -1.03
C SER A 24 -8.71 11.39 -2.55
N GLU A 25 -9.42 12.38 -3.09
CA GLU A 25 -9.43 12.61 -4.53
C GLU A 25 -8.14 13.27 -4.99
N ASP A 26 -7.77 14.36 -4.31
CA ASP A 26 -6.55 15.09 -4.65
C ASP A 26 -5.31 14.25 -4.37
N THR A 27 -5.53 13.06 -3.80
CA THR A 27 -4.43 12.16 -3.48
C THR A 27 -4.27 11.09 -4.56
N ARG A 28 -3.27 11.25 -5.41
CA ARG A 28 -3.02 10.30 -6.48
C ARG A 28 -1.67 9.60 -6.28
N GLU A 29 -1.29 8.77 -7.25
CA GLU A 29 -0.03 8.05 -7.18
C GLU A 29 1.13 9.00 -6.88
N THR A 30 1.28 10.02 -7.72
CA THR A 30 2.35 11.01 -7.55
C THR A 30 2.29 11.63 -6.17
N ASP A 31 1.13 11.57 -5.54
CA ASP A 31 0.95 12.15 -4.21
C ASP A 31 1.43 11.18 -3.13
N LEU A 32 1.32 9.88 -3.43
CA LEU A 32 1.76 8.86 -2.48
C LEU A 32 3.22 8.52 -2.68
N GLN A 33 3.72 8.72 -3.89
CA GLN A 33 5.11 8.43 -4.21
C GLN A 33 6.05 9.20 -3.29
N GLU A 34 5.63 10.40 -2.90
CA GLU A 34 6.44 11.24 -2.01
C GLU A 34 6.10 10.96 -0.55
N LEU A 35 4.95 10.35 -0.32
CA LEU A 35 4.52 10.03 1.04
C LEU A 35 5.23 8.78 1.55
N PHE A 36 5.50 7.84 0.65
CA PHE A 36 6.19 6.60 1.02
C PHE A 36 7.66 6.66 0.65
N ARG A 37 8.13 7.86 0.31
CA ARG A 37 9.52 8.05 -0.08
C ARG A 37 10.42 8.09 1.15
N PRO A 38 9.99 8.85 2.17
CA PRO A 38 10.75 8.99 3.42
C PRO A 38 11.21 7.65 3.98
N PHE A 39 10.60 6.57 3.49
CA PHE A 39 10.94 5.23 3.94
C PHE A 39 12.01 4.61 3.04
N GLY A 40 11.92 4.91 1.74
CA GLY A 40 12.89 4.39 0.80
C GLY A 40 12.48 4.64 -0.64
N SER A 41 13.08 3.90 -1.57
CA SER A 41 12.77 4.05 -2.99
C SER A 41 11.62 3.15 -3.40
N ILE A 42 10.53 3.77 -3.85
CA ILE A 42 9.35 3.02 -4.28
C ILE A 42 9.59 2.33 -5.62
N SER A 43 9.03 1.14 -5.77
CA SER A 43 9.18 0.38 -7.02
C SER A 43 7.98 0.58 -7.92
N ARG A 44 6.79 0.43 -7.36
CA ARG A 44 5.55 0.58 -8.12
C ARG A 44 4.46 1.20 -7.25
N ILE A 45 3.54 1.91 -7.90
CA ILE A 45 2.44 2.56 -7.19
C ILE A 45 1.13 2.45 -7.97
N TYR A 46 0.18 1.70 -7.42
CA TYR A 46 -1.10 1.51 -8.08
C TYR A 46 -2.21 2.26 -7.33
N LEU A 47 -3.14 2.84 -8.08
CA LEU A 47 -4.25 3.58 -7.49
C LEU A 47 -5.58 3.13 -8.07
N ALA A 48 -6.47 2.65 -7.21
CA ALA A 48 -7.79 2.19 -7.65
C ALA A 48 -8.58 3.33 -8.28
N LYS A 49 -9.00 3.12 -9.52
CA LYS A 49 -9.77 4.12 -10.25
C LYS A 49 -10.95 3.48 -10.97
N ASP A 50 -12.03 4.24 -11.11
CA ASP A 50 -13.22 3.75 -11.79
C ASP A 50 -13.06 3.80 -13.31
N LYS A 51 -14.08 3.35 -14.02
CA LYS A 51 -14.04 3.34 -15.48
C LYS A 51 -15.09 4.31 -16.05
N THR A 52 -16.31 4.21 -15.55
CA THR A 52 -17.39 5.07 -16.01
C THR A 52 -17.15 6.52 -15.61
N THR A 53 -16.69 6.73 -14.39
CA THR A 53 -16.42 8.07 -13.88
C THR A 53 -14.92 8.37 -13.93
N GLY A 54 -14.11 7.33 -14.10
CA GLY A 54 -12.68 7.52 -14.16
C GLY A 54 -12.15 8.33 -12.99
N GLN A 55 -12.66 8.05 -11.79
CA GLN A 55 -12.24 8.76 -10.60
C GLN A 55 -11.61 7.81 -9.59
N SER A 56 -10.89 8.36 -8.63
CA SER A 56 -10.23 7.55 -7.60
C SER A 56 -11.25 6.93 -6.65
N LYS A 57 -11.13 5.63 -6.45
CA LYS A 57 -12.04 4.92 -5.55
C LYS A 57 -11.82 5.33 -4.10
N GLY A 58 -10.73 4.85 -3.51
CA GLY A 58 -10.42 5.17 -2.13
C GLY A 58 -9.39 4.24 -1.52
N PHE A 59 -8.48 3.75 -2.35
CA PHE A 59 -7.44 2.84 -1.89
C PHE A 59 -6.33 2.72 -2.93
N ALA A 60 -5.15 2.30 -2.48
CA ALA A 60 -4.00 2.13 -3.37
C ALA A 60 -3.11 0.98 -2.91
N PHE A 61 -2.14 0.62 -3.75
CA PHE A 61 -1.23 -0.47 -3.42
C PHE A 61 0.21 -0.09 -3.78
N ILE A 62 1.01 0.18 -2.76
CA ILE A 62 2.41 0.55 -2.97
C ILE A 62 3.32 -0.66 -2.86
N SER A 63 4.28 -0.75 -3.78
CA SER A 63 5.23 -1.87 -3.79
C SER A 63 6.63 -1.39 -3.47
N PHE A 64 7.20 -1.89 -2.38
CA PHE A 64 8.54 -1.52 -1.97
C PHE A 64 9.58 -2.50 -2.53
N HIS A 65 10.85 -2.17 -2.34
CA HIS A 65 11.94 -3.02 -2.83
C HIS A 65 12.34 -4.05 -1.77
N ARG A 66 12.44 -3.60 -0.53
CA ARG A 66 12.82 -4.48 0.57
C ARG A 66 11.68 -4.59 1.59
N ARG A 67 11.82 -5.53 2.51
CA ARG A 67 10.81 -5.75 3.54
C ARG A 67 10.91 -4.69 4.63
N GLU A 68 12.14 -4.26 4.93
CA GLU A 68 12.37 -3.26 5.95
C GLU A 68 11.68 -1.94 5.59
N ASP A 69 12.00 -1.43 4.40
CA ASP A 69 11.41 -0.18 3.94
C ASP A 69 9.88 -0.28 3.89
N ALA A 70 9.38 -1.44 3.51
CA ALA A 70 7.94 -1.67 3.43
C ALA A 70 7.29 -1.55 4.80
N ALA A 71 7.92 -2.16 5.80
CA ALA A 71 7.40 -2.13 7.17
C ALA A 71 7.48 -0.72 7.75
N ARG A 72 8.54 0.00 7.41
CA ARG A 72 8.73 1.36 7.90
C ARG A 72 7.48 2.20 7.68
N ALA A 73 6.86 2.03 6.51
CA ALA A 73 5.65 2.76 6.17
C ALA A 73 4.47 2.32 7.04
N ILE A 74 4.05 1.07 6.86
CA ILE A 74 2.94 0.53 7.63
C ILE A 74 2.93 1.08 9.05
N ALA A 75 4.12 1.34 9.60
CA ALA A 75 4.24 1.87 10.94
C ALA A 75 3.95 3.37 10.97
N GLY A 76 4.63 4.11 10.09
CA GLY A 76 4.44 5.54 10.03
C GLY A 76 3.07 5.93 9.50
N VAL A 77 2.77 5.52 8.27
CA VAL A 77 1.49 5.82 7.65
C VAL A 77 0.34 5.43 8.56
N SER A 78 0.54 4.38 9.36
CA SER A 78 -0.48 3.90 10.27
C SER A 78 -0.85 4.98 11.30
N GLY A 79 -2.11 5.38 11.30
CA GLY A 79 -2.56 6.40 12.23
C GLY A 79 -2.15 7.79 11.81
N PHE A 80 -1.89 7.97 10.51
CA PHE A 80 -1.49 9.26 9.99
C PHE A 80 -2.70 10.15 9.72
N GLY A 81 -2.44 11.44 9.52
CA GLY A 81 -3.52 12.37 9.25
C GLY A 81 -3.49 12.91 7.83
N TYR A 82 -4.04 12.13 6.90
CA TYR A 82 -4.07 12.52 5.49
C TYR A 82 -5.46 13.01 5.10
N ASP A 83 -5.53 14.26 4.64
CA ASP A 83 -6.81 14.84 4.23
C ASP A 83 -7.79 14.88 5.39
N HIS A 84 -7.33 15.38 6.53
CA HIS A 84 -8.17 15.47 7.72
C HIS A 84 -8.91 14.16 7.97
N LEU A 85 -8.26 13.05 7.62
CA LEU A 85 -8.86 11.73 7.81
C LEU A 85 -7.83 10.75 8.38
N ILE A 86 -8.31 9.59 8.83
CA ILE A 86 -7.43 8.57 9.40
C ILE A 86 -7.03 7.56 8.35
N LEU A 87 -5.86 7.76 7.75
CA LEU A 87 -5.35 6.85 6.73
C LEU A 87 -5.16 5.45 7.29
N ASN A 88 -5.43 4.45 6.47
CA ASN A 88 -5.30 3.05 6.89
C ASN A 88 -4.37 2.30 5.94
N VAL A 89 -3.41 1.58 6.51
CA VAL A 89 -2.45 0.81 5.72
C VAL A 89 -2.16 -0.53 6.38
N GLU A 90 -1.83 -1.52 5.55
CA GLU A 90 -1.53 -2.86 6.05
C GLU A 90 -0.92 -3.73 4.94
N TRP A 91 -0.07 -4.67 5.34
CA TRP A 91 0.57 -5.56 4.38
C TRP A 91 -0.45 -6.15 3.40
N ALA A 92 -0.08 -6.17 2.13
CA ALA A 92 -0.96 -6.70 1.10
C ALA A 92 -0.27 -7.79 0.28
N LYS A 93 0.89 -8.23 0.77
CA LYS A 93 1.66 -9.27 0.09
C LYS A 93 0.75 -10.37 -0.44
N PRO A 94 1.16 -11.01 -1.53
CA PRO A 94 0.39 -12.09 -2.16
C PRO A 94 0.53 -13.41 -1.39
N SER A 95 0.43 -13.34 -0.06
CA SER A 95 0.55 -14.52 0.77
C SER A 95 -0.26 -15.68 0.20
N THR A 96 0.45 -16.67 -0.34
CA THR A 96 -0.20 -17.84 -0.92
C THR A 96 0.62 -19.11 -0.69
N ASN A 97 -0.07 -20.24 -0.60
CA ASN A 97 0.60 -21.52 -0.38
C ASN A 97 0.64 -22.35 -1.65
N SER A 98 1.65 -23.20 -1.78
CA SER A 98 1.80 -24.06 -2.95
C SER A 98 2.47 -25.38 -2.58
N GLY A 99 2.09 -26.44 -3.29
CA GLY A 99 2.66 -27.74 -3.03
C GLY A 99 3.98 -27.96 -3.74
N PRO A 100 4.69 -29.03 -3.36
CA PRO A 100 5.99 -29.36 -3.97
C PRO A 100 5.84 -30.03 -5.33
N SER A 101 4.66 -29.88 -5.93
CA SER A 101 4.39 -30.47 -7.23
C SER A 101 5.53 -30.20 -8.20
N SER A 102 5.92 -31.22 -8.97
CA SER A 102 7.00 -31.10 -9.94
C SER A 102 6.45 -30.90 -11.34
N GLY A 103 7.29 -30.37 -12.22
CA GLY A 103 6.88 -30.13 -13.60
C GLY A 103 7.99 -30.39 -14.59
N GLY A 1 -4.15 -8.15 19.24
CA GLY A 1 -3.10 -7.28 18.80
C GLY A 1 -3.33 -6.75 17.40
N SER A 2 -4.08 -5.65 17.31
CA SER A 2 -4.39 -5.05 16.01
C SER A 2 -3.15 -4.40 15.40
N SER A 3 -2.15 -4.16 16.24
CA SER A 3 -0.90 -3.55 15.79
C SER A 3 0.29 -4.41 16.16
N GLY A 4 1.06 -4.82 15.14
CA GLY A 4 2.22 -5.65 15.38
C GLY A 4 1.88 -7.11 15.51
N SER A 5 1.28 -7.67 14.46
CA SER A 5 0.89 -9.08 14.47
C SER A 5 0.81 -9.63 13.05
N SER A 6 1.37 -10.81 12.84
CA SER A 6 1.37 -11.44 11.52
C SER A 6 0.00 -12.07 11.23
N GLY A 7 -0.30 -13.15 11.95
CA GLY A 7 -1.57 -13.83 11.75
C GLY A 7 -1.39 -15.28 11.35
N PRO A 8 -1.35 -15.54 10.04
CA PRO A 8 -1.18 -16.89 9.50
C PRO A 8 -0.09 -17.67 10.22
N ASN A 9 0.82 -16.95 10.86
CA ASN A 9 1.92 -17.57 11.60
C ASN A 9 2.81 -18.38 10.66
N ARG A 10 3.08 -17.82 9.48
CA ARG A 10 3.91 -18.49 8.48
C ARG A 10 4.60 -17.48 7.58
N ARG A 11 5.55 -17.95 6.78
CA ARG A 11 6.28 -17.09 5.87
C ARG A 11 6.25 -17.64 4.45
N ALA A 12 5.35 -17.13 3.64
CA ALA A 12 5.23 -17.58 2.25
C ALA A 12 5.43 -16.43 1.27
N ASP A 13 4.89 -15.26 1.62
CA ASP A 13 5.02 -14.08 0.78
C ASP A 13 6.49 -13.74 0.53
N ASP A 14 6.84 -13.52 -0.73
CA ASP A 14 8.20 -13.19 -1.10
C ASP A 14 8.26 -11.90 -1.92
N ASN A 15 7.45 -10.92 -1.52
CA ASN A 15 7.39 -9.64 -2.22
C ASN A 15 7.09 -8.51 -1.25
N ALA A 16 7.15 -7.28 -1.75
CA ALA A 16 6.88 -6.10 -0.93
C ALA A 16 5.67 -5.33 -1.44
N THR A 17 4.50 -5.62 -0.89
CA THR A 17 3.27 -4.95 -1.29
C THR A 17 2.46 -4.52 -0.08
N ILE A 18 1.86 -3.34 -0.19
CA ILE A 18 1.04 -2.80 0.90
C ILE A 18 -0.21 -2.11 0.37
N ARG A 19 -1.31 -2.22 1.10
CA ARG A 19 -2.57 -1.60 0.70
C ARG A 19 -2.84 -0.35 1.53
N VAL A 20 -3.52 0.61 0.92
CA VAL A 20 -3.86 1.86 1.60
C VAL A 20 -5.33 2.22 1.38
N THR A 21 -5.98 2.64 2.46
CA THR A 21 -7.39 3.02 2.40
C THR A 21 -7.62 4.38 3.05
N ASN A 22 -8.83 4.91 2.91
CA ASN A 22 -9.18 6.19 3.48
C ASN A 22 -8.34 7.32 2.88
N LEU A 23 -8.33 7.37 1.55
CA LEU A 23 -7.56 8.39 0.84
C LEU A 23 -8.45 9.58 0.47
N SER A 24 -7.87 10.55 -0.23
CA SER A 24 -8.60 11.74 -0.65
C SER A 24 -8.56 11.91 -2.16
N GLU A 25 -9.45 12.75 -2.68
CA GLU A 25 -9.51 12.99 -4.11
C GLU A 25 -8.30 13.79 -4.59
N ASP A 26 -7.54 14.31 -3.64
CA ASP A 26 -6.36 15.10 -3.96
C ASP A 26 -5.09 14.30 -3.68
N THR A 27 -5.22 12.97 -3.64
CA THR A 27 -4.09 12.09 -3.37
C THR A 27 -3.88 11.12 -4.52
N ARG A 28 -2.95 11.44 -5.41
CA ARG A 28 -2.65 10.59 -6.56
C ARG A 28 -1.36 9.81 -6.33
N GLU A 29 -1.09 8.84 -7.22
CA GLU A 29 0.10 8.03 -7.11
C GLU A 29 1.34 8.89 -6.87
N THR A 30 1.44 9.99 -7.61
CA THR A 30 2.57 10.90 -7.48
C THR A 30 2.56 11.61 -6.13
N ASP A 31 1.38 11.70 -5.52
CA ASP A 31 1.23 12.36 -4.23
C ASP A 31 1.69 11.44 -3.10
N LEU A 32 1.56 10.12 -3.33
CA LEU A 32 1.95 9.15 -2.33
C LEU A 32 3.43 8.79 -2.48
N GLN A 33 3.94 8.85 -3.70
CA GLN A 33 5.33 8.54 -3.98
C GLN A 33 6.26 9.35 -3.08
N GLU A 34 5.84 10.57 -2.76
CA GLU A 34 6.64 11.45 -1.91
C GLU A 34 6.31 11.22 -0.43
N LEU A 35 5.23 10.50 -0.18
CA LEU A 35 4.82 10.20 1.18
C LEU A 35 5.49 8.94 1.70
N PHE A 36 5.66 7.95 0.82
CA PHE A 36 6.28 6.70 1.18
C PHE A 36 7.77 6.70 0.80
N ARG A 37 8.27 7.87 0.42
CA ARG A 37 9.67 8.01 0.03
C ARG A 37 10.57 8.02 1.26
N PRO A 38 10.17 8.79 2.28
CA PRO A 38 10.94 8.91 3.53
C PRO A 38 11.36 7.55 4.08
N PHE A 39 10.70 6.50 3.60
CA PHE A 39 11.01 5.14 4.05
C PHE A 39 12.01 4.48 3.13
N GLY A 40 11.94 4.83 1.84
CA GLY A 40 12.85 4.25 0.87
C GLY A 40 12.44 4.54 -0.56
N SER A 41 13.04 3.83 -1.51
CA SER A 41 12.72 4.03 -2.92
C SER A 41 11.59 3.11 -3.37
N ILE A 42 10.45 3.71 -3.70
CA ILE A 42 9.29 2.95 -4.13
C ILE A 42 9.52 2.33 -5.51
N SER A 43 8.97 1.14 -5.72
CA SER A 43 9.13 0.45 -6.99
C SER A 43 7.91 0.68 -7.89
N ARG A 44 6.73 0.59 -7.31
CA ARG A 44 5.49 0.80 -8.06
C ARG A 44 4.41 1.39 -7.17
N ILE A 45 3.55 2.23 -7.76
CA ILE A 45 2.47 2.86 -7.02
C ILE A 45 1.15 2.72 -7.76
N TYR A 46 0.37 1.71 -7.37
CA TYR A 46 -0.93 1.47 -7.99
C TYR A 46 -2.04 2.19 -7.25
N LEU A 47 -3.09 2.57 -7.97
CA LEU A 47 -4.22 3.28 -7.38
C LEU A 47 -5.53 2.81 -7.99
N ALA A 48 -6.42 2.27 -7.15
CA ALA A 48 -7.72 1.79 -7.62
C ALA A 48 -8.55 2.93 -8.20
N LYS A 49 -9.11 2.71 -9.38
CA LYS A 49 -9.93 3.71 -10.04
C LYS A 49 -11.22 3.09 -10.59
N ASP A 50 -12.10 3.94 -11.11
CA ASP A 50 -13.37 3.47 -11.67
C ASP A 50 -13.24 3.23 -13.17
N LYS A 51 -14.21 2.52 -13.73
CA LYS A 51 -14.22 2.21 -15.16
C LYS A 51 -15.26 3.03 -15.89
N THR A 52 -16.07 3.76 -15.13
CA THR A 52 -17.13 4.58 -15.71
C THR A 52 -16.71 6.06 -15.74
N THR A 53 -16.41 6.60 -14.56
CA THR A 53 -16.00 8.00 -14.46
C THR A 53 -14.49 8.12 -14.26
N GLY A 54 -13.83 6.97 -14.08
CA GLY A 54 -12.39 6.97 -13.89
C GLY A 54 -11.98 7.76 -12.67
N GLN A 55 -12.87 7.84 -11.68
CA GLN A 55 -12.58 8.56 -10.45
C GLN A 55 -11.91 7.65 -9.43
N SER A 56 -10.90 8.19 -8.74
CA SER A 56 -10.18 7.41 -7.73
C SER A 56 -11.14 6.68 -6.81
N LYS A 57 -10.93 5.37 -6.66
CA LYS A 57 -11.78 4.55 -5.80
C LYS A 57 -11.69 5.01 -4.35
N GLY A 58 -10.48 5.02 -3.81
CA GLY A 58 -10.29 5.45 -2.43
C GLY A 58 -9.14 4.71 -1.77
N PHE A 59 -8.62 3.68 -2.42
CA PHE A 59 -7.52 2.90 -1.88
C PHE A 59 -6.43 2.70 -2.93
N ALA A 60 -5.18 2.59 -2.47
CA ALA A 60 -4.05 2.39 -3.38
C ALA A 60 -3.14 1.28 -2.86
N PHE A 61 -2.20 0.86 -3.71
CA PHE A 61 -1.25 -0.19 -3.34
C PHE A 61 0.17 0.20 -3.72
N ILE A 62 1.04 0.32 -2.73
CA ILE A 62 2.43 0.68 -2.96
C ILE A 62 3.34 -0.53 -2.85
N SER A 63 4.28 -0.65 -3.77
CA SER A 63 5.22 -1.77 -3.76
C SER A 63 6.64 -1.29 -3.44
N PHE A 64 7.24 -1.89 -2.42
CA PHE A 64 8.59 -1.52 -2.01
C PHE A 64 9.61 -2.50 -2.57
N HIS A 65 10.89 -2.18 -2.41
CA HIS A 65 11.97 -3.04 -2.90
C HIS A 65 12.38 -4.05 -1.84
N ARG A 66 12.44 -3.61 -0.59
CA ARG A 66 12.83 -4.48 0.52
C ARG A 66 11.70 -4.59 1.53
N ARG A 67 11.74 -5.65 2.33
CA ARG A 67 10.71 -5.88 3.35
C ARG A 67 10.90 -4.93 4.53
N GLU A 68 12.06 -4.29 4.58
CA GLU A 68 12.37 -3.35 5.67
C GLU A 68 11.89 -1.94 5.32
N ASP A 69 11.88 -1.64 4.02
CA ASP A 69 11.45 -0.32 3.57
C ASP A 69 9.93 -0.26 3.43
N ALA A 70 9.32 -1.41 3.16
CA ALA A 70 7.87 -1.48 3.02
C ALA A 70 7.18 -1.46 4.37
N ALA A 71 7.83 -2.06 5.37
CA ALA A 71 7.27 -2.10 6.72
C ALA A 71 7.36 -0.74 7.39
N ARG A 72 8.46 -0.03 7.15
CA ARG A 72 8.65 1.28 7.73
C ARG A 72 7.43 2.17 7.54
N ALA A 73 6.88 2.15 6.32
CA ALA A 73 5.71 2.95 6.01
C ALA A 73 4.53 2.57 6.90
N ILE A 74 4.03 1.35 6.73
CA ILE A 74 2.90 0.86 7.51
C ILE A 74 3.02 1.31 8.97
N ALA A 75 4.25 1.38 9.46
CA ALA A 75 4.49 1.80 10.83
C ALA A 75 4.19 3.28 11.02
N GLY A 76 4.63 4.10 10.07
CA GLY A 76 4.39 5.52 10.14
C GLY A 76 3.04 5.92 9.58
N VAL A 77 2.79 5.58 8.32
CA VAL A 77 1.54 5.89 7.68
C VAL A 77 0.35 5.54 8.56
N SER A 78 0.51 4.47 9.35
CA SER A 78 -0.55 4.03 10.25
C SER A 78 -1.00 5.15 11.17
N GLY A 79 -2.29 5.48 11.13
CA GLY A 79 -2.82 6.54 11.96
C GLY A 79 -2.37 7.92 11.51
N PHE A 80 -1.94 8.01 10.25
CA PHE A 80 -1.49 9.28 9.70
C PHE A 80 -2.67 10.17 9.33
N GLY A 81 -2.57 11.45 9.66
CA GLY A 81 -3.64 12.38 9.35
C GLY A 81 -3.55 12.93 7.94
N TYR A 82 -4.22 12.28 7.00
CA TYR A 82 -4.21 12.70 5.61
C TYR A 82 -5.57 13.24 5.19
N ASP A 83 -5.64 14.53 4.92
CA ASP A 83 -6.88 15.16 4.51
C ASP A 83 -7.93 15.08 5.61
N HIS A 84 -7.57 15.53 6.81
CA HIS A 84 -8.47 15.51 7.94
C HIS A 84 -9.18 14.15 8.05
N LEU A 85 -8.53 13.11 7.54
CA LEU A 85 -9.09 11.77 7.58
C LEU A 85 -8.10 10.77 8.16
N ILE A 86 -8.60 9.61 8.56
CA ILE A 86 -7.75 8.57 9.13
C ILE A 86 -7.31 7.58 8.06
N LEU A 87 -6.05 7.68 7.65
CA LEU A 87 -5.50 6.79 6.64
C LEU A 87 -5.13 5.44 7.24
N ASN A 88 -5.40 4.37 6.50
CA ASN A 88 -5.09 3.03 6.96
C ASN A 88 -4.17 2.31 5.97
N VAL A 89 -3.29 1.46 6.50
CA VAL A 89 -2.35 0.72 5.67
C VAL A 89 -2.09 -0.67 6.26
N GLU A 90 -2.07 -1.67 5.38
CA GLU A 90 -1.83 -3.05 5.82
C GLU A 90 -1.08 -3.83 4.74
N TRP A 91 -0.59 -5.01 5.11
CA TRP A 91 0.15 -5.85 4.18
C TRP A 91 -0.81 -6.64 3.29
N ALA A 92 -0.67 -6.46 1.98
CA ALA A 92 -1.52 -7.15 1.02
C ALA A 92 -0.72 -8.15 0.19
N LYS A 93 -1.40 -8.88 -0.68
CA LYS A 93 -0.75 -9.87 -1.54
C LYS A 93 -1.41 -9.92 -2.91
N PRO A 94 -0.58 -10.04 -3.96
CA PRO A 94 -1.07 -10.11 -5.34
C PRO A 94 -2.23 -11.08 -5.50
N SER A 95 -3.02 -10.88 -6.54
CA SER A 95 -4.18 -11.73 -6.81
C SER A 95 -4.05 -12.40 -8.18
N THR A 96 -3.79 -11.60 -9.20
CA THR A 96 -3.65 -12.12 -10.56
C THR A 96 -2.62 -13.24 -10.61
N ASN A 97 -2.79 -14.14 -11.57
CA ASN A 97 -1.87 -15.26 -11.74
C ASN A 97 -1.38 -15.37 -13.18
N SER A 98 -0.30 -14.68 -13.48
CA SER A 98 0.27 -14.69 -14.82
C SER A 98 1.27 -15.83 -14.98
N GLY A 99 2.19 -15.95 -14.02
CA GLY A 99 3.19 -17.00 -14.07
C GLY A 99 4.60 -16.45 -14.20
N PRO A 100 5.50 -17.26 -14.77
CA PRO A 100 6.90 -16.87 -14.96
C PRO A 100 7.08 -15.93 -16.15
N SER A 101 8.15 -15.15 -16.12
CA SER A 101 8.43 -14.20 -17.19
C SER A 101 9.80 -14.47 -17.80
N SER A 102 9.84 -14.52 -19.13
CA SER A 102 11.09 -14.78 -19.84
C SER A 102 11.20 -13.90 -21.09
N GLY A 103 12.42 -13.56 -21.47
CA GLY A 103 12.64 -12.73 -22.64
C GLY A 103 13.35 -11.44 -22.30
N GLY A 1 1.00 -1.60 22.66
CA GLY A 1 1.32 -2.29 23.90
C GLY A 1 1.98 -3.64 23.66
N SER A 2 1.17 -4.65 23.37
CA SER A 2 1.69 -5.99 23.12
C SER A 2 1.30 -6.49 21.73
N SER A 3 0.55 -5.65 21.00
CA SER A 3 0.11 -6.00 19.67
C SER A 3 -0.23 -4.75 18.87
N GLY A 4 0.07 -4.78 17.57
CA GLY A 4 -0.22 -3.65 16.70
C GLY A 4 1.04 -3.11 16.04
N SER A 5 2.15 -3.12 16.78
CA SER A 5 3.42 -2.62 16.25
C SER A 5 4.44 -3.74 16.14
N SER A 6 4.74 -4.37 17.27
CA SER A 6 5.70 -5.46 17.30
C SER A 6 5.01 -6.81 17.27
N GLY A 7 5.43 -7.67 16.35
CA GLY A 7 4.83 -8.98 16.21
C GLY A 7 3.81 -9.06 15.09
N PRO A 8 4.28 -9.39 13.88
CA PRO A 8 3.42 -9.49 12.70
C PRO A 8 2.62 -10.78 12.68
N ASN A 9 1.61 -10.84 11.82
CA ASN A 9 0.76 -12.01 11.70
C ASN A 9 1.28 -12.96 10.63
N ARG A 10 1.32 -12.48 9.40
CA ARG A 10 1.80 -13.29 8.28
C ARG A 10 3.28 -13.03 8.02
N ARG A 11 4.09 -14.06 8.20
CA ARG A 11 5.54 -13.95 7.98
C ARG A 11 5.89 -14.20 6.52
N ALA A 12 5.45 -15.35 6.00
CA ALA A 12 5.72 -15.71 4.61
C ALA A 12 5.23 -14.63 3.66
N ASP A 13 5.99 -14.40 2.60
CA ASP A 13 5.63 -13.39 1.60
C ASP A 13 6.46 -13.55 0.33
N ASP A 14 5.95 -13.04 -0.78
CA ASP A 14 6.65 -13.12 -2.06
C ASP A 14 7.45 -11.86 -2.32
N ASN A 15 6.82 -10.70 -2.08
CA ASN A 15 7.48 -9.42 -2.29
C ASN A 15 6.91 -8.36 -1.36
N ALA A 16 7.48 -7.16 -1.42
CA ALA A 16 7.03 -6.05 -0.58
C ALA A 16 5.82 -5.36 -1.18
N THR A 17 4.66 -5.57 -0.57
CA THR A 17 3.42 -4.96 -1.05
C THR A 17 2.55 -4.51 0.12
N ILE A 18 2.18 -3.22 0.11
CA ILE A 18 1.35 -2.65 1.15
C ILE A 18 0.07 -2.05 0.58
N ARG A 19 -1.01 -2.15 1.33
CA ARG A 19 -2.30 -1.60 0.89
C ARG A 19 -2.65 -0.35 1.69
N VAL A 20 -3.43 0.54 1.07
CA VAL A 20 -3.84 1.78 1.73
C VAL A 20 -5.30 2.10 1.42
N THR A 21 -6.01 2.61 2.42
CA THR A 21 -7.41 2.96 2.24
C THR A 21 -7.74 4.28 2.94
N ASN A 22 -8.94 4.80 2.69
CA ASN A 22 -9.37 6.05 3.30
C ASN A 22 -8.65 7.24 2.66
N LEU A 23 -8.45 7.17 1.35
CA LEU A 23 -7.79 8.24 0.62
C LEU A 23 -8.79 9.26 0.12
N SER A 24 -8.30 10.24 -0.64
CA SER A 24 -9.16 11.29 -1.19
C SER A 24 -8.97 11.43 -2.69
N GLU A 25 -9.76 12.29 -3.32
CA GLU A 25 -9.68 12.50 -4.75
C GLU A 25 -8.51 13.41 -5.10
N ASP A 26 -7.96 14.08 -4.08
CA ASP A 26 -6.83 14.98 -4.28
C ASP A 26 -5.51 14.26 -4.01
N THR A 27 -5.57 12.94 -3.91
CA THR A 27 -4.38 12.14 -3.63
C THR A 27 -4.10 11.16 -4.77
N ARG A 28 -3.05 11.43 -5.53
CA ARG A 28 -2.68 10.58 -6.66
C ARG A 28 -1.36 9.85 -6.38
N GLU A 29 -0.96 8.99 -7.31
CA GLU A 29 0.27 8.23 -7.16
C GLU A 29 1.44 9.15 -6.78
N THR A 30 1.51 10.31 -7.44
CA THR A 30 2.57 11.27 -7.17
C THR A 30 2.47 11.82 -5.76
N ASP A 31 1.26 11.80 -5.21
CA ASP A 31 1.03 12.31 -3.86
C ASP A 31 1.48 11.28 -2.82
N LEU A 32 1.43 10.01 -3.18
CA LEU A 32 1.83 8.93 -2.28
C LEU A 32 3.29 8.54 -2.52
N GLN A 33 3.76 8.78 -3.74
CA GLN A 33 5.13 8.44 -4.10
C GLN A 33 6.13 9.20 -3.23
N GLU A 34 5.73 10.40 -2.80
CA GLU A 34 6.58 11.23 -1.97
C GLU A 34 6.31 10.98 -0.49
N LEU A 35 5.17 10.37 -0.19
CA LEU A 35 4.78 10.08 1.18
C LEU A 35 5.50 8.83 1.69
N PHE A 36 5.65 7.84 0.82
CA PHE A 36 6.32 6.60 1.19
C PHE A 36 7.79 6.64 0.79
N ARG A 37 8.25 7.82 0.36
CA ARG A 37 9.65 7.98 -0.06
C ARG A 37 10.57 8.02 1.16
N PRO A 38 10.17 8.80 2.18
CA PRO A 38 10.95 8.93 3.40
C PRO A 38 11.41 7.60 3.96
N PHE A 39 10.75 6.52 3.53
CA PHE A 39 11.10 5.18 3.98
C PHE A 39 12.09 4.52 3.03
N GLY A 40 11.99 4.85 1.75
CA GLY A 40 12.89 4.29 0.75
C GLY A 40 12.43 4.57 -0.66
N SER A 41 13.02 3.86 -1.62
CA SER A 41 12.68 4.04 -3.02
C SER A 41 11.55 3.11 -3.44
N ILE A 42 10.40 3.69 -3.76
CA ILE A 42 9.24 2.92 -4.17
C ILE A 42 9.48 2.25 -5.52
N SER A 43 8.92 1.05 -5.69
CA SER A 43 9.07 0.30 -6.92
C SER A 43 7.90 0.55 -7.86
N ARG A 44 6.69 0.47 -7.31
CA ARG A 44 5.47 0.69 -8.10
C ARG A 44 4.37 1.27 -7.23
N ILE A 45 3.49 2.07 -7.85
CA ILE A 45 2.39 2.69 -7.14
C ILE A 45 1.08 2.48 -7.88
N TYR A 46 0.25 1.58 -7.36
CA TYR A 46 -1.04 1.29 -7.97
C TYR A 46 -2.17 2.03 -7.25
N LEU A 47 -3.07 2.61 -8.03
CA LEU A 47 -4.20 3.35 -7.48
C LEU A 47 -5.51 2.91 -8.11
N ALA A 48 -6.48 2.57 -7.27
CA ALA A 48 -7.79 2.13 -7.75
C ALA A 48 -8.51 3.25 -8.51
N LYS A 49 -8.98 2.95 -9.70
CA LYS A 49 -9.68 3.92 -10.52
C LYS A 49 -10.94 3.32 -11.12
N ASP A 50 -11.95 4.16 -11.35
CA ASP A 50 -13.21 3.72 -11.93
C ASP A 50 -13.18 3.82 -13.45
N LYS A 51 -14.27 3.40 -14.09
CA LYS A 51 -14.37 3.45 -15.54
C LYS A 51 -15.41 4.47 -15.99
N THR A 52 -16.64 4.29 -15.51
CA THR A 52 -17.73 5.19 -15.84
C THR A 52 -17.37 6.64 -15.52
N THR A 53 -16.97 6.87 -14.28
CA THR A 53 -16.59 8.21 -13.83
C THR A 53 -15.10 8.45 -14.02
N GLY A 54 -14.33 7.38 -14.04
CA GLY A 54 -12.89 7.50 -14.21
C GLY A 54 -12.24 8.27 -13.09
N GLN A 55 -12.64 7.98 -11.85
CA GLN A 55 -12.09 8.65 -10.69
C GLN A 55 -11.43 7.66 -9.75
N SER A 56 -10.82 8.17 -8.68
CA SER A 56 -10.15 7.33 -7.70
C SER A 56 -11.14 6.73 -6.72
N LYS A 57 -11.08 5.42 -6.55
CA LYS A 57 -11.98 4.71 -5.63
C LYS A 57 -11.76 5.17 -4.20
N GLY A 58 -10.64 4.75 -3.61
CA GLY A 58 -10.34 5.13 -2.24
C GLY A 58 -9.32 4.22 -1.60
N PHE A 59 -8.39 3.70 -2.41
CA PHE A 59 -7.36 2.80 -1.91
C PHE A 59 -6.23 2.64 -2.93
N ALA A 60 -5.04 2.37 -2.44
CA ALA A 60 -3.87 2.19 -3.31
C ALA A 60 -2.95 1.10 -2.78
N PHE A 61 -2.04 0.64 -3.63
CA PHE A 61 -1.10 -0.41 -3.25
C PHE A 61 0.33 -0.03 -3.63
N ILE A 62 1.15 0.24 -2.62
CA ILE A 62 2.54 0.61 -2.86
C ILE A 62 3.47 -0.59 -2.73
N SER A 63 4.24 -0.84 -3.78
CA SER A 63 5.18 -1.97 -3.79
C SER A 63 6.60 -1.50 -3.51
N PHE A 64 7.15 -1.94 -2.38
CA PHE A 64 8.51 -1.57 -2.00
C PHE A 64 9.52 -2.53 -2.59
N HIS A 65 10.80 -2.25 -2.36
CA HIS A 65 11.88 -3.10 -2.88
C HIS A 65 12.32 -4.11 -1.83
N ARG A 66 12.46 -3.65 -0.59
CA ARG A 66 12.89 -4.51 0.50
C ARG A 66 11.77 -4.67 1.53
N ARG A 67 11.94 -5.62 2.45
CA ARG A 67 10.96 -5.86 3.49
C ARG A 67 11.12 -4.90 4.66
N GLU A 68 12.31 -4.29 4.74
CA GLU A 68 12.60 -3.34 5.81
C GLU A 68 12.07 -1.95 5.46
N ASP A 69 12.03 -1.65 4.17
CA ASP A 69 11.55 -0.35 3.70
C ASP A 69 10.02 -0.34 3.61
N ALA A 70 9.45 -1.51 3.40
CA ALA A 70 8.00 -1.64 3.29
C ALA A 70 7.33 -1.52 4.66
N ALA A 71 7.99 -2.08 5.68
CA ALA A 71 7.46 -2.04 7.03
C ALA A 71 7.57 -0.64 7.63
N ARG A 72 8.66 0.04 7.32
CA ARG A 72 8.89 1.39 7.82
C ARG A 72 7.65 2.27 7.62
N ALA A 73 7.04 2.14 6.44
CA ALA A 73 5.85 2.92 6.12
C ALA A 73 4.69 2.54 7.03
N ILE A 74 4.15 1.34 6.83
CA ILE A 74 3.03 0.86 7.64
C ILE A 74 3.14 1.35 9.08
N ALA A 75 4.37 1.46 9.57
CA ALA A 75 4.61 1.92 10.94
C ALA A 75 4.22 3.39 11.09
N GLY A 76 4.67 4.22 10.15
CA GLY A 76 4.36 5.63 10.20
C GLY A 76 2.98 5.95 9.64
N VAL A 77 2.78 5.61 8.37
CA VAL A 77 1.50 5.87 7.71
C VAL A 77 0.34 5.53 8.63
N SER A 78 0.50 4.47 9.42
CA SER A 78 -0.55 4.04 10.35
C SER A 78 -0.96 5.19 11.28
N GLY A 79 -2.24 5.56 11.22
CA GLY A 79 -2.73 6.63 12.05
C GLY A 79 -2.29 8.00 11.56
N PHE A 80 -1.98 8.08 10.28
CA PHE A 80 -1.53 9.35 9.68
C PHE A 80 -2.72 10.28 9.45
N GLY A 81 -2.45 11.57 9.44
CA GLY A 81 -3.51 12.55 9.23
C GLY A 81 -3.54 13.06 7.80
N TYR A 82 -4.07 12.25 6.90
CA TYR A 82 -4.16 12.62 5.49
C TYR A 82 -5.55 13.14 5.15
N ASP A 83 -5.61 14.39 4.68
CA ASP A 83 -6.88 14.99 4.32
C ASP A 83 -7.86 14.94 5.48
N HIS A 84 -7.41 15.36 6.65
CA HIS A 84 -8.25 15.35 7.84
C HIS A 84 -8.97 14.02 8.00
N LEU A 85 -8.34 12.95 7.52
CA LEU A 85 -8.91 11.62 7.60
C LEU A 85 -7.91 10.62 8.18
N ILE A 86 -8.41 9.46 8.60
CA ILE A 86 -7.54 8.43 9.16
C ILE A 86 -7.13 7.42 8.10
N LEU A 87 -5.90 7.55 7.62
CA LEU A 87 -5.37 6.65 6.60
C LEU A 87 -5.09 5.26 7.19
N ASN A 88 -5.57 4.23 6.51
CA ASN A 88 -5.38 2.86 6.96
C ASN A 88 -4.45 2.10 6.02
N VAL A 89 -3.43 1.46 6.60
CA VAL A 89 -2.46 0.71 5.81
C VAL A 89 -2.21 -0.67 6.43
N GLU A 90 -2.02 -1.67 5.58
CA GLU A 90 -1.77 -3.03 6.04
C GLU A 90 -1.04 -3.84 4.97
N TRP A 91 -0.42 -4.93 5.40
CA TRP A 91 0.32 -5.80 4.48
C TRP A 91 -0.63 -6.56 3.58
N ALA A 92 -0.46 -6.39 2.27
CA ALA A 92 -1.30 -7.07 1.29
C ALA A 92 -0.51 -8.10 0.49
N LYS A 93 -0.90 -9.35 0.59
CA LYS A 93 -0.23 -10.44 -0.11
C LYS A 93 -1.01 -10.85 -1.36
N PRO A 94 -0.29 -11.13 -2.45
CA PRO A 94 -0.90 -11.55 -3.71
C PRO A 94 -1.31 -13.01 -3.71
N SER A 95 -2.02 -13.43 -4.76
CA SER A 95 -2.48 -14.80 -4.86
C SER A 95 -2.11 -15.40 -6.23
N THR A 96 -2.49 -14.69 -7.29
CA THR A 96 -2.19 -15.15 -8.64
C THR A 96 -0.98 -14.44 -9.21
N ASN A 97 0.14 -15.16 -9.32
CA ASN A 97 1.37 -14.59 -9.85
C ASN A 97 2.00 -15.53 -10.88
N SER A 98 2.25 -15.00 -12.07
CA SER A 98 2.85 -15.78 -13.15
C SER A 98 3.93 -16.70 -12.61
N GLY A 99 3.82 -17.99 -12.93
CA GLY A 99 4.81 -18.96 -12.47
C GLY A 99 5.73 -19.42 -13.57
N PRO A 100 6.91 -18.79 -13.66
CA PRO A 100 7.91 -19.11 -14.68
C PRO A 100 8.65 -20.42 -14.37
N SER A 101 8.70 -21.31 -15.36
CA SER A 101 9.36 -22.60 -15.19
C SER A 101 10.27 -22.90 -16.38
N SER A 102 11.24 -23.78 -16.17
CA SER A 102 12.18 -24.15 -17.22
C SER A 102 12.30 -25.67 -17.33
N GLY A 103 12.87 -26.14 -18.44
CA GLY A 103 13.04 -27.57 -18.64
C GLY A 103 11.76 -28.34 -18.34
N GLY A 1 -23.54 -0.97 -5.32
CA GLY A 1 -22.83 -2.19 -5.62
C GLY A 1 -21.34 -2.07 -5.37
N SER A 2 -20.68 -1.23 -6.18
CA SER A 2 -19.25 -1.03 -6.05
C SER A 2 -18.50 -2.36 -6.02
N SER A 3 -18.83 -3.24 -6.96
CA SER A 3 -18.20 -4.55 -7.04
C SER A 3 -16.97 -4.51 -7.94
N GLY A 4 -15.88 -5.13 -7.47
CA GLY A 4 -14.65 -5.14 -8.24
C GLY A 4 -13.43 -4.84 -7.40
N SER A 5 -12.54 -5.81 -7.28
CA SER A 5 -11.31 -5.64 -6.49
C SER A 5 -10.40 -6.85 -6.64
N SER A 6 -9.10 -6.62 -6.49
CA SER A 6 -8.11 -7.69 -6.61
C SER A 6 -8.17 -8.62 -5.40
N GLY A 7 -7.49 -9.76 -5.50
CA GLY A 7 -7.46 -10.71 -4.41
C GLY A 7 -6.21 -11.56 -4.41
N PRO A 8 -6.30 -12.76 -4.99
CA PRO A 8 -5.17 -13.69 -5.07
C PRO A 8 -4.18 -13.32 -6.17
N ASN A 9 -2.90 -13.40 -5.85
CA ASN A 9 -1.84 -13.07 -6.82
C ASN A 9 -0.83 -14.21 -6.93
N ARG A 10 -0.14 -14.27 -8.06
CA ARG A 10 0.86 -15.30 -8.28
C ARG A 10 2.18 -14.70 -8.75
N ARG A 11 2.09 -13.73 -9.65
CA ARG A 11 3.27 -13.06 -10.17
C ARG A 11 4.25 -12.71 -9.05
N ALA A 12 3.71 -12.11 -7.98
CA ALA A 12 4.53 -11.73 -6.84
C ALA A 12 3.84 -12.08 -5.52
N ASP A 13 4.32 -13.12 -4.87
CA ASP A 13 3.76 -13.57 -3.60
C ASP A 13 4.72 -13.32 -2.45
N ASP A 14 5.89 -12.75 -2.78
CA ASP A 14 6.90 -12.46 -1.76
C ASP A 14 7.28 -10.99 -1.79
N ASN A 15 7.32 -10.42 -2.99
CA ASN A 15 7.68 -9.00 -3.15
C ASN A 15 7.04 -8.16 -2.06
N ALA A 16 7.61 -6.97 -1.84
CA ALA A 16 7.10 -6.06 -0.82
C ALA A 16 5.90 -5.26 -1.34
N THR A 17 4.72 -5.59 -0.84
CA THR A 17 3.50 -4.90 -1.26
C THR A 17 2.68 -4.43 -0.06
N ILE A 18 2.08 -3.26 -0.18
CA ILE A 18 1.27 -2.71 0.90
C ILE A 18 -0.01 -2.08 0.35
N ARG A 19 -1.11 -2.26 1.07
CA ARG A 19 -2.39 -1.71 0.67
C ARG A 19 -2.72 -0.45 1.46
N VAL A 20 -3.40 0.49 0.82
CA VAL A 20 -3.78 1.75 1.46
C VAL A 20 -5.27 2.03 1.29
N THR A 21 -5.86 2.65 2.30
CA THR A 21 -7.29 2.97 2.27
C THR A 21 -7.55 4.31 2.95
N ASN A 22 -8.75 4.86 2.72
CA ASN A 22 -9.13 6.14 3.31
C ASN A 22 -8.40 7.29 2.62
N LEU A 23 -8.26 7.19 1.31
CA LEU A 23 -7.59 8.23 0.53
C LEU A 23 -8.58 9.28 0.06
N SER A 24 -8.08 10.24 -0.72
CA SER A 24 -8.93 11.31 -1.23
C SER A 24 -8.63 11.57 -2.71
N GLU A 25 -9.28 12.58 -3.27
CA GLU A 25 -9.09 12.93 -4.67
C GLU A 25 -7.75 13.63 -4.88
N ASP A 26 -7.49 14.65 -4.07
CA ASP A 26 -6.25 15.40 -4.16
C ASP A 26 -5.04 14.49 -3.96
N THR A 27 -5.30 13.27 -3.52
CA THR A 27 -4.24 12.29 -3.28
C THR A 27 -4.10 11.34 -4.46
N ARG A 28 -3.15 11.62 -5.34
CA ARG A 28 -2.91 10.79 -6.51
C ARG A 28 -1.59 10.03 -6.38
N GLU A 29 -1.28 9.21 -7.39
CA GLU A 29 -0.04 8.44 -7.37
C GLU A 29 1.16 9.31 -7.03
N THR A 30 1.18 10.51 -7.60
CA THR A 30 2.27 11.45 -7.34
C THR A 30 2.27 11.93 -5.90
N ASP A 31 1.10 11.86 -5.27
CA ASP A 31 0.96 12.28 -3.88
C ASP A 31 1.45 11.21 -2.92
N LEU A 32 1.33 9.95 -3.34
CA LEU A 32 1.76 8.82 -2.52
C LEU A 32 3.23 8.49 -2.78
N GLN A 33 3.71 8.87 -3.96
CA GLN A 33 5.10 8.62 -4.32
C GLN A 33 6.05 9.31 -3.36
N GLU A 34 5.65 10.48 -2.88
CA GLU A 34 6.48 11.24 -1.94
C GLU A 34 6.10 10.94 -0.50
N LEU A 35 4.96 10.25 -0.33
CA LEU A 35 4.47 9.90 1.00
C LEU A 35 5.20 8.67 1.53
N PHE A 36 5.43 7.70 0.65
CA PHE A 36 6.11 6.47 1.03
C PHE A 36 7.59 6.53 0.67
N ARG A 37 8.06 7.72 0.31
CA ARG A 37 9.45 7.91 -0.06
C ARG A 37 10.34 7.99 1.18
N PRO A 38 9.90 8.76 2.19
CA PRO A 38 10.63 8.94 3.44
C PRO A 38 11.11 7.60 4.03
N PHE A 39 10.51 6.51 3.56
CA PHE A 39 10.87 5.18 4.03
C PHE A 39 11.90 4.54 3.11
N GLY A 40 11.83 4.88 1.83
CA GLY A 40 12.76 4.32 0.86
C GLY A 40 12.35 4.62 -0.57
N SER A 41 12.96 3.91 -1.52
CA SER A 41 12.66 4.10 -2.93
C SER A 41 11.54 3.18 -3.39
N ILE A 42 10.37 3.75 -3.64
CA ILE A 42 9.23 2.97 -4.08
C ILE A 42 9.49 2.31 -5.43
N SER A 43 9.06 1.07 -5.57
CA SER A 43 9.24 0.33 -6.82
C SER A 43 8.06 0.55 -7.76
N ARG A 44 6.86 0.51 -7.21
CA ARG A 44 5.65 0.70 -8.02
C ARG A 44 4.56 1.35 -7.19
N ILE A 45 3.66 2.07 -7.86
CA ILE A 45 2.56 2.74 -7.19
C ILE A 45 1.23 2.50 -7.91
N TYR A 46 0.40 1.64 -7.34
CA TYR A 46 -0.89 1.31 -7.94
C TYR A 46 -2.01 2.10 -7.26
N LEU A 47 -2.97 2.56 -8.05
CA LEU A 47 -4.10 3.32 -7.53
C LEU A 47 -5.41 2.80 -8.10
N ALA A 48 -6.34 2.45 -7.21
CA ALA A 48 -7.65 1.94 -7.63
C ALA A 48 -8.53 3.07 -8.15
N LYS A 49 -9.03 2.89 -9.37
CA LYS A 49 -9.89 3.89 -10.00
C LYS A 49 -11.17 3.25 -10.52
N ASP A 50 -12.21 4.07 -10.69
CA ASP A 50 -13.49 3.59 -11.18
C ASP A 50 -13.38 3.16 -12.64
N LYS A 51 -14.50 2.72 -13.21
CA LYS A 51 -14.55 2.29 -14.60
C LYS A 51 -15.46 3.19 -15.43
N THR A 52 -16.50 3.71 -14.79
CA THR A 52 -17.45 4.59 -15.48
C THR A 52 -16.92 6.00 -15.57
N THR A 53 -16.73 6.64 -14.41
CA THR A 53 -16.23 8.01 -14.36
C THR A 53 -14.70 8.03 -14.48
N GLY A 54 -14.05 7.04 -13.88
CA GLY A 54 -12.60 6.97 -13.94
C GLY A 54 -11.94 7.83 -12.88
N GLN A 55 -12.58 7.92 -11.71
CA GLN A 55 -12.05 8.72 -10.61
C GLN A 55 -11.29 7.84 -9.63
N SER A 56 -10.80 8.45 -8.55
CA SER A 56 -10.05 7.72 -7.53
C SER A 56 -10.99 6.92 -6.63
N LYS A 57 -10.87 5.60 -6.69
CA LYS A 57 -11.69 4.72 -5.88
C LYS A 57 -11.63 5.10 -4.41
N GLY A 58 -10.41 5.18 -3.87
CA GLY A 58 -10.24 5.55 -2.48
C GLY A 58 -9.12 4.76 -1.82
N PHE A 59 -8.56 3.79 -2.54
CA PHE A 59 -7.47 2.98 -2.02
C PHE A 59 -6.37 2.81 -3.05
N ALA A 60 -5.16 2.51 -2.58
CA ALA A 60 -4.02 2.32 -3.46
C ALA A 60 -3.07 1.26 -2.91
N PHE A 61 -2.19 0.76 -3.77
CA PHE A 61 -1.23 -0.25 -3.37
C PHE A 61 0.19 0.15 -3.77
N ILE A 62 1.04 0.39 -2.77
CA ILE A 62 2.42 0.79 -3.01
C ILE A 62 3.36 -0.40 -2.88
N SER A 63 4.34 -0.46 -3.77
CA SER A 63 5.31 -1.55 -3.77
C SER A 63 6.70 -1.05 -3.40
N PHE A 64 7.43 -1.84 -2.63
CA PHE A 64 8.78 -1.47 -2.19
C PHE A 64 9.82 -2.44 -2.77
N HIS A 65 11.07 -2.24 -2.38
CA HIS A 65 12.16 -3.09 -2.85
C HIS A 65 12.60 -4.07 -1.77
N ARG A 66 12.49 -3.64 -0.51
CA ARG A 66 12.88 -4.47 0.62
C ARG A 66 11.76 -4.54 1.66
N ARG A 67 11.66 -5.67 2.34
CA ARG A 67 10.64 -5.86 3.36
C ARG A 67 10.84 -4.88 4.52
N GLU A 68 12.06 -4.37 4.66
CA GLU A 68 12.37 -3.43 5.72
C GLU A 68 11.71 -2.07 5.46
N ASP A 69 12.06 -1.45 4.34
CA ASP A 69 11.49 -0.16 3.98
C ASP A 69 9.97 -0.25 3.85
N ALA A 70 9.48 -1.42 3.50
CA ALA A 70 8.05 -1.63 3.36
C ALA A 70 7.33 -1.58 4.70
N ALA A 71 7.98 -2.12 5.73
CA ALA A 71 7.41 -2.12 7.06
C ALA A 71 7.51 -0.75 7.72
N ARG A 72 8.46 0.05 7.25
CA ARG A 72 8.66 1.39 7.78
C ARG A 72 7.43 2.25 7.56
N ALA A 73 6.79 2.08 6.40
CA ALA A 73 5.60 2.85 6.07
C ALA A 73 4.42 2.44 6.95
N ILE A 74 3.93 1.22 6.75
CA ILE A 74 2.80 0.72 7.53
C ILE A 74 2.86 1.22 8.98
N ALA A 75 4.08 1.33 9.50
CA ALA A 75 4.27 1.80 10.87
C ALA A 75 3.88 3.27 11.01
N GLY A 76 4.43 4.10 10.13
CA GLY A 76 4.12 5.52 10.16
C GLY A 76 2.76 5.84 9.57
N VAL A 77 2.60 5.52 8.28
CA VAL A 77 1.34 5.78 7.60
C VAL A 77 0.14 5.44 8.49
N SER A 78 0.24 4.32 9.18
CA SER A 78 -0.83 3.87 10.06
C SER A 78 -1.21 4.96 11.05
N GLY A 79 -2.50 5.27 11.12
CA GLY A 79 -2.97 6.30 12.03
C GLY A 79 -2.47 7.68 11.66
N PHE A 80 -2.04 7.83 10.41
CA PHE A 80 -1.53 9.11 9.92
C PHE A 80 -2.67 10.02 9.48
N GLY A 81 -2.62 11.28 9.89
CA GLY A 81 -3.65 12.23 9.53
C GLY A 81 -3.46 12.80 8.13
N TYR A 82 -4.06 12.14 7.14
CA TYR A 82 -3.94 12.59 5.75
C TYR A 82 -5.23 13.25 5.29
N ASP A 83 -5.13 14.54 4.98
CA ASP A 83 -6.30 15.30 4.52
C ASP A 83 -7.42 15.25 5.54
N HIS A 84 -7.11 15.61 6.78
CA HIS A 84 -8.10 15.60 7.85
C HIS A 84 -8.86 14.28 7.88
N LEU A 85 -8.15 13.19 7.60
CA LEU A 85 -8.75 11.86 7.59
C LEU A 85 -7.83 10.85 8.24
N ILE A 86 -8.35 9.66 8.51
CA ILE A 86 -7.57 8.60 9.13
C ILE A 86 -7.12 7.57 8.09
N LEU A 87 -5.89 7.72 7.62
CA LEU A 87 -5.33 6.81 6.62
C LEU A 87 -5.18 5.40 7.20
N ASN A 88 -5.31 4.40 6.33
CA ASN A 88 -5.18 3.01 6.76
C ASN A 88 -4.28 2.23 5.81
N VAL A 89 -3.33 1.49 6.37
CA VAL A 89 -2.40 0.69 5.58
C VAL A 89 -2.16 -0.67 6.21
N GLU A 90 -2.01 -1.70 5.38
CA GLU A 90 -1.77 -3.05 5.86
C GLU A 90 -1.06 -3.88 4.79
N TRP A 91 -0.41 -4.95 5.23
CA TRP A 91 0.31 -5.84 4.32
C TRP A 91 -0.67 -6.61 3.42
N ALA A 92 -0.46 -6.51 2.12
CA ALA A 92 -1.32 -7.19 1.16
C ALA A 92 -1.12 -8.70 1.23
N LYS A 93 0.14 -9.12 1.34
CA LYS A 93 0.46 -10.54 1.43
C LYS A 93 1.55 -10.79 2.46
N PRO A 94 1.46 -11.93 3.16
CA PRO A 94 2.43 -12.31 4.19
C PRO A 94 3.73 -12.85 3.58
N SER A 95 4.84 -12.54 4.23
CA SER A 95 6.15 -12.99 3.76
C SER A 95 6.91 -13.70 4.87
N THR A 96 7.45 -14.87 4.55
CA THR A 96 8.21 -15.66 5.52
C THR A 96 9.39 -16.35 4.86
N ASN A 97 10.52 -16.39 5.58
CA ASN A 97 11.73 -17.01 5.06
C ASN A 97 12.39 -17.88 6.13
N SER A 98 12.25 -19.20 5.98
CA SER A 98 12.82 -20.13 6.94
C SER A 98 14.31 -20.36 6.66
N GLY A 99 15.16 -19.87 7.55
CA GLY A 99 16.59 -20.03 7.38
C GLY A 99 17.07 -21.42 7.72
N PRO A 100 17.03 -21.78 9.01
CA PRO A 100 17.46 -23.10 9.48
C PRO A 100 16.41 -24.18 9.22
N SER A 101 16.82 -25.22 8.50
CA SER A 101 15.92 -26.32 8.17
C SER A 101 15.86 -27.33 9.31
N SER A 102 14.66 -27.76 9.65
CA SER A 102 14.47 -28.72 10.73
C SER A 102 13.68 -29.93 10.24
N GLY A 103 14.40 -31.00 9.90
CA GLY A 103 13.75 -32.20 9.41
C GLY A 103 14.27 -32.64 8.06
N GLY A 1 10.53 6.25 24.82
CA GLY A 1 11.34 5.07 24.58
C GLY A 1 10.97 4.36 23.29
N SER A 2 10.88 3.04 23.36
CA SER A 2 10.55 2.23 22.18
C SER A 2 9.60 1.10 22.57
N SER A 3 8.63 0.83 21.69
CA SER A 3 7.66 -0.24 21.93
C SER A 3 8.35 -1.57 22.15
N GLY A 4 9.36 -1.86 21.33
CA GLY A 4 10.08 -3.10 21.45
C GLY A 4 9.18 -4.32 21.36
N SER A 5 8.31 -4.33 20.36
CA SER A 5 7.39 -5.44 20.16
C SER A 5 7.77 -6.26 18.93
N SER A 6 7.89 -7.57 19.12
CA SER A 6 8.26 -8.47 18.02
C SER A 6 7.05 -9.25 17.53
N GLY A 7 6.49 -8.81 16.40
CA GLY A 7 5.33 -9.47 15.84
C GLY A 7 5.38 -9.53 14.33
N PRO A 8 6.40 -10.23 13.79
CA PRO A 8 6.57 -10.38 12.34
C PRO A 8 5.27 -10.73 11.63
N ASN A 9 5.28 -10.62 10.31
CA ASN A 9 4.10 -10.93 9.51
C ASN A 9 4.26 -12.27 8.79
N ARG A 10 3.35 -13.20 9.09
CA ARG A 10 3.39 -14.52 8.47
C ARG A 10 2.60 -14.53 7.16
N ARG A 11 3.25 -14.07 6.09
CA ARG A 11 2.61 -14.03 4.79
C ARG A 11 3.44 -14.78 3.75
N ALA A 12 2.77 -15.43 2.81
CA ALA A 12 3.45 -16.19 1.77
C ALA A 12 3.62 -15.36 0.50
N ASP A 13 3.38 -14.06 0.63
CA ASP A 13 3.50 -13.14 -0.51
C ASP A 13 4.95 -13.05 -0.96
N ASP A 14 5.87 -13.45 -0.08
CA ASP A 14 7.30 -13.40 -0.39
C ASP A 14 7.62 -12.19 -1.26
N ASN A 15 6.99 -11.07 -0.96
CA ASN A 15 7.21 -9.84 -1.70
C ASN A 15 6.96 -8.62 -0.83
N ALA A 16 7.12 -7.43 -1.41
CA ALA A 16 6.91 -6.19 -0.68
C ALA A 16 5.72 -5.42 -1.25
N THR A 17 4.55 -5.61 -0.64
CA THR A 17 3.34 -4.93 -1.09
C THR A 17 2.49 -4.49 0.09
N ILE A 18 2.05 -3.24 0.06
CA ILE A 18 1.23 -2.68 1.13
C ILE A 18 -0.04 -2.05 0.58
N ARG A 19 -1.15 -2.24 1.29
CA ARG A 19 -2.43 -1.69 0.87
C ARG A 19 -2.75 -0.41 1.63
N VAL A 20 -3.54 0.46 1.01
CA VAL A 20 -3.92 1.73 1.64
C VAL A 20 -5.39 2.05 1.38
N THR A 21 -6.08 2.50 2.42
CA THR A 21 -7.49 2.84 2.30
C THR A 21 -7.78 4.20 2.94
N ASN A 22 -8.93 4.77 2.60
CA ASN A 22 -9.33 6.07 3.14
C ASN A 22 -8.48 7.18 2.54
N LEU A 23 -8.27 7.13 1.23
CA LEU A 23 -7.48 8.14 0.54
C LEU A 23 -8.36 9.27 0.03
N SER A 24 -7.74 10.28 -0.57
CA SER A 24 -8.47 11.42 -1.10
C SER A 24 -8.19 11.60 -2.58
N GLU A 25 -9.19 12.07 -3.32
CA GLU A 25 -9.06 12.29 -4.76
C GLU A 25 -7.77 13.06 -5.06
N ASP A 26 -7.57 14.17 -4.35
CA ASP A 26 -6.39 15.00 -4.55
C ASP A 26 -5.11 14.17 -4.38
N THR A 27 -5.21 13.09 -3.62
CA THR A 27 -4.07 12.21 -3.38
C THR A 27 -3.87 11.23 -4.52
N ARG A 28 -2.96 11.58 -5.44
CA ARG A 28 -2.68 10.73 -6.59
C ARG A 28 -1.34 10.01 -6.41
N GLU A 29 -0.98 9.19 -7.39
CA GLU A 29 0.26 8.43 -7.34
C GLU A 29 1.43 9.34 -6.99
N THR A 30 1.61 10.40 -7.78
CA THR A 30 2.71 11.35 -7.56
C THR A 30 2.64 11.92 -6.15
N ASP A 31 1.46 11.92 -5.57
CA ASP A 31 1.26 12.45 -4.22
C ASP A 31 1.71 11.43 -3.17
N LEU A 32 1.57 10.15 -3.50
CA LEU A 32 1.96 9.08 -2.59
C LEU A 32 3.44 8.73 -2.75
N GLN A 33 3.97 9.00 -3.94
CA GLN A 33 5.38 8.72 -4.22
C GLN A 33 6.29 9.49 -3.27
N GLU A 34 5.83 10.66 -2.85
CA GLU A 34 6.61 11.49 -1.94
C GLU A 34 6.23 11.22 -0.49
N LEU A 35 5.16 10.44 -0.30
CA LEU A 35 4.68 10.11 1.03
C LEU A 35 5.39 8.86 1.56
N PHE A 36 5.59 7.88 0.68
CA PHE A 36 6.25 6.64 1.06
C PHE A 36 7.73 6.66 0.68
N ARG A 37 8.21 7.85 0.31
CA ARG A 37 9.61 8.02 -0.08
C ARG A 37 10.51 8.04 1.15
N PRO A 38 10.10 8.81 2.17
CA PRO A 38 10.86 8.94 3.42
C PRO A 38 11.30 7.59 3.97
N PHE A 39 10.66 6.52 3.51
CA PHE A 39 10.98 5.17 3.95
C PHE A 39 11.99 4.51 3.01
N GLY A 40 11.88 4.83 1.73
CA GLY A 40 12.78 4.26 0.74
C GLY A 40 12.33 4.56 -0.69
N SER A 41 12.94 3.86 -1.65
CA SER A 41 12.61 4.06 -3.05
C SER A 41 11.49 3.13 -3.48
N ILE A 42 10.32 3.70 -3.75
CA ILE A 42 9.17 2.91 -4.18
C ILE A 42 9.41 2.29 -5.55
N SER A 43 8.92 1.06 -5.73
CA SER A 43 9.08 0.35 -6.99
C SER A 43 7.88 0.59 -7.90
N ARG A 44 6.68 0.46 -7.34
CA ARG A 44 5.45 0.66 -8.11
C ARG A 44 4.35 1.22 -7.21
N ILE A 45 3.58 2.17 -7.75
CA ILE A 45 2.49 2.78 -7.01
C ILE A 45 1.16 2.57 -7.72
N TYR A 46 0.36 1.65 -7.21
CA TYR A 46 -0.94 1.35 -7.79
C TYR A 46 -2.04 2.15 -7.12
N LEU A 47 -3.02 2.59 -7.90
CA LEU A 47 -4.13 3.37 -7.37
C LEU A 47 -5.46 2.90 -7.96
N ALA A 48 -6.32 2.38 -7.09
CA ALA A 48 -7.63 1.89 -7.52
C ALA A 48 -8.48 3.02 -8.11
N LYS A 49 -8.97 2.82 -9.32
CA LYS A 49 -9.79 3.82 -9.99
C LYS A 49 -11.07 3.19 -10.55
N ASP A 50 -11.95 4.03 -11.08
CA ASP A 50 -13.21 3.55 -11.64
C ASP A 50 -13.15 3.55 -13.17
N LYS A 51 -14.23 3.09 -13.79
CA LYS A 51 -14.30 3.04 -15.25
C LYS A 51 -15.26 4.10 -15.78
N THR A 52 -16.49 4.08 -15.29
CA THR A 52 -17.50 5.04 -15.72
C THR A 52 -17.01 6.47 -15.54
N THR A 53 -16.94 6.91 -14.28
CA THR A 53 -16.49 8.27 -13.98
C THR A 53 -14.97 8.37 -14.08
N GLY A 54 -14.29 7.28 -13.74
CA GLY A 54 -12.83 7.27 -13.81
C GLY A 54 -12.20 8.05 -12.67
N GLN A 55 -12.78 7.93 -11.48
CA GLN A 55 -12.27 8.63 -10.30
C GLN A 55 -11.51 7.68 -9.39
N SER A 56 -10.82 8.24 -8.40
CA SER A 56 -10.04 7.45 -7.46
C SER A 56 -10.95 6.67 -6.53
N LYS A 57 -10.89 5.34 -6.63
CA LYS A 57 -11.72 4.47 -5.79
C LYS A 57 -11.62 4.89 -4.33
N GLY A 58 -10.41 4.98 -3.81
CA GLY A 58 -10.22 5.36 -2.42
C GLY A 58 -9.07 4.63 -1.77
N PHE A 59 -8.62 3.54 -2.40
CA PHE A 59 -7.52 2.74 -1.87
C PHE A 59 -6.40 2.62 -2.90
N ALA A 60 -5.18 2.39 -2.40
CA ALA A 60 -4.02 2.25 -3.27
C ALA A 60 -3.08 1.15 -2.77
N PHE A 61 -2.17 0.73 -3.62
CA PHE A 61 -1.21 -0.30 -3.26
C PHE A 61 0.21 0.09 -3.67
N ILE A 62 1.08 0.24 -2.68
CA ILE A 62 2.47 0.62 -2.94
C ILE A 62 3.40 -0.57 -2.78
N SER A 63 4.19 -0.85 -3.82
CA SER A 63 5.13 -1.96 -3.80
C SER A 63 6.54 -1.48 -3.52
N PHE A 64 7.12 -1.94 -2.43
CA PHE A 64 8.48 -1.56 -2.06
C PHE A 64 9.50 -2.52 -2.65
N HIS A 65 10.79 -2.22 -2.44
CA HIS A 65 11.86 -3.06 -2.95
C HIS A 65 12.28 -4.09 -1.90
N ARG A 66 12.43 -3.64 -0.66
CA ARG A 66 12.84 -4.51 0.42
C ARG A 66 11.69 -4.72 1.40
N ARG A 67 11.90 -5.61 2.37
CA ARG A 67 10.88 -5.91 3.38
C ARG A 67 10.99 -4.94 4.56
N GLU A 68 12.16 -4.32 4.72
CA GLU A 68 12.39 -3.38 5.81
C GLU A 68 11.87 -2.00 5.44
N ASP A 69 11.80 -1.72 4.14
CA ASP A 69 11.32 -0.43 3.65
C ASP A 69 9.80 -0.38 3.63
N ALA A 70 9.18 -1.53 3.33
CA ALA A 70 7.72 -1.62 3.28
C ALA A 70 7.12 -1.51 4.67
N ALA A 71 7.81 -2.08 5.65
CA ALA A 71 7.32 -2.06 7.03
C ALA A 71 7.45 -0.65 7.62
N ARG A 72 8.53 0.04 7.28
CA ARG A 72 8.77 1.39 7.78
C ARG A 72 7.52 2.26 7.61
N ALA A 73 6.90 2.16 6.44
CA ALA A 73 5.69 2.93 6.14
C ALA A 73 4.54 2.52 7.05
N ILE A 74 4.09 1.28 6.90
CA ILE A 74 2.99 0.76 7.70
C ILE A 74 3.02 1.34 9.12
N ALA A 75 4.23 1.59 9.62
CA ALA A 75 4.40 2.14 10.95
C ALA A 75 4.01 3.62 10.99
N GLY A 76 4.56 4.39 10.05
CA GLY A 76 4.26 5.81 10.00
C GLY A 76 2.86 6.08 9.48
N VAL A 77 2.60 5.70 8.24
CA VAL A 77 1.29 5.90 7.63
C VAL A 77 0.17 5.49 8.58
N SER A 78 0.40 4.42 9.33
CA SER A 78 -0.58 3.92 10.27
C SER A 78 -0.98 5.01 11.28
N GLY A 79 -2.24 5.44 11.21
CA GLY A 79 -2.71 6.46 12.12
C GLY A 79 -2.30 7.86 11.68
N PHE A 80 -2.09 8.03 10.39
CA PHE A 80 -1.68 9.32 9.85
C PHE A 80 -2.89 10.22 9.62
N GLY A 81 -2.66 11.53 9.67
CA GLY A 81 -3.75 12.47 9.47
C GLY A 81 -3.79 13.03 8.06
N TYR A 82 -4.20 12.19 7.11
CA TYR A 82 -4.28 12.60 5.71
C TYR A 82 -5.65 13.17 5.39
N ASP A 83 -5.67 14.34 4.78
CA ASP A 83 -6.93 14.99 4.41
C ASP A 83 -7.93 14.93 5.56
N HIS A 84 -7.50 15.37 6.74
CA HIS A 84 -8.36 15.38 7.92
C HIS A 84 -9.10 14.05 8.04
N LEU A 85 -8.48 12.97 7.57
CA LEU A 85 -9.09 11.65 7.64
C LEU A 85 -8.11 10.63 8.22
N ILE A 86 -8.64 9.48 8.63
CA ILE A 86 -7.82 8.42 9.20
C ILE A 86 -7.38 7.43 8.14
N LEU A 87 -6.14 7.56 7.67
CA LEU A 87 -5.61 6.67 6.65
C LEU A 87 -5.25 5.31 7.24
N ASN A 88 -5.55 4.25 6.51
CA ASN A 88 -5.26 2.89 6.97
C ASN A 88 -4.33 2.18 5.99
N VAL A 89 -3.38 1.42 6.54
CA VAL A 89 -2.43 0.69 5.72
C VAL A 89 -2.10 -0.67 6.33
N GLU A 90 -1.91 -1.67 5.47
CA GLU A 90 -1.60 -3.02 5.93
C GLU A 90 -0.79 -3.77 4.88
N TRP A 91 -0.35 -4.97 5.24
CA TRP A 91 0.44 -5.80 4.32
C TRP A 91 -0.48 -6.53 3.34
N ALA A 92 -0.19 -6.35 2.05
CA ALA A 92 -0.98 -7.00 1.01
C ALA A 92 -0.12 -7.93 0.17
N LYS A 93 -0.77 -8.83 -0.57
CA LYS A 93 -0.06 -9.78 -1.42
C LYS A 93 -0.43 -9.57 -2.88
N PRO A 94 0.59 -9.65 -3.76
CA PRO A 94 0.40 -9.48 -5.21
C PRO A 94 -0.19 -10.72 -5.87
N SER A 95 -1.43 -10.62 -6.29
CA SER A 95 -2.11 -11.74 -6.94
C SER A 95 -1.71 -11.84 -8.42
N THR A 96 -1.72 -13.06 -8.94
CA THR A 96 -1.35 -13.30 -10.33
C THR A 96 -2.38 -14.18 -11.02
N ASN A 97 -2.93 -13.68 -12.13
CA ASN A 97 -3.92 -14.44 -12.89
C ASN A 97 -3.27 -15.58 -13.67
N SER A 98 -2.19 -15.26 -14.37
CA SER A 98 -1.47 -16.26 -15.16
C SER A 98 -0.05 -15.79 -15.47
N GLY A 99 0.86 -16.74 -15.62
CA GLY A 99 2.24 -16.41 -15.92
C GLY A 99 2.49 -16.27 -17.41
N PRO A 100 3.39 -15.35 -17.78
CA PRO A 100 3.74 -15.09 -19.18
C PRO A 100 4.69 -16.15 -19.74
N SER A 101 4.69 -16.29 -21.06
CA SER A 101 5.55 -17.27 -21.72
C SER A 101 5.95 -16.80 -23.11
N SER A 102 7.25 -16.78 -23.38
CA SER A 102 7.77 -16.35 -24.67
C SER A 102 8.46 -17.49 -25.39
N GLY A 103 7.76 -18.07 -26.37
CA GLY A 103 8.33 -19.18 -27.13
C GLY A 103 7.30 -19.87 -28.00
N GLY A 1 -16.18 -1.79 -0.13
CA GLY A 1 -17.44 -2.28 0.39
C GLY A 1 -18.29 -2.95 -0.67
N SER A 2 -17.72 -3.97 -1.31
CA SER A 2 -18.42 -4.70 -2.36
C SER A 2 -18.14 -6.19 -2.27
N SER A 3 -19.17 -7.00 -2.46
CA SER A 3 -19.03 -8.45 -2.40
C SER A 3 -17.79 -8.91 -3.16
N GLY A 4 -17.74 -8.57 -4.44
CA GLY A 4 -16.60 -8.95 -5.27
C GLY A 4 -15.96 -7.77 -5.96
N SER A 5 -14.85 -7.28 -5.41
CA SER A 5 -14.14 -6.15 -5.99
C SER A 5 -13.98 -6.32 -7.50
N SER A 6 -13.51 -5.26 -8.15
CA SER A 6 -13.32 -5.29 -9.60
C SER A 6 -12.47 -6.49 -10.01
N GLY A 7 -11.30 -6.62 -9.39
CA GLY A 7 -10.42 -7.73 -9.70
C GLY A 7 -8.96 -7.39 -9.48
N PRO A 8 -8.42 -7.77 -8.31
CA PRO A 8 -7.02 -7.52 -7.96
C PRO A 8 -6.06 -8.43 -8.70
N ASN A 9 -5.28 -7.84 -9.59
CA ASN A 9 -4.31 -8.61 -10.38
C ASN A 9 -2.99 -8.75 -9.62
N ARG A 10 -2.17 -9.70 -10.04
CA ARG A 10 -0.88 -9.94 -9.41
C ARG A 10 0.26 -9.80 -10.41
N ARG A 11 1.11 -8.79 -10.20
CA ARG A 11 2.24 -8.55 -11.09
C ARG A 11 3.54 -8.45 -10.30
N ALA A 12 3.61 -7.47 -9.42
CA ALA A 12 4.80 -7.26 -8.60
C ALA A 12 5.44 -8.59 -8.21
N ASP A 13 4.60 -9.58 -7.92
CA ASP A 13 5.07 -10.90 -7.54
C ASP A 13 6.28 -10.80 -6.60
N ASP A 14 6.24 -9.83 -5.70
CA ASP A 14 7.33 -9.62 -4.75
C ASP A 14 6.85 -9.78 -3.31
N ASN A 15 7.78 -9.72 -2.37
CA ASN A 15 7.45 -9.87 -0.96
C ASN A 15 7.34 -8.51 -0.28
N ALA A 16 7.17 -7.47 -1.09
CA ALA A 16 7.05 -6.10 -0.57
C ALA A 16 5.85 -5.39 -1.17
N THR A 17 4.70 -5.50 -0.51
CA THR A 17 3.47 -4.87 -0.98
C THR A 17 2.62 -4.39 0.18
N ILE A 18 2.18 -3.13 0.10
CA ILE A 18 1.36 -2.54 1.15
C ILE A 18 0.06 -1.97 0.58
N ARG A 19 -1.01 -2.10 1.34
CA ARG A 19 -2.32 -1.60 0.92
C ARG A 19 -2.64 -0.27 1.60
N VAL A 20 -3.43 0.56 0.92
CA VAL A 20 -3.83 1.85 1.46
C VAL A 20 -5.32 2.10 1.28
N THR A 21 -5.94 2.68 2.31
CA THR A 21 -7.37 2.97 2.26
C THR A 21 -7.68 4.30 2.93
N ASN A 22 -8.88 4.82 2.68
CA ASN A 22 -9.30 6.09 3.27
C ASN A 22 -8.51 7.25 2.67
N LEU A 23 -8.45 7.30 1.34
CA LEU A 23 -7.73 8.35 0.65
C LEU A 23 -8.65 9.52 0.31
N SER A 24 -8.12 10.50 -0.41
CA SER A 24 -8.90 11.67 -0.80
C SER A 24 -8.75 11.95 -2.29
N GLU A 25 -9.86 12.34 -2.92
CA GLU A 25 -9.85 12.64 -4.35
C GLU A 25 -8.68 13.54 -4.71
N ASP A 26 -8.15 14.24 -3.71
CA ASP A 26 -7.02 15.14 -3.93
C ASP A 26 -5.69 14.42 -3.69
N THR A 27 -5.73 13.09 -3.81
CA THR A 27 -4.53 12.28 -3.61
C THR A 27 -4.27 11.36 -4.80
N ARG A 28 -3.18 11.62 -5.51
CA ARG A 28 -2.82 10.81 -6.67
C ARG A 28 -1.54 10.02 -6.43
N GLU A 29 -1.13 9.25 -7.42
CA GLU A 29 0.09 8.44 -7.30
C GLU A 29 1.27 9.30 -6.89
N THR A 30 1.41 10.46 -7.53
CA THR A 30 2.51 11.37 -7.23
C THR A 30 2.46 11.83 -5.78
N ASP A 31 1.25 11.86 -5.21
CA ASP A 31 1.07 12.29 -3.83
C ASP A 31 1.56 11.21 -2.86
N LEU A 32 1.41 9.96 -3.26
CA LEU A 32 1.83 8.83 -2.43
C LEU A 32 3.30 8.54 -2.62
N GLN A 33 3.81 8.85 -3.81
CA GLN A 33 5.22 8.61 -4.12
C GLN A 33 6.12 9.36 -3.14
N GLU A 34 5.76 10.60 -2.82
CA GLU A 34 6.54 11.41 -1.91
C GLU A 34 6.17 11.09 -0.46
N LEU A 35 5.03 10.43 -0.28
CA LEU A 35 4.56 10.07 1.06
C LEU A 35 5.27 8.81 1.56
N PHE A 36 5.50 7.87 0.66
CA PHE A 36 6.17 6.62 1.01
C PHE A 36 7.64 6.67 0.64
N ARG A 37 8.12 7.86 0.30
CA ARG A 37 9.52 8.05 -0.08
C ARG A 37 10.42 8.05 1.16
N PRO A 38 10.00 8.79 2.19
CA PRO A 38 10.75 8.91 3.44
C PRO A 38 11.20 7.55 3.97
N PHE A 39 10.58 6.49 3.47
CA PHE A 39 10.92 5.13 3.90
C PHE A 39 11.97 4.53 2.98
N GLY A 40 11.90 4.87 1.70
CA GLY A 40 12.85 4.34 0.73
C GLY A 40 12.45 4.63 -0.70
N SER A 41 13.05 3.91 -1.64
CA SER A 41 12.75 4.09 -3.06
C SER A 41 11.63 3.15 -3.50
N ILE A 42 10.47 3.72 -3.79
CA ILE A 42 9.32 2.94 -4.23
C ILE A 42 9.56 2.34 -5.62
N SER A 43 9.15 1.09 -5.79
CA SER A 43 9.32 0.40 -7.07
C SER A 43 8.13 0.65 -7.98
N ARG A 44 6.93 0.60 -7.40
CA ARG A 44 5.71 0.82 -8.17
C ARG A 44 4.61 1.39 -7.27
N ILE A 45 3.67 2.09 -7.89
CA ILE A 45 2.56 2.70 -7.15
C ILE A 45 1.23 2.44 -7.85
N TYR A 46 0.47 1.48 -7.33
CA TYR A 46 -0.82 1.13 -7.90
C TYR A 46 -1.94 1.93 -7.25
N LEU A 47 -2.92 2.34 -8.05
CA LEU A 47 -4.05 3.12 -7.55
C LEU A 47 -5.36 2.60 -8.12
N ALA A 48 -6.31 2.31 -7.25
CA ALA A 48 -7.61 1.81 -7.66
C ALA A 48 -8.46 2.93 -8.25
N LYS A 49 -8.76 2.82 -9.54
CA LYS A 49 -9.58 3.83 -10.22
C LYS A 49 -10.82 3.20 -10.84
N ASP A 50 -11.89 3.98 -10.95
CA ASP A 50 -13.14 3.51 -11.50
C ASP A 50 -13.02 3.32 -13.01
N LYS A 51 -14.06 2.75 -13.62
CA LYS A 51 -14.08 2.51 -15.06
C LYS A 51 -15.08 3.43 -15.75
N THR A 52 -16.14 3.79 -15.03
CA THR A 52 -17.17 4.67 -15.58
C THR A 52 -16.72 6.12 -15.56
N THR A 53 -16.56 6.67 -14.37
CA THR A 53 -16.14 8.06 -14.21
C THR A 53 -14.62 8.17 -14.16
N GLY A 54 -13.95 7.03 -13.99
CA GLY A 54 -12.51 7.02 -13.93
C GLY A 54 -11.97 7.85 -12.78
N GLN A 55 -12.65 7.80 -11.65
CA GLN A 55 -12.22 8.56 -10.47
C GLN A 55 -11.54 7.65 -9.46
N SER A 56 -10.72 8.25 -8.60
CA SER A 56 -9.99 7.50 -7.58
C SER A 56 -10.96 6.74 -6.68
N LYS A 57 -10.89 5.41 -6.74
CA LYS A 57 -11.75 4.56 -5.92
C LYS A 57 -11.69 4.98 -4.45
N GLY A 58 -10.49 4.93 -3.88
CA GLY A 58 -10.32 5.30 -2.49
C GLY A 58 -9.18 4.56 -1.83
N PHE A 59 -8.69 3.51 -2.49
CA PHE A 59 -7.59 2.72 -1.96
C PHE A 59 -6.47 2.57 -3.00
N ALA A 60 -5.27 2.29 -2.53
CA ALA A 60 -4.12 2.12 -3.41
C ALA A 60 -3.17 1.05 -2.88
N PHE A 61 -2.17 0.70 -3.68
CA PHE A 61 -1.19 -0.31 -3.29
C PHE A 61 0.21 0.11 -3.71
N ILE A 62 1.09 0.32 -2.72
CA ILE A 62 2.46 0.72 -2.98
C ILE A 62 3.42 -0.46 -2.81
N SER A 63 4.29 -0.65 -3.78
CA SER A 63 5.27 -1.74 -3.74
C SER A 63 6.66 -1.22 -3.39
N PHE A 64 7.38 -1.99 -2.59
CA PHE A 64 8.73 -1.60 -2.18
C PHE A 64 9.77 -2.59 -2.72
N HIS A 65 11.04 -2.21 -2.61
CA HIS A 65 12.13 -3.06 -3.09
C HIS A 65 12.54 -4.07 -2.01
N ARG A 66 12.47 -3.65 -0.75
CA ARG A 66 12.83 -4.51 0.36
C ARG A 66 11.65 -4.69 1.31
N ARG A 67 11.78 -5.66 2.22
CA ARG A 67 10.72 -5.93 3.19
C ARG A 67 10.75 -4.92 4.33
N GLU A 68 11.95 -4.46 4.67
CA GLU A 68 12.12 -3.49 5.75
C GLU A 68 11.50 -2.14 5.37
N ASP A 69 11.92 -1.61 4.22
CA ASP A 69 11.42 -0.33 3.75
C ASP A 69 9.89 -0.34 3.68
N ALA A 70 9.33 -1.51 3.38
CA ALA A 70 7.89 -1.66 3.28
C ALA A 70 7.23 -1.55 4.66
N ALA A 71 7.80 -2.25 5.63
CA ALA A 71 7.28 -2.24 6.99
C ALA A 71 7.36 -0.85 7.60
N ARG A 72 8.43 -0.14 7.29
CA ARG A 72 8.63 1.22 7.81
C ARG A 72 7.39 2.07 7.57
N ALA A 73 6.78 1.90 6.40
CA ALA A 73 5.59 2.66 6.05
C ALA A 73 4.40 2.25 6.92
N ILE A 74 3.91 1.04 6.70
CA ILE A 74 2.77 0.54 7.46
C ILE A 74 2.83 1.00 8.91
N ALA A 75 4.05 1.11 9.44
CA ALA A 75 4.25 1.55 10.82
C ALA A 75 4.00 3.04 10.96
N GLY A 76 4.53 3.82 10.01
CA GLY A 76 4.35 5.26 10.05
C GLY A 76 3.00 5.70 9.54
N VAL A 77 2.70 5.36 8.28
CA VAL A 77 1.42 5.72 7.68
C VAL A 77 0.26 5.25 8.53
N SER A 78 0.51 4.29 9.41
CA SER A 78 -0.52 3.75 10.29
C SER A 78 -1.04 4.83 11.23
N GLY A 79 -2.27 5.28 10.98
CA GLY A 79 -2.87 6.31 11.81
C GLY A 79 -2.35 7.69 11.48
N PHE A 80 -2.14 7.95 10.20
CA PHE A 80 -1.65 9.25 9.75
C PHE A 80 -2.80 10.22 9.50
N GLY A 81 -2.57 11.50 9.76
CA GLY A 81 -3.59 12.50 9.55
C GLY A 81 -3.58 13.06 8.14
N TYR A 82 -4.06 12.27 7.18
CA TYR A 82 -4.10 12.69 5.79
C TYR A 82 -5.46 13.27 5.44
N ASP A 83 -5.45 14.39 4.71
CA ASP A 83 -6.67 15.05 4.29
C ASP A 83 -7.69 15.08 5.45
N HIS A 84 -7.25 15.61 6.58
CA HIS A 84 -8.12 15.69 7.76
C HIS A 84 -8.85 14.38 8.00
N LEU A 85 -8.16 13.27 7.78
CA LEU A 85 -8.75 11.95 7.96
C LEU A 85 -7.70 10.95 8.46
N ILE A 86 -8.17 9.78 8.90
CA ILE A 86 -7.27 8.75 9.40
C ILE A 86 -6.92 7.75 8.30
N LEU A 87 -5.72 7.87 7.75
CA LEU A 87 -5.26 6.98 6.69
C LEU A 87 -5.06 5.56 7.23
N ASN A 88 -5.46 4.58 6.43
CA ASN A 88 -5.32 3.18 6.82
C ASN A 88 -4.41 2.42 5.86
N VAL A 89 -3.40 1.75 6.41
CA VAL A 89 -2.46 0.99 5.59
C VAL A 89 -2.09 -0.33 6.27
N GLU A 90 -1.96 -1.38 5.47
CA GLU A 90 -1.62 -2.70 5.99
C GLU A 90 -1.10 -3.60 4.87
N TRP A 91 -0.22 -4.53 5.22
CA TRP A 91 0.34 -5.46 4.25
C TRP A 91 -0.74 -6.02 3.34
N ALA A 92 -0.59 -5.81 2.03
CA ALA A 92 -1.56 -6.30 1.07
C ALA A 92 -1.50 -7.81 0.95
N LYS A 93 -0.43 -8.32 0.35
CA LYS A 93 -0.25 -9.76 0.18
C LYS A 93 0.81 -10.29 1.13
N PRO A 94 0.70 -11.59 1.47
CA PRO A 94 1.64 -12.25 2.38
C PRO A 94 2.99 -12.53 1.72
N SER A 95 3.95 -12.96 2.52
CA SER A 95 5.29 -13.26 2.01
C SER A 95 5.53 -14.77 1.99
N THR A 96 5.95 -15.28 0.84
CA THR A 96 6.22 -16.71 0.68
C THR A 96 7.49 -16.95 -0.10
N ASN A 97 8.22 -18.01 0.24
CA ASN A 97 9.47 -18.34 -0.44
C ASN A 97 9.33 -19.66 -1.18
N SER A 98 10.02 -19.76 -2.32
CA SER A 98 9.97 -20.97 -3.13
C SER A 98 11.39 -21.42 -3.52
N GLY A 99 12.18 -20.48 -4.01
CA GLY A 99 13.54 -20.80 -4.41
C GLY A 99 14.57 -19.96 -3.68
N PRO A 100 15.16 -20.52 -2.61
CA PRO A 100 16.17 -19.84 -1.80
C PRO A 100 17.52 -19.77 -2.51
N SER A 101 18.03 -18.54 -2.68
CA SER A 101 19.31 -18.34 -3.34
C SER A 101 20.35 -19.31 -2.81
N SER A 102 21.33 -19.63 -3.65
CA SER A 102 22.39 -20.56 -3.28
C SER A 102 23.15 -20.06 -2.05
N GLY A 103 23.57 -18.79 -2.11
CA GLY A 103 24.30 -18.22 -0.99
C GLY A 103 24.90 -16.87 -1.34
N GLY A 1 -16.79 -10.02 14.22
CA GLY A 1 -17.33 -10.16 12.88
C GLY A 1 -16.40 -9.59 11.82
N SER A 2 -16.35 -10.24 10.66
CA SER A 2 -15.50 -9.78 9.57
C SER A 2 -16.08 -10.20 8.21
N SER A 3 -16.52 -9.21 7.45
CA SER A 3 -17.11 -9.47 6.13
C SER A 3 -16.14 -10.25 5.25
N GLY A 4 -16.22 -11.58 5.32
CA GLY A 4 -15.35 -12.42 4.53
C GLY A 4 -15.43 -13.88 4.93
N SER A 5 -15.03 -14.77 4.02
CA SER A 5 -15.06 -16.20 4.29
C SER A 5 -13.70 -16.70 4.76
N SER A 6 -13.60 -18.00 5.00
CA SER A 6 -12.37 -18.61 5.46
C SER A 6 -11.25 -18.39 4.45
N GLY A 7 -10.03 -18.80 4.82
CA GLY A 7 -8.89 -18.64 3.93
C GLY A 7 -8.09 -19.91 3.78
N PRO A 8 -8.39 -20.69 2.73
CA PRO A 8 -7.71 -21.95 2.44
C PRO A 8 -6.32 -21.73 1.85
N ASN A 9 -6.17 -20.65 1.09
CA ASN A 9 -4.89 -20.33 0.45
C ASN A 9 -3.84 -19.97 1.50
N ARG A 10 -2.98 -20.93 1.83
CA ARG A 10 -1.93 -20.71 2.82
C ARG A 10 -0.58 -20.52 2.13
N ARG A 11 -0.02 -19.33 2.24
CA ARG A 11 1.27 -19.02 1.64
C ARG A 11 1.75 -17.64 2.05
N ALA A 12 3.02 -17.36 1.80
CA ALA A 12 3.61 -16.06 2.13
C ALA A 12 3.46 -15.08 0.99
N ASP A 13 3.95 -13.85 1.20
CA ASP A 13 3.87 -12.81 0.17
C ASP A 13 5.15 -12.78 -0.65
N ASP A 14 6.22 -13.36 -0.11
CA ASP A 14 7.50 -13.41 -0.80
C ASP A 14 7.72 -12.13 -1.60
N ASN A 15 7.30 -11.00 -1.04
CA ASN A 15 7.45 -9.71 -1.71
C ASN A 15 7.12 -8.56 -0.75
N ALA A 16 7.27 -7.34 -1.25
CA ALA A 16 6.99 -6.15 -0.44
C ALA A 16 5.82 -5.36 -1.02
N THR A 17 4.63 -5.57 -0.46
CA THR A 17 3.45 -4.87 -0.94
C THR A 17 2.60 -4.37 0.24
N ILE A 18 2.01 -3.19 0.07
CA ILE A 18 1.17 -2.61 1.12
C ILE A 18 -0.09 -2.01 0.53
N ARG A 19 -1.20 -2.15 1.26
CA ARG A 19 -2.48 -1.63 0.81
C ARG A 19 -2.87 -0.39 1.61
N VAL A 20 -3.57 0.54 0.96
CA VAL A 20 -4.01 1.77 1.61
C VAL A 20 -5.49 2.02 1.40
N THR A 21 -6.14 2.62 2.39
CA THR A 21 -7.57 2.90 2.31
C THR A 21 -7.89 4.23 3.00
N ASN A 22 -9.07 4.76 2.70
CA ASN A 22 -9.51 6.02 3.30
C ASN A 22 -8.68 7.19 2.76
N LEU A 23 -8.40 7.15 1.46
CA LEU A 23 -7.62 8.21 0.83
C LEU A 23 -8.51 9.38 0.41
N SER A 24 -7.91 10.36 -0.26
CA SER A 24 -8.66 11.53 -0.70
C SER A 24 -8.48 11.74 -2.21
N GLU A 25 -9.39 12.51 -2.79
CA GLU A 25 -9.34 12.79 -4.23
C GLU A 25 -8.17 13.72 -4.57
N ASP A 26 -7.55 14.27 -3.53
CA ASP A 26 -6.42 15.17 -3.71
C ASP A 26 -5.09 14.41 -3.66
N THR A 27 -5.17 13.14 -3.27
CA THR A 27 -3.98 12.30 -3.18
C THR A 27 -3.86 11.37 -4.38
N ARG A 28 -2.96 11.71 -5.29
CA ARG A 28 -2.74 10.91 -6.49
C ARG A 28 -1.46 10.09 -6.38
N GLU A 29 -1.17 9.29 -7.41
CA GLU A 29 0.02 8.46 -7.42
C GLU A 29 1.27 9.29 -7.12
N THR A 30 1.44 10.38 -7.86
CA THR A 30 2.59 11.25 -7.68
C THR A 30 2.60 11.87 -6.28
N ASP A 31 1.44 11.87 -5.63
CA ASP A 31 1.31 12.43 -4.29
C ASP A 31 1.75 11.41 -3.24
N LEU A 32 1.63 10.14 -3.57
CA LEU A 32 2.02 9.07 -2.65
C LEU A 32 3.49 8.72 -2.80
N GLN A 33 3.99 8.83 -4.04
CA GLN A 33 5.39 8.53 -4.31
C GLN A 33 6.32 9.31 -3.38
N GLU A 34 5.90 10.51 -3.02
CA GLU A 34 6.69 11.36 -2.13
C GLU A 34 6.36 11.08 -0.67
N LEU A 35 5.19 10.48 -0.44
CA LEU A 35 4.74 10.16 0.90
C LEU A 35 5.42 8.89 1.41
N PHE A 36 5.63 7.93 0.51
CA PHE A 36 6.28 6.67 0.86
C PHE A 36 7.76 6.70 0.50
N ARG A 37 8.26 7.88 0.17
CA ARG A 37 9.66 8.04 -0.20
C ARG A 37 10.55 8.07 1.04
N PRO A 38 10.12 8.85 2.05
CA PRO A 38 10.86 8.98 3.32
C PRO A 38 11.29 7.64 3.88
N PHE A 39 10.67 6.57 3.40
CA PHE A 39 10.99 5.23 3.86
C PHE A 39 12.03 4.57 2.96
N GLY A 40 11.97 4.89 1.67
CA GLY A 40 12.91 4.33 0.72
C GLY A 40 12.49 4.55 -0.71
N SER A 41 13.04 3.75 -1.62
CA SER A 41 12.72 3.86 -3.04
C SER A 41 11.55 2.96 -3.41
N ILE A 42 10.47 3.57 -3.88
CA ILE A 42 9.28 2.82 -4.27
C ILE A 42 9.49 2.08 -5.58
N SER A 43 8.88 0.91 -5.69
CA SER A 43 9.02 0.09 -6.90
C SER A 43 7.82 0.29 -7.83
N ARG A 44 6.62 0.31 -7.24
CA ARG A 44 5.41 0.49 -8.01
C ARG A 44 4.33 1.18 -7.18
N ILE A 45 3.46 1.94 -7.84
CA ILE A 45 2.39 2.65 -7.16
C ILE A 45 1.06 2.45 -7.87
N TYR A 46 0.24 1.55 -7.35
CA TYR A 46 -1.06 1.27 -7.94
C TYR A 46 -2.16 2.07 -7.25
N LEU A 47 -3.11 2.55 -8.03
CA LEU A 47 -4.22 3.34 -7.50
C LEU A 47 -5.55 2.86 -8.06
N ALA A 48 -6.46 2.46 -7.18
CA ALA A 48 -7.77 1.98 -7.58
C ALA A 48 -8.61 3.11 -8.15
N LYS A 49 -9.19 2.89 -9.33
CA LYS A 49 -10.02 3.90 -9.98
C LYS A 49 -11.27 3.26 -10.58
N ASP A 50 -12.27 4.08 -10.86
CA ASP A 50 -13.52 3.61 -11.43
C ASP A 50 -13.36 3.32 -12.92
N LYS A 51 -14.44 2.83 -13.55
CA LYS A 51 -14.42 2.52 -14.96
C LYS A 51 -15.24 3.53 -15.76
N THR A 52 -16.31 4.04 -15.14
CA THR A 52 -17.16 5.01 -15.79
C THR A 52 -16.48 6.37 -15.89
N THR A 53 -16.23 6.98 -14.75
CA THR A 53 -15.58 8.30 -14.71
C THR A 53 -14.08 8.15 -14.50
N GLY A 54 -13.66 6.99 -14.00
CA GLY A 54 -12.24 6.75 -13.76
C GLY A 54 -11.69 7.63 -12.66
N GLN A 55 -12.49 7.85 -11.62
CA GLN A 55 -12.08 8.67 -10.49
C GLN A 55 -11.44 7.82 -9.40
N SER A 56 -10.67 8.46 -8.53
CA SER A 56 -10.00 7.75 -7.44
C SER A 56 -11.00 6.99 -6.59
N LYS A 57 -10.82 5.68 -6.49
CA LYS A 57 -11.71 4.84 -5.71
C LYS A 57 -11.62 5.18 -4.23
N GLY A 58 -10.41 5.16 -3.68
CA GLY A 58 -10.21 5.48 -2.28
C GLY A 58 -9.09 4.67 -1.66
N PHE A 59 -8.65 3.63 -2.36
CA PHE A 59 -7.58 2.77 -1.87
C PHE A 59 -6.49 2.61 -2.92
N ALA A 60 -5.27 2.34 -2.46
CA ALA A 60 -4.14 2.16 -3.36
C ALA A 60 -3.22 1.04 -2.88
N PHE A 61 -2.22 0.70 -3.69
CA PHE A 61 -1.28 -0.35 -3.35
C PHE A 61 0.14 0.05 -3.74
N ILE A 62 0.99 0.26 -2.73
CA ILE A 62 2.37 0.63 -2.97
C ILE A 62 3.30 -0.57 -2.82
N SER A 63 4.28 -0.66 -3.71
CA SER A 63 5.24 -1.77 -3.69
C SER A 63 6.63 -1.26 -3.31
N PHE A 64 7.36 -2.07 -2.54
CA PHE A 64 8.70 -1.70 -2.12
C PHE A 64 9.73 -2.74 -2.60
N HIS A 65 11.00 -2.39 -2.49
CA HIS A 65 12.08 -3.28 -2.92
C HIS A 65 12.54 -4.15 -1.75
N ARG A 66 12.70 -3.54 -0.59
CA ARG A 66 13.16 -4.27 0.60
C ARG A 66 11.99 -4.51 1.56
N ARG A 67 12.11 -5.53 2.38
CA ARG A 67 11.07 -5.87 3.35
C ARG A 67 11.14 -4.94 4.56
N GLU A 68 12.22 -4.17 4.66
CA GLU A 68 12.39 -3.24 5.76
C GLU A 68 11.80 -1.88 5.43
N ASP A 69 12.00 -1.43 4.20
CA ASP A 69 11.48 -0.14 3.76
C ASP A 69 9.95 -0.17 3.66
N ALA A 70 9.41 -1.33 3.26
CA ALA A 70 7.97 -1.49 3.13
C ALA A 70 7.28 -1.39 4.48
N ALA A 71 7.87 -2.05 5.48
CA ALA A 71 7.31 -2.03 6.83
C ALA A 71 7.41 -0.65 7.45
N ARG A 72 8.49 0.06 7.14
CA ARG A 72 8.69 1.41 7.67
C ARG A 72 7.45 2.27 7.47
N ALA A 73 6.81 2.10 6.32
CA ALA A 73 5.61 2.87 6.00
C ALA A 73 4.43 2.43 6.86
N ILE A 74 4.02 1.17 6.69
CA ILE A 74 2.90 0.62 7.45
C ILE A 74 2.89 1.17 8.87
N ALA A 75 4.07 1.42 9.42
CA ALA A 75 4.19 1.96 10.78
C ALA A 75 3.80 3.43 10.82
N GLY A 76 4.45 4.25 9.99
CA GLY A 76 4.16 5.66 9.95
C GLY A 76 2.78 5.95 9.38
N VAL A 77 2.52 5.45 8.18
CA VAL A 77 1.24 5.66 7.51
C VAL A 77 0.09 5.22 8.41
N SER A 78 0.34 4.20 9.23
CA SER A 78 -0.68 3.67 10.13
C SER A 78 -1.13 4.75 11.12
N GLY A 79 -2.35 5.24 10.90
CA GLY A 79 -2.89 6.28 11.78
C GLY A 79 -2.44 7.66 11.39
N PHE A 80 -2.03 7.82 10.13
CA PHE A 80 -1.57 9.11 9.64
C PHE A 80 -2.75 10.01 9.28
N GLY A 81 -2.63 11.30 9.57
CA GLY A 81 -3.69 12.24 9.27
C GLY A 81 -3.61 12.77 7.85
N TYR A 82 -4.33 12.11 6.95
CA TYR A 82 -4.35 12.52 5.55
C TYR A 82 -5.72 13.03 5.14
N ASP A 83 -5.82 14.33 4.91
CA ASP A 83 -7.08 14.95 4.51
C ASP A 83 -8.09 14.91 5.66
N HIS A 84 -7.68 15.40 6.82
CA HIS A 84 -8.55 15.41 7.99
C HIS A 84 -9.22 14.05 8.19
N LEU A 85 -8.57 13.01 7.71
CA LEU A 85 -9.09 11.65 7.83
C LEU A 85 -8.04 10.70 8.38
N ILE A 86 -8.49 9.56 8.88
CA ILE A 86 -7.58 8.56 9.43
C ILE A 86 -7.18 7.53 8.37
N LEU A 87 -6.01 7.73 7.78
CA LEU A 87 -5.51 6.82 6.76
C LEU A 87 -5.28 5.43 7.32
N ASN A 88 -5.65 4.41 6.56
CA ASN A 88 -5.48 3.02 6.98
C ASN A 88 -4.57 2.27 6.03
N VAL A 89 -3.60 1.55 6.59
CA VAL A 89 -2.67 0.77 5.80
C VAL A 89 -2.43 -0.60 6.40
N GLU A 90 -2.05 -1.57 5.57
CA GLU A 90 -1.80 -2.92 6.02
C GLU A 90 -1.05 -3.72 4.96
N TRP A 91 -0.35 -4.76 5.40
CA TRP A 91 0.42 -5.60 4.49
C TRP A 91 -0.48 -6.21 3.42
N ALA A 92 -0.01 -6.19 2.17
CA ALA A 92 -0.77 -6.74 1.06
C ALA A 92 -0.31 -8.14 0.70
N LYS A 93 -1.24 -9.09 0.67
CA LYS A 93 -0.91 -10.47 0.35
C LYS A 93 -1.29 -10.79 -1.09
N PRO A 94 -0.29 -10.81 -1.99
CA PRO A 94 -0.50 -11.10 -3.40
C PRO A 94 -0.74 -12.59 -3.66
N SER A 95 -1.19 -12.91 -4.87
CA SER A 95 -1.46 -14.29 -5.25
C SER A 95 -0.48 -14.78 -6.31
N THR A 96 -0.20 -13.91 -7.27
CA THR A 96 0.72 -14.25 -8.35
C THR A 96 0.60 -15.71 -8.75
N ASN A 97 -0.64 -16.19 -8.79
CA ASN A 97 -0.90 -17.58 -9.16
C ASN A 97 -1.66 -17.66 -10.48
N SER A 98 -0.96 -18.07 -11.54
CA SER A 98 -1.56 -18.18 -12.86
C SER A 98 -0.80 -19.19 -13.72
N GLY A 99 -1.31 -19.44 -14.92
CA GLY A 99 -0.66 -20.38 -15.82
C GLY A 99 -1.63 -20.96 -16.84
N PRO A 100 -1.12 -21.22 -18.05
CA PRO A 100 -1.93 -21.78 -19.14
C PRO A 100 -2.17 -23.27 -18.97
N SER A 101 -3.08 -23.82 -19.77
CA SER A 101 -3.42 -25.24 -19.71
C SER A 101 -3.78 -25.77 -21.10
N SER A 102 -2.87 -26.55 -21.68
CA SER A 102 -3.10 -27.13 -23.00
C SER A 102 -3.77 -28.49 -22.89
N GLY A 103 -4.91 -28.63 -23.56
CA GLY A 103 -5.64 -29.88 -23.53
C GLY A 103 -5.22 -30.82 -24.65
N GLY A 1 -8.53 7.75 20.62
CA GLY A 1 -8.39 6.40 20.14
C GLY A 1 -8.68 6.27 18.65
N SER A 2 -8.46 5.09 18.10
CA SER A 2 -8.69 4.85 16.68
C SER A 2 -8.59 3.36 16.35
N SER A 3 -9.46 2.90 15.46
CA SER A 3 -9.48 1.50 15.07
C SER A 3 -8.32 1.18 14.12
N GLY A 4 -8.16 -0.10 13.80
CA GLY A 4 -7.09 -0.50 12.90
C GLY A 4 -7.24 -1.94 12.45
N SER A 5 -7.38 -2.86 13.40
CA SER A 5 -7.53 -4.27 13.09
C SER A 5 -8.42 -4.47 11.86
N SER A 6 -7.81 -4.83 10.74
CA SER A 6 -8.55 -5.05 9.51
C SER A 6 -7.68 -5.76 8.47
N GLY A 7 -8.32 -6.53 7.59
CA GLY A 7 -7.60 -7.24 6.56
C GLY A 7 -7.24 -8.66 6.98
N PRO A 8 -6.24 -9.25 6.32
CA PRO A 8 -5.78 -10.60 6.61
C PRO A 8 -4.92 -10.67 7.87
N ASN A 9 -5.03 -11.78 8.58
CA ASN A 9 -4.26 -11.98 9.81
C ASN A 9 -3.20 -13.05 9.63
N ARG A 10 -2.04 -12.67 9.10
CA ARG A 10 -0.95 -13.60 8.88
C ARG A 10 0.40 -12.90 9.00
N ARG A 11 1.46 -13.70 9.15
CA ARG A 11 2.81 -13.15 9.29
C ARG A 11 3.75 -13.78 8.27
N ALA A 12 3.24 -13.98 7.05
CA ALA A 12 4.05 -14.56 5.99
C ALA A 12 3.98 -13.71 4.72
N ASP A 13 5.12 -13.14 4.35
CA ASP A 13 5.18 -12.29 3.16
C ASP A 13 6.54 -12.45 2.47
N ASP A 14 6.51 -12.59 1.14
CA ASP A 14 7.73 -12.75 0.37
C ASP A 14 8.06 -11.46 -0.38
N ASN A 15 7.06 -10.88 -1.03
CA ASN A 15 7.25 -9.65 -1.79
C ASN A 15 6.88 -8.43 -0.95
N ALA A 16 7.60 -7.34 -1.15
CA ALA A 16 7.34 -6.10 -0.41
C ALA A 16 6.15 -5.35 -1.00
N THR A 17 4.96 -5.63 -0.48
CA THR A 17 3.74 -4.99 -0.95
C THR A 17 2.85 -4.58 0.21
N ILE A 18 2.18 -3.44 0.07
CA ILE A 18 1.29 -2.94 1.11
C ILE A 18 0.06 -2.26 0.51
N ARG A 19 -1.09 -2.46 1.13
CA ARG A 19 -2.33 -1.86 0.66
C ARG A 19 -2.69 -0.63 1.48
N VAL A 20 -3.35 0.34 0.84
CA VAL A 20 -3.75 1.57 1.52
C VAL A 20 -5.21 1.91 1.24
N THR A 21 -5.89 2.42 2.24
CA THR A 21 -7.30 2.79 2.11
C THR A 21 -7.57 4.17 2.71
N ASN A 22 -8.80 4.64 2.54
CA ASN A 22 -9.19 5.94 3.07
C ASN A 22 -8.40 7.07 2.40
N LEU A 23 -8.34 7.02 1.07
CA LEU A 23 -7.61 8.04 0.32
C LEU A 23 -8.57 9.03 -0.33
N SER A 24 -8.02 10.12 -0.85
CA SER A 24 -8.83 11.15 -1.50
C SER A 24 -8.44 11.31 -2.96
N GLU A 25 -9.38 11.80 -3.77
CA GLU A 25 -9.12 12.00 -5.19
C GLU A 25 -7.85 12.79 -5.41
N ASP A 26 -7.69 13.88 -4.65
CA ASP A 26 -6.51 14.73 -4.77
C ASP A 26 -5.24 13.92 -4.51
N THR A 27 -5.39 12.76 -3.87
CA THR A 27 -4.26 11.91 -3.57
C THR A 27 -4.00 10.92 -4.70
N ARG A 28 -3.04 11.23 -5.56
CA ARG A 28 -2.70 10.36 -6.68
C ARG A 28 -1.37 9.64 -6.43
N GLU A 29 -0.92 8.90 -7.43
CA GLU A 29 0.33 8.16 -7.32
C GLU A 29 1.48 9.09 -6.96
N THR A 30 1.68 10.12 -7.78
CA THR A 30 2.74 11.08 -7.56
C THR A 30 2.65 11.69 -6.15
N ASP A 31 1.47 11.60 -5.55
CA ASP A 31 1.24 12.15 -4.22
C ASP A 31 1.66 11.14 -3.15
N LEU A 32 1.59 9.86 -3.49
CA LEU A 32 1.95 8.79 -2.56
C LEU A 32 3.43 8.46 -2.67
N GLN A 33 3.99 8.70 -3.86
CA GLN A 33 5.41 8.42 -4.10
C GLN A 33 6.29 9.27 -3.19
N GLU A 34 5.81 10.46 -2.86
CA GLU A 34 6.57 11.36 -1.99
C GLU A 34 6.24 11.10 -0.52
N LEU A 35 5.13 10.42 -0.27
CA LEU A 35 4.71 10.10 1.09
C LEU A 35 5.43 8.86 1.61
N PHE A 36 5.62 7.88 0.73
CA PHE A 36 6.30 6.64 1.09
C PHE A 36 7.77 6.71 0.73
N ARG A 37 8.24 7.90 0.38
CA ARG A 37 9.64 8.09 0.01
C ARG A 37 10.53 8.15 1.25
N PRO A 38 10.09 8.90 2.26
CA PRO A 38 10.83 9.05 3.52
C PRO A 38 11.29 7.71 4.09
N PHE A 39 10.69 6.63 3.60
CA PHE A 39 11.04 5.29 4.06
C PHE A 39 12.09 4.67 3.15
N GLY A 40 12.06 5.02 1.88
CA GLY A 40 13.02 4.49 0.93
C GLY A 40 12.59 4.69 -0.51
N SER A 41 13.21 3.96 -1.43
CA SER A 41 12.90 4.07 -2.84
C SER A 41 11.80 3.08 -3.23
N ILE A 42 10.61 3.61 -3.52
CA ILE A 42 9.48 2.78 -3.90
C ILE A 42 9.73 2.09 -5.24
N SER A 43 9.17 0.90 -5.40
CA SER A 43 9.33 0.14 -6.64
C SER A 43 8.16 0.38 -7.57
N ARG A 44 6.95 0.37 -7.02
CA ARG A 44 5.75 0.59 -7.82
C ARG A 44 4.63 1.15 -6.96
N ILE A 45 3.76 1.96 -7.57
CA ILE A 45 2.64 2.57 -6.86
C ILE A 45 1.35 2.44 -7.66
N TYR A 46 0.52 1.48 -7.30
CA TYR A 46 -0.75 1.26 -7.98
C TYR A 46 -1.88 2.03 -7.30
N LEU A 47 -2.89 2.40 -8.08
CA LEU A 47 -4.04 3.12 -7.55
C LEU A 47 -5.34 2.65 -8.17
N ALA A 48 -6.41 2.66 -7.40
CA ALA A 48 -7.72 2.22 -7.87
C ALA A 48 -8.57 3.40 -8.29
N LYS A 49 -9.17 3.31 -9.48
CA LYS A 49 -10.01 4.37 -9.99
C LYS A 49 -11.33 3.81 -10.55
N ASP A 50 -12.31 4.68 -10.71
CA ASP A 50 -13.61 4.27 -11.24
C ASP A 50 -13.65 4.40 -12.76
N LYS A 51 -14.75 3.94 -13.35
CA LYS A 51 -14.91 4.01 -14.81
C LYS A 51 -16.04 4.97 -15.18
N THR A 52 -17.21 4.75 -14.59
CA THR A 52 -18.37 5.59 -14.87
C THR A 52 -18.10 7.04 -14.48
N THR A 53 -17.69 7.25 -13.23
CA THR A 53 -17.40 8.60 -12.76
C THR A 53 -15.93 8.97 -13.00
N GLY A 54 -15.11 7.94 -13.22
CA GLY A 54 -13.69 8.18 -13.46
C GLY A 54 -13.03 8.94 -12.33
N GLN A 55 -13.43 8.63 -11.10
CA GLN A 55 -12.88 9.28 -9.92
C GLN A 55 -12.19 8.27 -9.01
N SER A 56 -10.93 8.53 -8.67
CA SER A 56 -10.17 7.64 -7.80
C SER A 56 -11.07 7.04 -6.72
N LYS A 57 -11.03 5.72 -6.61
CA LYS A 57 -11.84 5.02 -5.61
C LYS A 57 -11.51 5.50 -4.20
N GLY A 58 -10.36 5.10 -3.69
CA GLY A 58 -9.95 5.51 -2.36
C GLY A 58 -8.99 4.52 -1.72
N PHE A 59 -8.14 3.90 -2.54
CA PHE A 59 -7.17 2.94 -2.04
C PHE A 59 -6.07 2.71 -3.08
N ALA A 60 -4.87 2.41 -2.59
CA ALA A 60 -3.73 2.17 -3.46
C ALA A 60 -2.84 1.06 -2.90
N PHE A 61 -1.84 0.66 -3.69
CA PHE A 61 -0.92 -0.39 -3.27
C PHE A 61 0.52 -0.01 -3.59
N ILE A 62 1.31 0.20 -2.54
CA ILE A 62 2.71 0.57 -2.71
C ILE A 62 3.63 -0.65 -2.56
N SER A 63 4.45 -0.88 -3.58
CA SER A 63 5.37 -2.01 -3.56
C SER A 63 6.80 -1.55 -3.34
N PHE A 64 7.38 -1.95 -2.21
CA PHE A 64 8.74 -1.58 -1.87
C PHE A 64 9.74 -2.58 -2.43
N HIS A 65 11.03 -2.33 -2.18
CA HIS A 65 12.08 -3.22 -2.66
C HIS A 65 12.47 -4.23 -1.58
N ARG A 66 12.51 -3.77 -0.34
CA ARG A 66 12.88 -4.63 0.79
C ARG A 66 11.74 -4.72 1.80
N ARG A 67 11.85 -5.67 2.72
CA ARG A 67 10.84 -5.85 3.76
C ARG A 67 10.90 -4.74 4.80
N GLU A 68 12.12 -4.25 5.05
CA GLU A 68 12.33 -3.19 6.03
C GLU A 68 11.67 -1.88 5.56
N ASP A 69 12.17 -1.35 4.46
CA ASP A 69 11.64 -0.10 3.90
C ASP A 69 10.12 -0.17 3.80
N ALA A 70 9.60 -1.34 3.49
CA ALA A 70 8.16 -1.53 3.36
C ALA A 70 7.47 -1.43 4.73
N ALA A 71 8.08 -2.05 5.73
CA ALA A 71 7.52 -2.04 7.08
C ALA A 71 7.57 -0.63 7.68
N ARG A 72 8.66 0.08 7.41
CA ARG A 72 8.84 1.43 7.93
C ARG A 72 7.58 2.26 7.70
N ALA A 73 6.99 2.11 6.52
CA ALA A 73 5.78 2.86 6.18
C ALA A 73 4.62 2.45 7.07
N ILE A 74 4.15 1.21 6.92
CA ILE A 74 3.05 0.70 7.72
C ILE A 74 3.10 1.26 9.14
N ALA A 75 4.31 1.48 9.64
CA ALA A 75 4.50 2.01 10.99
C ALA A 75 4.02 3.46 11.08
N GLY A 76 4.43 4.27 10.11
CA GLY A 76 4.04 5.68 10.10
C GLY A 76 2.65 5.89 9.53
N VAL A 77 2.47 5.52 8.26
CA VAL A 77 1.19 5.68 7.60
C VAL A 77 0.04 5.28 8.52
N SER A 78 0.27 4.24 9.32
CA SER A 78 -0.74 3.76 10.26
C SER A 78 -1.21 4.88 11.19
N GLY A 79 -2.47 5.29 11.02
CA GLY A 79 -3.00 6.35 11.86
C GLY A 79 -2.58 7.73 11.40
N PHE A 80 -2.39 7.88 10.08
CA PHE A 80 -1.97 9.16 9.52
C PHE A 80 -3.18 10.02 9.16
N GLY A 81 -3.03 11.33 9.33
CA GLY A 81 -4.12 12.25 9.02
C GLY A 81 -4.01 12.83 7.63
N TYR A 82 -4.41 12.05 6.63
CA TYR A 82 -4.36 12.49 5.24
C TYR A 82 -5.71 13.03 4.78
N ASP A 83 -5.68 14.17 4.11
CA ASP A 83 -6.90 14.79 3.62
C ASP A 83 -7.99 14.79 4.70
N HIS A 84 -7.66 15.29 5.87
CA HIS A 84 -8.60 15.34 6.98
C HIS A 84 -9.33 14.02 7.14
N LEU A 85 -8.64 12.92 6.83
CA LEU A 85 -9.22 11.59 6.93
C LEU A 85 -8.26 10.62 7.61
N ILE A 86 -8.77 9.45 7.99
CA ILE A 86 -7.96 8.45 8.64
C ILE A 86 -7.43 7.43 7.63
N LEU A 87 -6.19 7.62 7.20
CA LEU A 87 -5.56 6.72 6.25
C LEU A 87 -5.19 5.40 6.90
N ASN A 88 -5.43 4.29 6.20
CA ASN A 88 -5.10 2.97 6.72
C ASN A 88 -4.17 2.22 5.77
N VAL A 89 -3.26 1.43 6.33
CA VAL A 89 -2.32 0.66 5.54
C VAL A 89 -2.05 -0.70 6.16
N GLU A 90 -1.84 -1.71 5.33
CA GLU A 90 -1.57 -3.06 5.80
C GLU A 90 -0.70 -3.82 4.80
N TRP A 91 -0.23 -4.99 5.22
CA TRP A 91 0.61 -5.83 4.36
C TRP A 91 -0.22 -6.57 3.33
N ALA A 92 0.21 -6.52 2.07
CA ALA A 92 -0.50 -7.19 1.00
C ALA A 92 0.19 -8.51 0.63
N LYS A 93 -0.57 -9.59 0.63
CA LYS A 93 -0.04 -10.91 0.30
C LYS A 93 -0.99 -11.66 -0.62
N PRO A 94 -0.63 -11.73 -1.92
CA PRO A 94 -1.43 -12.42 -2.93
C PRO A 94 -1.32 -13.94 -2.81
N SER A 95 -2.25 -14.64 -3.47
CA SER A 95 -2.25 -16.10 -3.45
C SER A 95 -1.26 -16.67 -4.45
N THR A 96 -1.48 -16.39 -5.73
CA THR A 96 -0.60 -16.87 -6.78
C THR A 96 0.74 -16.17 -6.75
N ASN A 97 1.82 -16.94 -6.86
CA ASN A 97 3.16 -16.39 -6.84
C ASN A 97 3.68 -16.16 -8.26
N SER A 98 3.80 -14.89 -8.64
CA SER A 98 4.26 -14.53 -9.97
C SER A 98 5.79 -14.56 -10.03
N GLY A 99 6.32 -15.46 -10.86
CA GLY A 99 7.76 -15.58 -11.00
C GLY A 99 8.16 -16.26 -12.29
N PRO A 100 9.48 -16.43 -12.49
CA PRO A 100 10.02 -17.08 -13.69
C PRO A 100 9.88 -18.60 -13.65
N SER A 101 8.91 -19.11 -14.40
CA SER A 101 8.66 -20.55 -14.44
C SER A 101 9.64 -21.24 -15.38
N SER A 102 10.16 -22.38 -14.94
CA SER A 102 11.12 -23.14 -15.74
C SER A 102 10.72 -24.61 -15.81
N GLY A 103 11.21 -25.30 -16.84
CA GLY A 103 10.90 -26.71 -17.00
C GLY A 103 9.44 -27.02 -16.71
N GLY A 1 -16.52 10.75 -3.70
CA GLY A 1 -16.54 9.62 -4.60
C GLY A 1 -17.66 8.64 -4.28
N SER A 2 -17.30 7.44 -3.86
CA SER A 2 -18.29 6.42 -3.54
C SER A 2 -18.16 6.00 -2.08
N SER A 3 -19.31 5.68 -1.46
CA SER A 3 -19.34 5.26 -0.07
C SER A 3 -18.28 4.19 0.21
N GLY A 4 -18.42 3.05 -0.47
CA GLY A 4 -17.48 1.96 -0.29
C GLY A 4 -16.67 1.69 -1.54
N SER A 5 -15.88 0.62 -1.51
CA SER A 5 -15.04 0.25 -2.64
C SER A 5 -15.54 -1.05 -3.28
N SER A 6 -16.57 -0.94 -4.12
CA SER A 6 -17.13 -2.10 -4.80
C SER A 6 -16.22 -2.58 -5.92
N GLY A 7 -16.14 -3.90 -6.09
CA GLY A 7 -15.30 -4.47 -7.12
C GLY A 7 -13.96 -4.95 -6.59
N PRO A 8 -14.00 -6.05 -5.82
CA PRO A 8 -12.78 -6.63 -5.23
C PRO A 8 -11.97 -7.43 -6.25
N ASN A 9 -10.66 -7.40 -6.09
CA ASN A 9 -9.76 -8.11 -7.00
C ASN A 9 -8.87 -9.09 -6.24
N ARG A 10 -8.24 -10.01 -6.95
CA ARG A 10 -7.36 -10.99 -6.34
C ARG A 10 -6.01 -11.03 -7.06
N ARG A 11 -4.99 -10.44 -6.43
CA ARG A 11 -3.65 -10.41 -7.00
C ARG A 11 -2.60 -10.23 -5.92
N ALA A 12 -1.87 -11.30 -5.62
CA ALA A 12 -0.82 -11.26 -4.61
C ALA A 12 0.45 -11.94 -5.09
N ASP A 13 1.56 -11.62 -4.46
CA ASP A 13 2.85 -12.21 -4.82
C ASP A 13 3.89 -11.97 -3.73
N ASP A 14 4.83 -12.89 -3.61
CA ASP A 14 5.89 -12.79 -2.61
C ASP A 14 6.79 -11.59 -2.90
N ASN A 15 6.45 -10.44 -2.34
CA ASN A 15 7.23 -9.23 -2.54
C ASN A 15 6.76 -8.12 -1.60
N ALA A 16 7.41 -6.95 -1.69
CA ALA A 16 7.05 -5.82 -0.86
C ALA A 16 5.82 -5.12 -1.38
N THR A 17 4.68 -5.36 -0.73
CA THR A 17 3.42 -4.75 -1.13
C THR A 17 2.60 -4.32 0.08
N ILE A 18 2.00 -3.14 -0.02
CA ILE A 18 1.19 -2.61 1.07
C ILE A 18 -0.10 -1.97 0.55
N ARG A 19 -1.18 -2.20 1.27
CA ARG A 19 -2.49 -1.65 0.88
C ARG A 19 -2.82 -0.41 1.70
N VAL A 20 -3.56 0.51 1.08
CA VAL A 20 -3.96 1.74 1.75
C VAL A 20 -5.42 2.07 1.49
N THR A 21 -6.10 2.62 2.50
CA THR A 21 -7.49 2.97 2.37
C THR A 21 -7.78 4.33 3.03
N ASN A 22 -8.94 4.89 2.74
CA ASN A 22 -9.34 6.18 3.29
C ASN A 22 -8.58 7.32 2.63
N LEU A 23 -8.36 7.19 1.32
CA LEU A 23 -7.65 8.21 0.56
C LEU A 23 -8.60 9.25 0.01
N SER A 24 -8.05 10.27 -0.65
CA SER A 24 -8.86 11.33 -1.23
C SER A 24 -8.45 11.59 -2.68
N GLU A 25 -9.30 12.32 -3.40
CA GLU A 25 -9.04 12.64 -4.79
C GLU A 25 -7.88 13.63 -4.93
N ASP A 26 -7.55 14.29 -3.82
CA ASP A 26 -6.47 15.26 -3.80
C ASP A 26 -5.12 14.57 -3.60
N THR A 27 -5.12 13.25 -3.69
CA THR A 27 -3.90 12.46 -3.52
C THR A 27 -3.76 11.42 -4.62
N ARG A 28 -2.78 11.61 -5.49
CA ARG A 28 -2.54 10.68 -6.59
C ARG A 28 -1.20 9.96 -6.40
N GLU A 29 -0.85 9.14 -7.38
CA GLU A 29 0.39 8.37 -7.33
C GLU A 29 1.57 9.28 -6.96
N THR A 30 1.80 10.30 -7.76
CA THR A 30 2.89 11.24 -7.52
C THR A 30 2.80 11.84 -6.13
N ASP A 31 1.58 11.90 -5.59
CA ASP A 31 1.36 12.45 -4.26
C ASP A 31 1.77 11.45 -3.18
N LEU A 32 1.64 10.17 -3.50
CA LEU A 32 2.00 9.11 -2.56
C LEU A 32 3.48 8.76 -2.67
N GLN A 33 4.04 8.94 -3.86
CA GLN A 33 5.45 8.64 -4.09
C GLN A 33 6.34 9.42 -3.13
N GLU A 34 5.86 10.60 -2.72
CA GLU A 34 6.61 11.45 -1.81
C GLU A 34 6.26 11.13 -0.36
N LEU A 35 5.15 10.42 -0.16
CA LEU A 35 4.72 10.04 1.17
C LEU A 35 5.41 8.78 1.65
N PHE A 36 5.62 7.84 0.72
CA PHE A 36 6.28 6.59 1.05
C PHE A 36 7.76 6.65 0.70
N ARG A 37 8.24 7.84 0.41
CA ARG A 37 9.66 8.05 0.06
C ARG A 37 10.52 8.07 1.31
N PRO A 38 10.06 8.82 2.33
CA PRO A 38 10.79 8.95 3.60
C PRO A 38 11.25 7.61 4.16
N PHE A 39 10.64 6.54 3.65
CA PHE A 39 10.99 5.19 4.09
C PHE A 39 12.02 4.55 3.17
N GLY A 40 11.93 4.88 1.87
CA GLY A 40 12.87 4.33 0.91
C GLY A 40 12.43 4.59 -0.52
N SER A 41 12.96 3.80 -1.45
CA SER A 41 12.63 3.95 -2.86
C SER A 41 11.42 3.09 -3.23
N ILE A 42 10.50 3.67 -3.98
CA ILE A 42 9.30 2.95 -4.40
C ILE A 42 9.49 2.32 -5.77
N SER A 43 8.99 1.09 -5.93
CA SER A 43 9.12 0.38 -7.19
C SER A 43 7.89 0.61 -8.07
N ARG A 44 6.71 0.44 -7.48
CA ARG A 44 5.46 0.64 -8.19
C ARG A 44 4.40 1.26 -7.30
N ILE A 45 3.51 2.06 -7.90
CA ILE A 45 2.45 2.72 -7.15
C ILE A 45 1.11 2.55 -7.85
N TYR A 46 0.25 1.73 -7.26
CA TYR A 46 -1.08 1.50 -7.84
C TYR A 46 -2.12 2.40 -7.19
N LEU A 47 -3.09 2.84 -7.99
CA LEU A 47 -4.15 3.71 -7.49
C LEU A 47 -5.52 3.19 -7.92
N ALA A 48 -6.36 2.88 -6.94
CA ALA A 48 -7.70 2.39 -7.21
C ALA A 48 -8.53 3.42 -7.96
N LYS A 49 -8.87 3.12 -9.21
CA LYS A 49 -9.66 4.03 -10.02
C LYS A 49 -10.86 3.30 -10.64
N ASP A 50 -11.96 4.02 -10.81
CA ASP A 50 -13.17 3.45 -11.39
C ASP A 50 -12.96 3.11 -12.86
N LYS A 51 -14.00 2.61 -13.51
CA LYS A 51 -13.93 2.25 -14.92
C LYS A 51 -14.98 3.01 -15.73
N THR A 52 -15.96 3.58 -15.04
CA THR A 52 -17.02 4.33 -15.69
C THR A 52 -16.80 5.83 -15.56
N THR A 53 -16.55 6.28 -14.32
CA THR A 53 -16.32 7.69 -14.07
C THR A 53 -14.83 8.01 -14.03
N GLY A 54 -14.01 6.96 -14.06
CA GLY A 54 -12.57 7.15 -14.03
C GLY A 54 -12.12 7.99 -12.85
N GLN A 55 -12.82 7.84 -11.73
CA GLN A 55 -12.48 8.60 -10.52
C GLN A 55 -11.67 7.73 -9.55
N SER A 56 -11.29 8.33 -8.43
CA SER A 56 -10.51 7.62 -7.42
C SER A 56 -11.43 6.93 -6.41
N LYS A 57 -11.28 5.61 -6.30
CA LYS A 57 -12.09 4.82 -5.38
C LYS A 57 -11.85 5.26 -3.94
N GLY A 58 -10.71 4.87 -3.40
CA GLY A 58 -10.38 5.23 -2.03
C GLY A 58 -9.35 4.30 -1.41
N PHE A 59 -8.44 3.81 -2.24
CA PHE A 59 -7.39 2.89 -1.77
C PHE A 59 -6.30 2.74 -2.82
N ALA A 60 -5.07 2.52 -2.35
CA ALA A 60 -3.93 2.36 -3.25
C ALA A 60 -2.99 1.25 -2.76
N PHE A 61 -2.09 0.82 -3.62
CA PHE A 61 -1.14 -0.23 -3.27
C PHE A 61 0.27 0.16 -3.70
N ILE A 62 1.15 0.32 -2.72
CA ILE A 62 2.54 0.68 -2.99
C ILE A 62 3.46 -0.53 -2.89
N SER A 63 4.31 -0.71 -3.88
CA SER A 63 5.24 -1.83 -3.91
C SER A 63 6.67 -1.35 -3.69
N PHE A 64 7.24 -1.74 -2.54
CA PHE A 64 8.61 -1.34 -2.20
C PHE A 64 9.62 -2.29 -2.84
N HIS A 65 10.90 -2.00 -2.64
CA HIS A 65 11.97 -2.83 -3.19
C HIS A 65 12.42 -3.87 -2.18
N ARG A 66 12.32 -3.53 -0.90
CA ARG A 66 12.73 -4.44 0.17
C ARG A 66 11.57 -4.69 1.13
N ARG A 67 11.78 -5.63 2.05
CA ARG A 67 10.74 -5.99 3.02
C ARG A 67 10.79 -5.04 4.21
N GLU A 68 11.97 -4.50 4.50
CA GLU A 68 12.15 -3.59 5.62
C GLU A 68 11.53 -2.23 5.31
N ASP A 69 11.97 -1.62 4.21
CA ASP A 69 11.45 -0.31 3.80
C ASP A 69 9.93 -0.33 3.72
N ALA A 70 9.38 -1.47 3.31
CA ALA A 70 7.93 -1.61 3.18
C ALA A 70 7.26 -1.54 4.55
N ALA A 71 7.90 -2.12 5.56
CA ALA A 71 7.36 -2.12 6.91
C ALA A 71 7.45 -0.73 7.53
N ARG A 72 8.54 -0.04 7.25
CA ARG A 72 8.75 1.31 7.78
C ARG A 72 7.50 2.16 7.59
N ALA A 73 6.89 2.06 6.42
CA ALA A 73 5.69 2.84 6.11
C ALA A 73 4.52 2.40 6.99
N ILE A 74 4.10 1.15 6.83
CA ILE A 74 3.00 0.61 7.61
C ILE A 74 3.03 1.12 9.05
N ALA A 75 4.24 1.34 9.56
CA ALA A 75 4.43 1.83 10.92
C ALA A 75 4.05 3.30 11.02
N GLY A 76 4.44 4.09 10.03
CA GLY A 76 4.13 5.50 10.04
C GLY A 76 2.76 5.80 9.46
N VAL A 77 2.58 5.50 8.18
CA VAL A 77 1.30 5.74 7.51
C VAL A 77 0.13 5.37 8.42
N SER A 78 0.30 4.29 9.19
CA SER A 78 -0.75 3.84 10.10
C SER A 78 -1.14 4.94 11.08
N GLY A 79 -2.43 5.21 11.18
CA GLY A 79 -2.91 6.24 12.08
C GLY A 79 -2.47 7.63 11.66
N PHE A 80 -2.09 7.77 10.40
CA PHE A 80 -1.64 9.06 9.88
C PHE A 80 -2.83 9.94 9.52
N GLY A 81 -2.63 11.25 9.57
CA GLY A 81 -3.68 12.19 9.24
C GLY A 81 -3.56 12.76 7.84
N TYR A 82 -4.24 12.13 6.89
CA TYR A 82 -4.19 12.59 5.50
C TYR A 82 -5.54 13.13 5.05
N ASP A 83 -5.54 14.38 4.59
CA ASP A 83 -6.77 15.02 4.14
C ASP A 83 -7.83 15.01 5.24
N HIS A 84 -7.44 15.44 6.43
CA HIS A 84 -8.35 15.49 7.57
C HIS A 84 -9.10 14.16 7.71
N LEU A 85 -8.42 13.07 7.41
CA LEU A 85 -9.02 11.74 7.51
C LEU A 85 -8.04 10.74 8.11
N ILE A 86 -8.55 9.57 8.48
CA ILE A 86 -7.71 8.53 9.07
C ILE A 86 -7.26 7.53 8.02
N LEU A 87 -6.00 7.64 7.61
CA LEU A 87 -5.43 6.75 6.61
C LEU A 87 -5.10 5.38 7.22
N ASN A 88 -5.55 4.32 6.55
CA ASN A 88 -5.30 2.96 7.02
C ASN A 88 -4.39 2.21 6.05
N VAL A 89 -3.45 1.44 6.61
CA VAL A 89 -2.52 0.67 5.79
C VAL A 89 -2.22 -0.69 6.43
N GLU A 90 -2.03 -1.69 5.60
CA GLU A 90 -1.74 -3.03 6.09
C GLU A 90 -1.16 -3.91 4.96
N TRP A 91 -0.31 -4.85 5.35
CA TRP A 91 0.32 -5.75 4.38
C TRP A 91 -0.74 -6.42 3.50
N ALA A 92 -0.64 -6.19 2.19
CA ALA A 92 -1.59 -6.77 1.25
C ALA A 92 -1.78 -8.26 1.51
N LYS A 93 -0.68 -8.95 1.80
CA LYS A 93 -0.72 -10.38 2.07
C LYS A 93 -0.58 -10.66 3.56
N PRO A 94 -1.30 -11.67 4.05
CA PRO A 94 -1.28 -12.06 5.47
C PRO A 94 0.15 -12.17 6.01
N SER A 95 1.00 -12.87 5.27
CA SER A 95 2.39 -13.06 5.67
C SER A 95 2.48 -13.90 6.94
N THR A 96 1.64 -14.93 7.01
CA THR A 96 1.62 -15.83 8.17
C THR A 96 3.00 -16.43 8.42
N ASN A 97 3.60 -16.96 7.36
CA ASN A 97 4.92 -17.58 7.45
C ASN A 97 6.02 -16.51 7.45
N SER A 98 6.33 -16.00 8.64
CA SER A 98 7.36 -14.97 8.78
C SER A 98 8.58 -15.53 9.51
N GLY A 99 9.49 -16.14 8.76
CA GLY A 99 10.68 -16.70 9.35
C GLY A 99 10.86 -18.18 9.03
N PRO A 100 12.11 -18.65 9.02
CA PRO A 100 12.44 -20.04 8.74
C PRO A 100 11.52 -21.01 9.48
N SER A 101 11.27 -22.17 8.88
CA SER A 101 10.41 -23.18 9.48
C SER A 101 10.97 -23.62 10.84
N SER A 102 10.41 -23.07 11.91
CA SER A 102 10.85 -23.40 13.25
C SER A 102 9.66 -23.66 14.16
N GLY A 103 9.79 -24.65 15.04
CA GLY A 103 8.72 -24.99 15.95
C GLY A 103 7.35 -24.99 15.28
N GLY A 1 13.50 -7.62 19.21
CA GLY A 1 13.00 -6.53 20.01
C GLY A 1 13.60 -6.52 21.41
N SER A 2 13.00 -7.27 22.32
CA SER A 2 13.48 -7.34 23.69
C SER A 2 14.92 -7.83 23.74
N SER A 3 15.82 -7.00 24.24
CA SER A 3 17.23 -7.35 24.35
C SER A 3 17.67 -8.19 23.14
N GLY A 4 17.28 -7.73 21.95
CA GLY A 4 17.65 -8.45 20.74
C GLY A 4 16.92 -9.77 20.60
N SER A 5 15.59 -9.73 20.70
CA SER A 5 14.78 -10.93 20.60
C SER A 5 14.34 -11.17 19.16
N SER A 6 14.85 -12.26 18.57
CA SER A 6 14.51 -12.59 17.19
C SER A 6 14.19 -14.09 17.06
N GLY A 7 13.26 -14.41 16.17
CA GLY A 7 12.88 -15.80 15.98
C GLY A 7 11.70 -15.94 15.03
N PRO A 8 11.98 -15.88 13.72
CA PRO A 8 10.94 -16.00 12.68
C PRO A 8 10.50 -17.45 12.48
N ASN A 9 9.30 -17.76 12.92
CA ASN A 9 8.75 -19.11 12.78
C ASN A 9 8.32 -19.38 11.34
N ARG A 10 7.34 -18.61 10.88
CA ARG A 10 6.83 -18.75 9.52
C ARG A 10 6.00 -17.55 9.11
N ARG A 11 5.85 -17.35 7.81
CA ARG A 11 5.07 -16.23 7.29
C ARG A 11 4.70 -16.45 5.83
N ALA A 12 3.56 -15.89 5.43
CA ALA A 12 3.09 -16.03 4.05
C ALA A 12 3.68 -14.95 3.15
N ASP A 13 3.77 -13.74 3.68
CA ASP A 13 4.31 -12.61 2.92
C ASP A 13 5.49 -13.06 2.07
N ASP A 14 5.51 -12.62 0.81
CA ASP A 14 6.58 -12.98 -0.10
C ASP A 14 7.24 -11.72 -0.68
N ASN A 15 6.45 -10.92 -1.39
CA ASN A 15 6.96 -9.69 -1.98
C ASN A 15 6.65 -8.48 -1.10
N ALA A 16 7.29 -7.35 -1.41
CA ALA A 16 7.07 -6.14 -0.64
C ALA A 16 5.90 -5.33 -1.20
N THR A 17 4.72 -5.54 -0.61
CA THR A 17 3.52 -4.84 -1.05
C THR A 17 2.69 -4.38 0.14
N ILE A 18 2.05 -3.22 0.00
CA ILE A 18 1.23 -2.67 1.06
C ILE A 18 -0.02 -2.00 0.49
N ARG A 19 -1.13 -2.11 1.23
CA ARG A 19 -2.39 -1.52 0.81
C ARG A 19 -2.70 -0.26 1.62
N VAL A 20 -3.51 0.62 1.05
CA VAL A 20 -3.89 1.86 1.72
C VAL A 20 -5.35 2.20 1.47
N THR A 21 -6.03 2.66 2.52
CA THR A 21 -7.44 3.01 2.42
C THR A 21 -7.71 4.37 3.06
N ASN A 22 -8.85 4.96 2.71
CA ASN A 22 -9.23 6.27 3.25
C ASN A 22 -8.41 7.38 2.60
N LEU A 23 -8.34 7.35 1.27
CA LEU A 23 -7.59 8.36 0.52
C LEU A 23 -8.53 9.37 -0.12
N SER A 24 -8.08 10.62 -0.20
CA SER A 24 -8.88 11.69 -0.80
C SER A 24 -8.70 11.73 -2.31
N GLU A 25 -9.69 12.29 -3.00
CA GLU A 25 -9.64 12.39 -4.45
C GLU A 25 -8.52 13.34 -4.90
N ASP A 26 -7.90 14.00 -3.93
CA ASP A 26 -6.82 14.94 -4.22
C ASP A 26 -5.46 14.28 -4.00
N THR A 27 -5.47 12.97 -3.79
CA THR A 27 -4.24 12.23 -3.57
C THR A 27 -3.99 11.22 -4.69
N ARG A 28 -3.02 11.53 -5.54
CA ARG A 28 -2.69 10.65 -6.67
C ARG A 28 -1.38 9.91 -6.40
N GLU A 29 -1.03 8.99 -7.30
CA GLU A 29 0.20 8.22 -7.17
C GLU A 29 1.39 9.12 -6.84
N THR A 30 1.67 10.07 -7.73
CA THR A 30 2.77 11.00 -7.54
C THR A 30 2.66 11.71 -6.20
N ASP A 31 1.46 11.74 -5.64
CA ASP A 31 1.22 12.39 -4.35
C ASP A 31 1.64 11.48 -3.21
N LEU A 32 1.53 10.17 -3.42
CA LEU A 32 1.90 9.20 -2.40
C LEU A 32 3.36 8.80 -2.53
N GLN A 33 3.88 8.90 -3.75
CA GLN A 33 5.28 8.55 -4.01
C GLN A 33 6.22 9.34 -3.10
N GLU A 34 5.77 10.52 -2.67
CA GLU A 34 6.57 11.36 -1.79
C GLU A 34 6.27 11.08 -0.34
N LEU A 35 5.14 10.43 -0.08
CA LEU A 35 4.74 10.09 1.28
C LEU A 35 5.43 8.81 1.76
N PHE A 36 5.61 7.87 0.83
CA PHE A 36 6.26 6.60 1.16
C PHE A 36 7.74 6.63 0.74
N ARG A 37 8.23 7.81 0.40
CA ARG A 37 9.62 7.98 -0.01
C ARG A 37 10.54 8.01 1.19
N PRO A 38 10.16 8.76 2.23
CA PRO A 38 10.94 8.90 3.46
C PRO A 38 11.39 7.54 4.01
N PHE A 39 10.74 6.48 3.54
CA PHE A 39 11.07 5.13 3.98
C PHE A 39 12.07 4.48 3.04
N GLY A 40 11.98 4.83 1.76
CA GLY A 40 12.89 4.27 0.77
C GLY A 40 12.45 4.57 -0.65
N SER A 41 13.04 3.87 -1.61
CA SER A 41 12.72 4.07 -3.02
C SER A 41 11.59 3.14 -3.45
N ILE A 42 10.40 3.70 -3.64
CA ILE A 42 9.24 2.91 -4.06
C ILE A 42 9.49 2.24 -5.40
N SER A 43 8.86 1.08 -5.60
CA SER A 43 9.02 0.33 -6.83
C SER A 43 7.84 0.60 -7.79
N ARG A 44 6.64 0.55 -7.25
CA ARG A 44 5.43 0.78 -8.05
C ARG A 44 4.32 1.39 -7.19
N ILE A 45 3.52 2.25 -7.81
CA ILE A 45 2.42 2.90 -7.10
C ILE A 45 1.10 2.70 -7.84
N TYR A 46 0.24 1.85 -7.29
CA TYR A 46 -1.06 1.57 -7.89
C TYR A 46 -2.16 2.37 -7.22
N LEU A 47 -3.19 2.71 -7.98
CA LEU A 47 -4.31 3.49 -7.46
C LEU A 47 -5.63 2.98 -8.04
N ALA A 48 -6.58 2.71 -7.15
CA ALA A 48 -7.89 2.23 -7.56
C ALA A 48 -8.73 3.34 -8.18
N LYS A 49 -8.96 3.26 -9.49
CA LYS A 49 -9.73 4.26 -10.19
C LYS A 49 -10.79 3.61 -11.09
N ASP A 50 -12.00 4.15 -11.05
CA ASP A 50 -13.09 3.62 -11.86
C ASP A 50 -12.95 4.04 -13.32
N LYS A 51 -13.11 3.07 -14.22
CA LYS A 51 -12.99 3.35 -15.66
C LYS A 51 -14.31 3.85 -16.22
N THR A 52 -15.41 3.28 -15.72
CA THR A 52 -16.74 3.68 -16.18
C THR A 52 -17.05 5.13 -15.83
N THR A 53 -16.53 5.57 -14.68
CA THR A 53 -16.75 6.94 -14.22
C THR A 53 -15.49 7.78 -14.40
N GLY A 54 -14.37 7.27 -13.91
CA GLY A 54 -13.11 7.99 -14.02
C GLY A 54 -12.72 8.68 -12.73
N GLN A 55 -13.16 8.11 -11.60
CA GLN A 55 -12.85 8.69 -10.30
C GLN A 55 -11.96 7.75 -9.49
N SER A 56 -11.50 8.23 -8.34
CA SER A 56 -10.63 7.44 -7.47
C SER A 56 -11.44 6.71 -6.41
N LYS A 57 -11.46 5.38 -6.51
CA LYS A 57 -12.20 4.56 -5.56
C LYS A 57 -12.01 5.06 -4.13
N GLY A 58 -10.79 4.91 -3.61
CA GLY A 58 -10.51 5.36 -2.27
C GLY A 58 -9.45 4.51 -1.58
N PHE A 59 -8.51 4.00 -2.36
CA PHE A 59 -7.44 3.16 -1.83
C PHE A 59 -6.32 2.98 -2.85
N ALA A 60 -5.15 2.58 -2.37
CA ALA A 60 -4.00 2.37 -3.25
C ALA A 60 -3.09 1.28 -2.70
N PHE A 61 -2.19 0.79 -3.55
CA PHE A 61 -1.25 -0.26 -3.16
C PHE A 61 0.17 0.10 -3.56
N ILE A 62 1.01 0.36 -2.56
CA ILE A 62 2.40 0.71 -2.81
C ILE A 62 3.30 -0.51 -2.73
N SER A 63 4.13 -0.70 -3.76
CA SER A 63 5.04 -1.84 -3.80
C SER A 63 6.48 -1.39 -3.56
N PHE A 64 7.07 -1.90 -2.49
CA PHE A 64 8.44 -1.56 -2.14
C PHE A 64 9.43 -2.55 -2.75
N HIS A 65 10.72 -2.32 -2.51
CA HIS A 65 11.76 -3.20 -3.04
C HIS A 65 12.17 -4.24 -2.00
N ARG A 66 12.18 -3.84 -0.72
CA ARG A 66 12.55 -4.74 0.36
C ARG A 66 11.43 -4.83 1.40
N ARG A 67 11.52 -5.84 2.26
CA ARG A 67 10.52 -6.04 3.30
C ARG A 67 10.63 -4.96 4.38
N GLU A 68 11.87 -4.57 4.70
CA GLU A 68 12.11 -3.55 5.70
C GLU A 68 11.46 -2.24 5.31
N ASP A 69 12.00 -1.60 4.27
CA ASP A 69 11.46 -0.33 3.79
C ASP A 69 9.94 -0.36 3.72
N ALA A 70 9.40 -1.53 3.39
CA ALA A 70 7.96 -1.70 3.29
C ALA A 70 7.28 -1.56 4.65
N ALA A 71 7.90 -2.17 5.67
CA ALA A 71 7.36 -2.11 7.02
C ALA A 71 7.47 -0.70 7.60
N ARG A 72 8.57 -0.02 7.27
CA ARG A 72 8.80 1.32 7.75
C ARG A 72 7.58 2.21 7.52
N ALA A 73 6.97 2.06 6.35
CA ALA A 73 5.79 2.84 6.01
C ALA A 73 4.61 2.49 6.90
N ILE A 74 4.11 1.26 6.76
CA ILE A 74 2.98 0.80 7.57
C ILE A 74 3.08 1.32 9.00
N ALA A 75 4.30 1.31 9.55
CA ALA A 75 4.53 1.78 10.91
C ALA A 75 4.14 3.25 11.06
N GLY A 76 4.74 4.10 10.22
CA GLY A 76 4.45 5.52 10.28
C GLY A 76 3.07 5.85 9.75
N VAL A 77 2.86 5.61 8.46
CA VAL A 77 1.57 5.88 7.84
C VAL A 77 0.42 5.50 8.76
N SER A 78 0.54 4.34 9.41
CA SER A 78 -0.48 3.85 10.32
C SER A 78 -0.89 4.94 11.31
N GLY A 79 -2.16 5.36 11.23
CA GLY A 79 -2.65 6.39 12.12
C GLY A 79 -2.29 7.79 11.65
N PHE A 80 -1.98 7.92 10.37
CA PHE A 80 -1.62 9.21 9.80
C PHE A 80 -2.85 10.06 9.55
N GLY A 81 -2.65 11.38 9.53
CA GLY A 81 -3.76 12.30 9.31
C GLY A 81 -3.75 12.89 7.91
N TYR A 82 -4.17 12.10 6.94
CA TYR A 82 -4.20 12.55 5.55
C TYR A 82 -5.57 13.12 5.19
N ASP A 83 -5.56 14.31 4.61
CA ASP A 83 -6.81 14.98 4.21
C ASP A 83 -7.83 14.93 5.34
N HIS A 84 -7.43 15.41 6.52
CA HIS A 84 -8.31 15.42 7.68
C HIS A 84 -8.97 14.06 7.87
N LEU A 85 -8.25 13.00 7.52
CA LEU A 85 -8.78 11.65 7.66
C LEU A 85 -7.72 10.72 8.24
N ILE A 86 -8.16 9.55 8.71
CA ILE A 86 -7.26 8.57 9.29
C ILE A 86 -6.84 7.53 8.25
N LEU A 87 -5.70 7.75 7.62
CA LEU A 87 -5.19 6.83 6.61
C LEU A 87 -4.87 5.48 7.22
N ASN A 88 -5.29 4.42 6.54
CA ASN A 88 -5.05 3.05 7.01
C ASN A 88 -4.20 2.28 6.02
N VAL A 89 -3.16 1.63 6.53
CA VAL A 89 -2.26 0.84 5.69
C VAL A 89 -2.03 -0.54 6.28
N GLU A 90 -1.95 -1.54 5.40
CA GLU A 90 -1.73 -2.92 5.82
C GLU A 90 -0.87 -3.68 4.83
N TRP A 91 -0.48 -4.89 5.19
CA TRP A 91 0.35 -5.71 4.32
C TRP A 91 -0.51 -6.42 3.26
N ALA A 92 -0.14 -6.23 1.99
CA ALA A 92 -0.87 -6.85 0.89
C ALA A 92 -0.15 -8.09 0.39
N LYS A 93 -0.92 -9.09 -0.03
CA LYS A 93 -0.36 -10.33 -0.54
C LYS A 93 -1.46 -11.25 -1.08
N PRO A 94 -1.56 -11.34 -2.40
CA PRO A 94 -2.56 -12.18 -3.07
C PRO A 94 -2.20 -13.66 -3.01
N SER A 95 -2.76 -14.36 -2.02
CA SER A 95 -2.50 -15.78 -1.86
C SER A 95 -2.82 -16.56 -3.14
N THR A 96 -3.93 -16.19 -3.78
CA THR A 96 -4.35 -16.85 -5.01
C THR A 96 -3.58 -16.30 -6.21
N ASN A 97 -2.67 -17.12 -6.73
CA ASN A 97 -1.87 -16.73 -7.89
C ASN A 97 -2.28 -17.51 -9.13
N SER A 98 -2.33 -16.82 -10.26
CA SER A 98 -2.70 -17.44 -11.52
C SER A 98 -1.64 -17.21 -12.59
N GLY A 99 -0.72 -18.17 -12.72
CA GLY A 99 0.34 -18.05 -13.71
C GLY A 99 -0.19 -17.68 -15.08
N PRO A 100 0.74 -17.39 -16.01
CA PRO A 100 0.38 -17.02 -17.39
C PRO A 100 -0.02 -18.23 -18.23
N SER A 101 -0.27 -17.99 -19.51
CA SER A 101 -0.66 -19.06 -20.43
C SER A 101 0.10 -18.96 -21.74
N SER A 102 1.28 -19.58 -21.78
CA SER A 102 2.12 -19.56 -22.97
C SER A 102 2.30 -20.97 -23.53
N GLY A 103 2.58 -21.06 -24.82
CA GLY A 103 2.77 -22.35 -25.45
C GLY A 103 3.94 -22.36 -26.41
N GLY A 1 -9.18 7.30 18.34
CA GLY A 1 -9.35 5.93 17.88
C GLY A 1 -8.03 5.21 17.72
N SER A 2 -8.08 3.95 17.30
CA SER A 2 -6.87 3.15 17.11
C SER A 2 -7.19 1.87 16.35
N SER A 3 -6.15 1.29 15.74
CA SER A 3 -6.31 0.06 14.98
C SER A 3 -5.18 -0.92 15.26
N GLY A 4 -5.25 -2.10 14.65
CA GLY A 4 -4.22 -3.10 14.86
C GLY A 4 -3.91 -3.89 13.59
N SER A 5 -3.32 -5.06 13.76
CA SER A 5 -2.96 -5.90 12.61
C SER A 5 -3.04 -7.38 13.00
N SER A 6 -2.99 -8.25 11.99
CA SER A 6 -3.06 -9.68 12.21
C SER A 6 -2.22 -10.43 11.17
N GLY A 7 -1.61 -11.54 11.61
CA GLY A 7 -0.79 -12.33 10.71
C GLY A 7 -0.25 -13.58 11.37
N PRO A 8 -1.10 -14.60 11.48
CA PRO A 8 -0.72 -15.88 12.10
C PRO A 8 0.12 -16.74 11.17
N ASN A 9 0.39 -16.22 9.98
CA ASN A 9 1.20 -16.96 9.00
C ASN A 9 2.69 -16.81 9.30
N ARG A 10 3.52 -17.36 8.42
CA ARG A 10 4.97 -17.29 8.59
C ARG A 10 5.66 -17.08 7.25
N ARG A 11 6.53 -16.08 7.18
CA ARG A 11 7.26 -15.78 5.96
C ARG A 11 6.39 -16.03 4.73
N ALA A 12 5.19 -15.48 4.73
CA ALA A 12 4.26 -15.65 3.62
C ALA A 12 4.47 -14.58 2.55
N ASP A 13 4.54 -13.32 2.99
CA ASP A 13 4.75 -12.21 2.08
C ASP A 13 5.85 -12.52 1.07
N ASP A 14 5.46 -12.70 -0.18
CA ASP A 14 6.41 -13.01 -1.24
C ASP A 14 7.21 -11.77 -1.63
N ASN A 15 6.53 -10.64 -1.77
CA ASN A 15 7.18 -9.39 -2.15
C ASN A 15 6.75 -8.26 -1.21
N ALA A 16 7.45 -7.13 -1.30
CA ALA A 16 7.14 -5.98 -0.46
C ALA A 16 5.97 -5.18 -1.04
N THR A 17 4.77 -5.46 -0.53
CA THR A 17 3.58 -4.77 -0.99
C THR A 17 2.72 -4.29 0.19
N ILE A 18 2.11 -3.12 0.04
CA ILE A 18 1.27 -2.55 1.08
C ILE A 18 -0.01 -1.96 0.50
N ARG A 19 -1.09 -2.07 1.26
CA ARG A 19 -2.39 -1.55 0.83
C ARG A 19 -2.75 -0.28 1.60
N VAL A 20 -3.45 0.63 0.93
CA VAL A 20 -3.87 1.88 1.55
C VAL A 20 -5.36 2.12 1.36
N THR A 21 -6.01 2.63 2.40
CA THR A 21 -7.44 2.92 2.35
C THR A 21 -7.76 4.25 3.00
N ASN A 22 -8.98 4.75 2.76
CA ASN A 22 -9.41 6.02 3.33
C ASN A 22 -8.60 7.17 2.75
N LEU A 23 -8.47 7.20 1.43
CA LEU A 23 -7.72 8.25 0.75
C LEU A 23 -8.64 9.38 0.31
N SER A 24 -8.06 10.42 -0.28
CA SER A 24 -8.83 11.56 -0.75
C SER A 24 -8.75 11.69 -2.26
N GLU A 25 -9.71 12.40 -2.84
CA GLU A 25 -9.76 12.59 -4.29
C GLU A 25 -8.57 13.43 -4.76
N ASP A 26 -7.90 14.08 -3.81
CA ASP A 26 -6.74 14.91 -4.12
C ASP A 26 -5.45 14.17 -3.84
N THR A 27 -5.53 12.84 -3.78
CA THR A 27 -4.36 12.01 -3.52
C THR A 27 -4.08 11.06 -4.67
N ARG A 28 -3.15 11.45 -5.54
CA ARG A 28 -2.80 10.63 -6.69
C ARG A 28 -1.50 9.85 -6.43
N GLU A 29 -1.12 9.02 -7.39
CA GLU A 29 0.09 8.21 -7.27
C GLU A 29 1.29 9.08 -6.91
N THR A 30 1.39 10.23 -7.57
CA THR A 30 2.49 11.16 -7.32
C THR A 30 2.40 11.77 -5.93
N ASP A 31 1.18 11.83 -5.39
CA ASP A 31 0.96 12.39 -4.07
C ASP A 31 1.39 11.41 -2.99
N LEU A 32 1.42 10.13 -3.33
CA LEU A 32 1.81 9.08 -2.39
C LEU A 32 3.28 8.72 -2.55
N GLN A 33 3.77 8.81 -3.78
CA GLN A 33 5.17 8.50 -4.08
C GLN A 33 6.11 9.28 -3.15
N GLU A 34 5.70 10.49 -2.79
CA GLU A 34 6.50 11.33 -1.91
C GLU A 34 6.19 11.04 -0.45
N LEU A 35 5.07 10.37 -0.21
CA LEU A 35 4.64 10.04 1.14
C LEU A 35 5.37 8.80 1.65
N PHE A 36 5.56 7.83 0.76
CA PHE A 36 6.24 6.59 1.11
C PHE A 36 7.73 6.66 0.75
N ARG A 37 8.19 7.86 0.42
CA ARG A 37 9.59 8.06 0.06
C ARG A 37 10.47 8.12 1.30
N PRO A 38 10.01 8.86 2.32
CA PRO A 38 10.73 9.02 3.58
C PRO A 38 11.23 7.70 4.13
N PHE A 39 10.64 6.60 3.66
CA PHE A 39 11.03 5.27 4.11
C PHE A 39 12.05 4.65 3.16
N GLY A 40 11.93 4.96 1.87
CA GLY A 40 12.85 4.43 0.89
C GLY A 40 12.41 4.71 -0.53
N SER A 41 12.96 3.96 -1.48
CA SER A 41 12.63 4.15 -2.89
C SER A 41 11.51 3.20 -3.31
N ILE A 42 10.38 3.77 -3.72
CA ILE A 42 9.24 2.97 -4.15
C ILE A 42 9.51 2.30 -5.49
N SER A 43 8.99 1.09 -5.67
CA SER A 43 9.17 0.35 -6.91
C SER A 43 7.99 0.56 -7.85
N ARG A 44 6.78 0.54 -7.29
CA ARG A 44 5.57 0.73 -8.08
C ARG A 44 4.46 1.34 -7.23
N ILE A 45 3.59 2.12 -7.88
CA ILE A 45 2.49 2.76 -7.18
C ILE A 45 1.16 2.52 -7.91
N TYR A 46 0.33 1.65 -7.35
CA TYR A 46 -0.96 1.32 -7.94
C TYR A 46 -2.08 2.11 -7.27
N LEU A 47 -3.03 2.57 -8.07
CA LEU A 47 -4.17 3.33 -7.55
C LEU A 47 -5.48 2.79 -8.11
N ALA A 48 -6.45 2.58 -7.22
CA ALA A 48 -7.75 2.08 -7.60
C ALA A 48 -8.55 3.14 -8.36
N LYS A 49 -9.01 2.80 -9.56
CA LYS A 49 -9.78 3.72 -10.38
C LYS A 49 -10.97 3.01 -11.02
N ASP A 50 -12.03 3.76 -11.30
CA ASP A 50 -13.23 3.21 -11.90
C ASP A 50 -13.12 3.24 -13.43
N LYS A 51 -14.17 2.79 -14.10
CA LYS A 51 -14.21 2.76 -15.55
C LYS A 51 -15.17 3.81 -16.11
N THR A 52 -16.41 3.75 -15.63
CA THR A 52 -17.44 4.69 -16.08
C THR A 52 -16.97 6.13 -15.92
N THR A 53 -16.89 6.60 -14.69
CA THR A 53 -16.46 7.96 -14.41
C THR A 53 -14.95 8.09 -14.53
N GLY A 54 -14.25 6.96 -14.42
CA GLY A 54 -12.80 6.97 -14.53
C GLY A 54 -12.15 7.76 -13.42
N GLN A 55 -12.73 7.71 -12.23
CA GLN A 55 -12.19 8.43 -11.08
C GLN A 55 -11.55 7.47 -10.08
N SER A 56 -10.84 8.03 -9.11
CA SER A 56 -10.17 7.22 -8.10
C SER A 56 -11.19 6.65 -7.11
N LYS A 57 -11.11 5.34 -6.89
CA LYS A 57 -12.02 4.67 -5.97
C LYS A 57 -11.84 5.18 -4.55
N GLY A 58 -10.75 4.76 -3.90
CA GLY A 58 -10.48 5.19 -2.54
C GLY A 58 -9.44 4.33 -1.85
N PHE A 59 -8.49 3.82 -2.64
CA PHE A 59 -7.43 2.97 -2.09
C PHE A 59 -6.30 2.81 -3.10
N ALA A 60 -5.13 2.43 -2.60
CA ALA A 60 -3.96 2.23 -3.46
C ALA A 60 -3.02 1.19 -2.87
N PHE A 61 -2.09 0.70 -3.70
CA PHE A 61 -1.13 -0.31 -3.27
C PHE A 61 0.28 0.08 -3.67
N ILE A 62 1.13 0.30 -2.68
CA ILE A 62 2.51 0.68 -2.93
C ILE A 62 3.44 -0.52 -2.80
N SER A 63 4.23 -0.77 -3.84
CA SER A 63 5.17 -1.89 -3.85
C SER A 63 6.59 -1.41 -3.57
N PHE A 64 7.16 -1.86 -2.46
CA PHE A 64 8.51 -1.48 -2.08
C PHE A 64 9.54 -2.44 -2.70
N HIS A 65 10.81 -2.21 -2.39
CA HIS A 65 11.89 -3.05 -2.90
C HIS A 65 12.30 -4.10 -1.89
N ARG A 66 12.30 -3.71 -0.61
CA ARG A 66 12.67 -4.62 0.46
C ARG A 66 11.59 -4.67 1.53
N ARG A 67 11.33 -5.86 2.06
CA ARG A 67 10.31 -6.05 3.09
C ARG A 67 10.52 -5.07 4.23
N GLU A 68 11.78 -4.67 4.44
CA GLU A 68 12.12 -3.73 5.51
C GLU A 68 11.50 -2.36 5.24
N ASP A 69 12.01 -1.68 4.23
CA ASP A 69 11.51 -0.36 3.87
C ASP A 69 9.99 -0.36 3.75
N ALA A 70 9.43 -1.50 3.37
CA ALA A 70 7.99 -1.65 3.22
C ALA A 70 7.29 -1.56 4.57
N ALA A 71 7.91 -2.14 5.59
CA ALA A 71 7.34 -2.13 6.93
C ALA A 71 7.44 -0.74 7.56
N ARG A 72 8.51 -0.03 7.25
CA ARG A 72 8.71 1.31 7.78
C ARG A 72 7.49 2.18 7.56
N ALA A 73 6.89 2.06 6.38
CA ALA A 73 5.70 2.83 6.04
C ALA A 73 4.50 2.36 6.84
N ILE A 74 4.05 1.13 6.59
CA ILE A 74 2.91 0.57 7.30
C ILE A 74 2.91 0.99 8.76
N ALA A 75 4.10 1.11 9.34
CA ALA A 75 4.23 1.51 10.74
C ALA A 75 3.99 3.01 10.90
N GLY A 76 4.68 3.80 10.10
CA GLY A 76 4.53 5.24 10.18
C GLY A 76 3.18 5.71 9.69
N VAL A 77 2.87 5.42 8.43
CA VAL A 77 1.60 5.81 7.84
C VAL A 77 0.43 5.43 8.74
N SER A 78 0.63 4.40 9.56
CA SER A 78 -0.40 3.92 10.47
C SER A 78 -0.78 5.00 11.48
N GLY A 79 -1.97 5.57 11.32
CA GLY A 79 -2.43 6.60 12.23
C GLY A 79 -1.97 7.99 11.80
N PHE A 80 -1.75 8.16 10.50
CA PHE A 80 -1.31 9.44 9.96
C PHE A 80 -2.49 10.38 9.75
N GLY A 81 -2.22 11.68 9.78
CA GLY A 81 -3.26 12.67 9.58
C GLY A 81 -3.34 13.16 8.16
N TYR A 82 -3.95 12.36 7.28
CA TYR A 82 -4.09 12.73 5.88
C TYR A 82 -5.45 13.34 5.60
N ASP A 83 -5.46 14.58 5.12
CA ASP A 83 -6.69 15.28 4.81
C ASP A 83 -7.65 15.24 5.99
N HIS A 84 -7.16 15.65 7.16
CA HIS A 84 -7.97 15.65 8.37
C HIS A 84 -8.70 14.33 8.55
N LEU A 85 -8.11 13.26 8.02
CA LEU A 85 -8.69 11.93 8.12
C LEU A 85 -7.66 10.92 8.61
N ILE A 86 -8.13 9.76 9.06
CA ILE A 86 -7.26 8.71 9.55
C ILE A 86 -6.93 7.70 8.46
N LEU A 87 -5.76 7.87 7.84
CA LEU A 87 -5.33 6.98 6.77
C LEU A 87 -5.17 5.55 7.29
N ASN A 88 -5.47 4.58 6.44
CA ASN A 88 -5.35 3.17 6.81
C ASN A 88 -4.36 2.45 5.90
N VAL A 89 -3.54 1.59 6.49
CA VAL A 89 -2.55 0.84 5.73
C VAL A 89 -2.34 -0.55 6.34
N GLU A 90 -1.98 -1.51 5.50
CA GLU A 90 -1.74 -2.87 5.95
C GLU A 90 -1.03 -3.70 4.87
N TRP A 91 -0.27 -4.69 5.31
CA TRP A 91 0.46 -5.55 4.37
C TRP A 91 -0.49 -6.17 3.36
N ALA A 92 -0.18 -6.00 2.07
CA ALA A 92 -1.00 -6.54 1.01
C ALA A 92 -0.49 -7.91 0.56
N LYS A 93 -1.37 -8.71 -0.02
CA LYS A 93 -1.01 -10.04 -0.48
C LYS A 93 -1.92 -10.49 -1.63
N PRO A 94 -1.37 -10.45 -2.85
CA PRO A 94 -2.12 -10.85 -4.05
C PRO A 94 -2.27 -12.35 -4.17
N SER A 95 -3.35 -12.79 -4.81
CA SER A 95 -3.63 -14.21 -5.00
C SER A 95 -2.44 -14.91 -5.65
N THR A 96 -1.95 -14.35 -6.75
CA THR A 96 -0.82 -14.91 -7.48
C THR A 96 0.35 -15.18 -6.54
N ASN A 97 0.83 -16.42 -6.54
CA ASN A 97 1.95 -16.81 -5.69
C ASN A 97 3.28 -16.39 -6.32
N SER A 98 3.55 -16.90 -7.50
CA SER A 98 4.78 -16.58 -8.21
C SER A 98 4.50 -15.83 -9.51
N GLY A 99 4.66 -14.52 -9.48
CA GLY A 99 4.41 -13.70 -10.65
C GLY A 99 5.52 -13.82 -11.68
N PRO A 100 6.51 -12.92 -11.60
CA PRO A 100 7.64 -12.90 -12.53
C PRO A 100 8.67 -13.97 -12.20
N SER A 101 9.06 -14.75 -13.20
CA SER A 101 10.03 -15.82 -13.03
C SER A 101 10.76 -16.11 -14.33
N SER A 102 11.86 -16.86 -14.23
CA SER A 102 12.65 -17.22 -15.40
C SER A 102 13.15 -18.65 -15.31
N GLY A 103 13.02 -19.39 -16.42
CA GLY A 103 13.46 -20.77 -16.44
C GLY A 103 12.38 -21.70 -16.97
N GLY A 1 2.51 11.16 27.59
CA GLY A 1 3.07 9.91 28.08
C GLY A 1 2.38 8.70 27.49
N SER A 2 2.41 8.61 26.15
CA SER A 2 1.79 7.49 25.46
C SER A 2 2.73 6.93 24.39
N SER A 3 2.80 5.60 24.32
CA SER A 3 3.65 4.93 23.35
C SER A 3 2.84 3.99 22.47
N GLY A 4 2.05 3.13 23.10
CA GLY A 4 1.23 2.19 22.36
C GLY A 4 2.05 1.09 21.71
N SER A 5 1.38 0.08 21.18
CA SER A 5 2.05 -1.03 20.53
C SER A 5 1.29 -1.49 19.29
N SER A 6 1.95 -1.43 18.14
CA SER A 6 1.33 -1.83 16.88
C SER A 6 2.40 -2.26 15.87
N GLY A 7 2.24 -3.48 15.35
CA GLY A 7 3.19 -3.99 14.38
C GLY A 7 2.65 -5.18 13.61
N PRO A 8 1.80 -4.90 12.61
CA PRO A 8 1.19 -5.95 11.77
C PRO A 8 2.20 -6.98 11.32
N ASN A 9 1.81 -8.26 11.39
CA ASN A 9 2.68 -9.35 10.98
C ASN A 9 2.03 -10.20 9.90
N ARG A 10 2.83 -11.04 9.25
CA ARG A 10 2.32 -11.91 8.18
C ARG A 10 3.06 -13.24 8.19
N ARG A 11 2.30 -14.33 8.03
CA ARG A 11 2.88 -15.67 8.02
C ARG A 11 3.77 -15.86 6.80
N ALA A 12 3.20 -15.66 5.62
CA ALA A 12 3.95 -15.82 4.37
C ALA A 12 4.29 -14.47 3.77
N ASP A 13 5.38 -14.41 3.01
CA ASP A 13 5.81 -13.17 2.37
C ASP A 13 6.67 -13.47 1.14
N ASP A 14 6.30 -12.88 0.01
CA ASP A 14 7.03 -13.07 -1.24
C ASP A 14 7.57 -11.75 -1.76
N ASN A 15 6.67 -10.79 -1.94
CA ASN A 15 7.06 -9.47 -2.44
C ASN A 15 6.58 -8.37 -1.50
N ALA A 16 7.25 -7.22 -1.56
CA ALA A 16 6.90 -6.09 -0.71
C ALA A 16 5.71 -5.33 -1.28
N THR A 17 4.54 -5.52 -0.65
CA THR A 17 3.32 -4.85 -1.08
C THR A 17 2.47 -4.42 0.10
N ILE A 18 1.96 -3.21 0.04
CA ILE A 18 1.12 -2.67 1.11
C ILE A 18 -0.14 -2.02 0.56
N ARG A 19 -1.25 -2.20 1.28
CA ARG A 19 -2.53 -1.64 0.85
C ARG A 19 -2.86 -0.38 1.66
N VAL A 20 -3.57 0.55 1.03
CA VAL A 20 -3.96 1.79 1.69
C VAL A 20 -5.41 2.13 1.40
N THR A 21 -6.11 2.62 2.43
CA THR A 21 -7.51 2.99 2.28
C THR A 21 -7.82 4.29 3.01
N ASN A 22 -8.99 4.86 2.74
CA ASN A 22 -9.40 6.10 3.38
C ASN A 22 -8.63 7.29 2.80
N LEU A 23 -8.45 7.29 1.49
CA LEU A 23 -7.72 8.36 0.81
C LEU A 23 -8.68 9.45 0.34
N SER A 24 -8.14 10.44 -0.37
CA SER A 24 -8.95 11.55 -0.87
C SER A 24 -8.79 11.69 -2.38
N GLU A 25 -9.62 12.53 -2.98
CA GLU A 25 -9.57 12.77 -4.41
C GLU A 25 -8.38 13.64 -4.79
N ASP A 26 -7.68 14.15 -3.77
CA ASP A 26 -6.51 14.99 -3.99
C ASP A 26 -5.22 14.24 -3.65
N THR A 27 -5.30 12.91 -3.69
CA THR A 27 -4.14 12.08 -3.39
C THR A 27 -3.95 11.00 -4.46
N ARG A 28 -3.08 11.28 -5.42
CA ARG A 28 -2.80 10.34 -6.50
C ARG A 28 -1.42 9.70 -6.33
N GLU A 29 -1.04 8.86 -7.28
CA GLU A 29 0.25 8.19 -7.24
C GLU A 29 1.36 9.16 -6.86
N THR A 30 1.41 10.29 -7.56
CA THR A 30 2.43 11.30 -7.30
C THR A 30 2.34 11.81 -5.88
N ASP A 31 1.15 11.78 -5.30
CA ASP A 31 0.93 12.24 -3.94
C ASP A 31 1.40 11.19 -2.93
N LEU A 32 1.39 9.92 -3.35
CA LEU A 32 1.82 8.83 -2.48
C LEU A 32 3.28 8.48 -2.73
N GLN A 33 3.79 8.88 -3.89
CA GLN A 33 5.18 8.61 -4.26
C GLN A 33 6.14 9.35 -3.33
N GLU A 34 5.73 10.54 -2.89
CA GLU A 34 6.55 11.34 -2.00
C GLU A 34 6.19 11.08 -0.54
N LEU A 35 5.08 10.38 -0.32
CA LEU A 35 4.63 10.06 1.02
C LEU A 35 5.35 8.83 1.56
N PHE A 36 5.51 7.83 0.70
CA PHE A 36 6.20 6.59 1.08
C PHE A 36 7.66 6.63 0.68
N ARG A 37 8.13 7.80 0.28
CA ARG A 37 9.53 7.96 -0.12
C ARG A 37 10.45 8.01 1.09
N PRO A 38 10.05 8.79 2.10
CA PRO A 38 10.84 8.95 3.33
C PRO A 38 11.29 7.60 3.90
N PHE A 39 10.66 6.53 3.46
CA PHE A 39 10.99 5.18 3.91
C PHE A 39 12.02 4.54 2.99
N GLY A 40 11.97 4.89 1.71
CA GLY A 40 12.90 4.33 0.75
C GLY A 40 12.51 4.65 -0.68
N SER A 41 13.10 3.92 -1.63
CA SER A 41 12.80 4.12 -3.04
C SER A 41 11.66 3.23 -3.50
N ILE A 42 10.50 3.83 -3.74
CA ILE A 42 9.33 3.09 -4.18
C ILE A 42 9.58 2.41 -5.52
N SER A 43 9.06 1.20 -5.67
CA SER A 43 9.23 0.44 -6.90
C SER A 43 8.05 0.66 -7.84
N ARG A 44 6.85 0.58 -7.29
CA ARG A 44 5.63 0.76 -8.08
C ARG A 44 4.51 1.34 -7.22
N ILE A 45 3.64 2.12 -7.85
CA ILE A 45 2.52 2.73 -7.14
C ILE A 45 1.21 2.56 -7.92
N TYR A 46 0.29 1.78 -7.35
CA TYR A 46 -0.99 1.53 -7.99
C TYR A 46 -2.10 2.34 -7.31
N LEU A 47 -3.09 2.75 -8.10
CA LEU A 47 -4.21 3.52 -7.58
C LEU A 47 -5.53 2.99 -8.11
N ALA A 48 -6.47 2.74 -7.20
CA ALA A 48 -7.79 2.23 -7.58
C ALA A 48 -8.62 3.32 -8.25
N LYS A 49 -9.18 3.01 -9.41
CA LYS A 49 -10.01 3.95 -10.14
C LYS A 49 -11.28 3.29 -10.66
N ASP A 50 -12.16 4.07 -11.27
CA ASP A 50 -13.40 3.56 -11.81
C ASP A 50 -13.29 3.34 -13.32
N LYS A 51 -14.30 2.69 -13.89
CA LYS A 51 -14.32 2.42 -15.33
C LYS A 51 -15.44 3.20 -16.01
N THR A 52 -16.26 3.87 -15.22
CA THR A 52 -17.36 4.66 -15.75
C THR A 52 -17.03 6.14 -15.78
N THR A 53 -16.28 6.60 -14.79
CA THR A 53 -15.88 7.99 -14.70
C THR A 53 -14.37 8.14 -14.68
N GLY A 54 -13.67 7.02 -14.52
CA GLY A 54 -12.22 7.03 -14.49
C GLY A 54 -11.68 7.84 -13.33
N GLN A 55 -12.41 7.83 -12.21
CA GLN A 55 -11.99 8.58 -11.03
C GLN A 55 -11.44 7.63 -9.96
N SER A 56 -10.72 8.19 -9.00
CA SER A 56 -10.14 7.40 -7.91
C SER A 56 -11.23 6.86 -6.99
N LYS A 57 -11.04 5.63 -6.52
CA LYS A 57 -12.00 5.00 -5.63
C LYS A 57 -11.78 5.45 -4.18
N GLY A 58 -10.72 4.94 -3.56
CA GLY A 58 -10.42 5.30 -2.19
C GLY A 58 -9.40 4.39 -1.56
N PHE A 59 -8.49 3.87 -2.37
CA PHE A 59 -7.45 2.97 -1.88
C PHE A 59 -6.33 2.81 -2.91
N ALA A 60 -5.12 2.56 -2.44
CA ALA A 60 -3.97 2.39 -3.31
C ALA A 60 -3.03 1.31 -2.79
N PHE A 61 -2.16 0.82 -3.66
CA PHE A 61 -1.21 -0.23 -3.29
C PHE A 61 0.21 0.18 -3.65
N ILE A 62 1.06 0.30 -2.64
CA ILE A 62 2.46 0.69 -2.84
C ILE A 62 3.38 -0.53 -2.74
N SER A 63 4.24 -0.71 -3.74
CA SER A 63 5.17 -1.82 -3.76
C SER A 63 6.60 -1.33 -3.51
N PHE A 64 7.23 -1.92 -2.50
CA PHE A 64 8.61 -1.55 -2.15
C PHE A 64 9.60 -2.53 -2.75
N HIS A 65 10.89 -2.29 -2.49
CA HIS A 65 11.94 -3.16 -3.01
C HIS A 65 12.32 -4.23 -2.00
N ARG A 66 12.29 -3.86 -0.72
CA ARG A 66 12.63 -4.79 0.35
C ARG A 66 11.50 -4.88 1.37
N ARG A 67 11.70 -5.71 2.39
CA ARG A 67 10.69 -5.90 3.43
C ARG A 67 10.88 -4.89 4.55
N GLU A 68 12.06 -4.28 4.60
CA GLU A 68 12.36 -3.30 5.64
C GLU A 68 11.69 -1.96 5.32
N ASP A 69 12.04 -1.39 4.17
CA ASP A 69 11.47 -0.11 3.74
C ASP A 69 9.95 -0.21 3.62
N ALA A 70 9.46 -1.42 3.40
CA ALA A 70 8.02 -1.64 3.26
C ALA A 70 7.32 -1.55 4.60
N ALA A 71 7.94 -2.11 5.64
CA ALA A 71 7.37 -2.08 6.98
C ALA A 71 7.46 -0.69 7.59
N ARG A 72 8.54 0.02 7.28
CA ARG A 72 8.74 1.37 7.80
C ARG A 72 7.50 2.22 7.57
N ALA A 73 6.90 2.10 6.39
CA ALA A 73 5.70 2.86 6.05
C ALA A 73 4.54 2.47 6.96
N ILE A 74 4.12 1.21 6.88
CA ILE A 74 3.01 0.72 7.69
C ILE A 74 3.07 1.28 9.11
N ALA A 75 4.29 1.43 9.63
CA ALA A 75 4.49 1.96 10.97
C ALA A 75 4.20 3.45 11.02
N GLY A 76 4.61 4.17 9.98
CA GLY A 76 4.38 5.60 9.92
C GLY A 76 3.00 5.95 9.42
N VAL A 77 2.68 5.51 8.20
CA VAL A 77 1.38 5.78 7.61
C VAL A 77 0.25 5.43 8.58
N SER A 78 0.50 4.45 9.44
CA SER A 78 -0.49 4.02 10.41
C SER A 78 -0.83 5.14 11.39
N GLY A 79 -2.09 5.52 11.43
CA GLY A 79 -2.52 6.60 12.32
C GLY A 79 -2.10 7.96 11.83
N PHE A 80 -1.82 8.07 10.53
CA PHE A 80 -1.41 9.32 9.93
C PHE A 80 -2.60 10.24 9.71
N GLY A 81 -2.35 11.54 9.64
CA GLY A 81 -3.42 12.50 9.43
C GLY A 81 -3.45 13.02 8.00
N TYR A 82 -3.97 12.20 7.09
CA TYR A 82 -4.05 12.59 5.68
C TYR A 82 -5.45 13.09 5.33
N ASP A 83 -5.53 14.33 4.87
CA ASP A 83 -6.81 14.92 4.49
C ASP A 83 -7.79 14.89 5.67
N HIS A 84 -7.32 15.35 6.83
CA HIS A 84 -8.14 15.38 8.03
C HIS A 84 -8.89 14.06 8.20
N LEU A 85 -8.27 12.97 7.74
CA LEU A 85 -8.88 11.65 7.85
C LEU A 85 -7.89 10.63 8.41
N ILE A 86 -8.39 9.47 8.80
CA ILE A 86 -7.55 8.41 9.34
C ILE A 86 -7.14 7.42 8.27
N LEU A 87 -5.91 7.55 7.78
CA LEU A 87 -5.40 6.65 6.75
C LEU A 87 -5.14 5.25 7.31
N ASN A 88 -5.57 4.24 6.58
CA ASN A 88 -5.39 2.86 7.00
C ASN A 88 -4.46 2.12 6.04
N VAL A 89 -3.46 1.44 6.60
CA VAL A 89 -2.50 0.68 5.80
C VAL A 89 -2.23 -0.68 6.42
N GLU A 90 -2.01 -1.68 5.56
CA GLU A 90 -1.74 -3.03 6.03
C GLU A 90 -1.05 -3.85 4.93
N TRP A 91 -0.35 -4.90 5.33
CA TRP A 91 0.34 -5.76 4.40
C TRP A 91 -0.64 -6.45 3.45
N ALA A 92 -0.43 -6.26 2.15
CA ALA A 92 -1.30 -6.86 1.15
C ALA A 92 -0.55 -7.92 0.34
N LYS A 93 -0.82 -9.18 0.63
CA LYS A 93 -0.18 -10.29 -0.06
C LYS A 93 -0.88 -10.58 -1.38
N PRO A 94 -0.17 -10.32 -2.50
CA PRO A 94 -0.70 -10.55 -3.84
C PRO A 94 -0.69 -12.02 -4.23
N SER A 95 -1.23 -12.32 -5.41
CA SER A 95 -1.29 -13.70 -5.89
C SER A 95 -1.09 -13.75 -7.41
N THR A 96 -0.84 -14.95 -7.92
CA THR A 96 -0.64 -15.13 -9.36
C THR A 96 -1.18 -16.48 -9.81
N ASN A 97 -1.99 -16.45 -10.87
CA ASN A 97 -2.59 -17.66 -11.41
C ASN A 97 -2.18 -17.86 -12.87
N SER A 98 -1.01 -18.43 -13.08
CA SER A 98 -0.51 -18.68 -14.44
C SER A 98 0.64 -19.68 -14.43
N GLY A 99 0.63 -20.58 -15.40
CA GLY A 99 1.68 -21.59 -15.49
C GLY A 99 2.45 -21.52 -16.79
N PRO A 100 3.70 -22.00 -16.77
CA PRO A 100 4.57 -21.99 -17.95
C PRO A 100 4.21 -23.10 -18.94
N SER A 101 4.66 -22.96 -20.18
CA SER A 101 4.38 -23.94 -21.22
C SER A 101 5.64 -24.70 -21.61
N SER A 102 6.69 -23.95 -21.93
CA SER A 102 7.97 -24.54 -22.33
C SER A 102 9.13 -23.61 -21.99
N GLY A 103 10.30 -24.19 -21.79
CA GLY A 103 11.48 -23.40 -21.47
C GLY A 103 11.70 -23.27 -19.98
N GLY A 1 -2.07 9.16 20.78
CA GLY A 1 -0.81 8.43 20.72
C GLY A 1 -0.80 7.38 19.64
N SER A 2 0.27 6.60 19.57
CA SER A 2 0.41 5.55 18.56
C SER A 2 -0.06 4.21 19.11
N SER A 3 -1.18 3.72 18.59
CA SER A 3 -1.73 2.44 19.03
C SER A 3 -1.79 1.44 17.88
N GLY A 4 -0.89 0.46 17.92
CA GLY A 4 -0.86 -0.55 16.88
C GLY A 4 0.15 -1.65 17.16
N SER A 5 -0.35 -2.83 17.49
CA SER A 5 0.52 -3.96 17.80
C SER A 5 0.33 -5.09 16.78
N SER A 6 0.21 -4.70 15.51
CA SER A 6 0.02 -5.67 14.44
C SER A 6 1.36 -6.16 13.90
N GLY A 7 1.61 -7.46 13.99
CA GLY A 7 2.85 -8.03 13.51
C GLY A 7 2.72 -9.48 13.13
N PRO A 8 3.41 -9.89 12.06
CA PRO A 8 3.39 -11.27 11.58
C PRO A 8 4.28 -12.20 12.40
N ASN A 9 4.30 -13.48 12.04
CA ASN A 9 5.10 -14.47 12.75
C ASN A 9 6.13 -15.10 11.82
N ARG A 10 5.65 -15.59 10.68
CA ARG A 10 6.53 -16.22 9.70
C ARG A 10 6.76 -15.30 8.50
N ARG A 11 7.78 -15.63 7.70
CA ARG A 11 8.10 -14.84 6.52
C ARG A 11 7.32 -15.33 5.30
N ALA A 12 6.02 -15.53 5.47
CA ALA A 12 5.17 -16.01 4.39
C ALA A 12 5.29 -15.08 3.17
N ASP A 13 5.15 -13.79 3.39
CA ASP A 13 5.24 -12.81 2.32
C ASP A 13 6.50 -13.02 1.50
N ASP A 14 6.39 -12.89 0.18
CA ASP A 14 7.53 -13.06 -0.70
C ASP A 14 8.04 -11.71 -1.19
N ASN A 15 7.14 -10.86 -1.65
CA ASN A 15 7.50 -9.54 -2.14
C ASN A 15 7.04 -8.46 -1.17
N ALA A 16 7.57 -7.25 -1.35
CA ALA A 16 7.22 -6.13 -0.48
C ALA A 16 6.06 -5.33 -1.08
N THR A 17 4.88 -5.46 -0.46
CA THR A 17 3.70 -4.76 -0.93
C THR A 17 2.83 -4.29 0.25
N ILE A 18 2.21 -3.13 0.10
CA ILE A 18 1.35 -2.59 1.14
C ILE A 18 0.11 -1.95 0.55
N ARG A 19 -1.02 -2.11 1.24
CA ARG A 19 -2.29 -1.57 0.79
C ARG A 19 -2.68 -0.34 1.62
N VAL A 20 -3.46 0.55 1.02
CA VAL A 20 -3.91 1.76 1.71
C VAL A 20 -5.37 2.05 1.41
N THR A 21 -6.09 2.54 2.41
CA THR A 21 -7.51 2.86 2.27
C THR A 21 -7.85 4.17 2.96
N ASN A 22 -9.04 4.69 2.68
CA ASN A 22 -9.48 5.95 3.26
C ASN A 22 -8.75 7.13 2.64
N LEU A 23 -8.62 7.11 1.32
CA LEU A 23 -7.95 8.19 0.60
C LEU A 23 -8.94 9.25 0.14
N SER A 24 -8.43 10.30 -0.48
CA SER A 24 -9.28 11.38 -0.97
C SER A 24 -9.11 11.57 -2.47
N GLU A 25 -9.75 12.60 -3.02
CA GLU A 25 -9.68 12.88 -4.44
C GLU A 25 -8.52 13.82 -4.75
N ASP A 26 -7.80 14.24 -3.70
CA ASP A 26 -6.67 15.14 -3.86
C ASP A 26 -5.35 14.40 -3.62
N THR A 27 -5.41 13.07 -3.72
CA THR A 27 -4.23 12.24 -3.51
C THR A 27 -4.02 11.28 -4.68
N ARG A 28 -2.96 11.52 -5.45
CA ARG A 28 -2.65 10.68 -6.59
C ARG A 28 -1.34 9.93 -6.39
N GLU A 29 -0.96 9.12 -7.37
CA GLU A 29 0.28 8.35 -7.29
C GLU A 29 1.46 9.25 -6.97
N THR A 30 1.46 10.45 -7.55
CA THR A 30 2.54 11.41 -7.33
C THR A 30 2.52 11.93 -5.89
N ASP A 31 1.38 11.77 -5.23
CA ASP A 31 1.23 12.23 -3.85
C ASP A 31 1.71 11.16 -2.87
N LEU A 32 1.65 9.90 -3.30
CA LEU A 32 2.07 8.78 -2.46
C LEU A 32 3.54 8.45 -2.69
N GLN A 33 4.06 8.85 -3.86
CA GLN A 33 5.44 8.59 -4.20
C GLN A 33 6.38 9.31 -3.23
N GLU A 34 5.97 10.48 -2.79
CA GLU A 34 6.78 11.28 -1.86
C GLU A 34 6.39 10.97 -0.41
N LEU A 35 5.29 10.26 -0.24
CA LEU A 35 4.80 9.91 1.08
C LEU A 35 5.46 8.63 1.59
N PHE A 36 5.73 7.71 0.66
CA PHE A 36 6.37 6.45 1.01
C PHE A 36 7.84 6.45 0.59
N ARG A 37 8.35 7.61 0.23
CA ARG A 37 9.74 7.74 -0.20
C ARG A 37 10.67 7.81 1.01
N PRO A 38 10.29 8.63 2.01
CA PRO A 38 11.08 8.80 3.23
C PRO A 38 11.51 7.47 3.83
N PHE A 39 10.80 6.40 3.47
CA PHE A 39 11.12 5.07 3.97
C PHE A 39 12.15 4.37 3.08
N GLY A 40 12.11 4.69 1.80
CA GLY A 40 13.04 4.09 0.86
C GLY A 40 12.67 4.36 -0.59
N SER A 41 13.20 3.55 -1.49
CA SER A 41 12.92 3.70 -2.92
C SER A 41 11.73 2.86 -3.34
N ILE A 42 10.68 3.52 -3.81
CA ILE A 42 9.48 2.83 -4.26
C ILE A 42 9.70 2.12 -5.58
N SER A 43 9.21 0.89 -5.67
CA SER A 43 9.36 0.09 -6.89
C SER A 43 8.21 0.37 -7.86
N ARG A 44 7.00 0.46 -7.33
CA ARG A 44 5.83 0.72 -8.14
C ARG A 44 4.72 1.37 -7.31
N ILE A 45 3.78 2.03 -8.00
CA ILE A 45 2.67 2.69 -7.32
C ILE A 45 1.38 2.50 -8.09
N TYR A 46 0.41 1.82 -7.47
CA TYR A 46 -0.88 1.57 -8.10
C TYR A 46 -1.99 2.32 -7.37
N LEU A 47 -3.02 2.71 -8.11
CA LEU A 47 -4.15 3.43 -7.53
C LEU A 47 -5.47 2.96 -8.14
N ALA A 48 -6.40 2.57 -7.28
CA ALA A 48 -7.71 2.11 -7.73
C ALA A 48 -8.55 3.26 -8.25
N LYS A 49 -9.00 3.14 -9.50
CA LYS A 49 -9.83 4.18 -10.10
C LYS A 49 -11.00 3.56 -10.87
N ASP A 50 -12.13 4.26 -10.87
CA ASP A 50 -13.32 3.78 -11.56
C ASP A 50 -13.16 3.91 -13.07
N LYS A 51 -14.16 3.45 -13.82
CA LYS A 51 -14.14 3.52 -15.27
C LYS A 51 -15.23 4.45 -15.79
N THR A 52 -16.48 4.10 -15.51
CA THR A 52 -17.61 4.91 -15.95
C THR A 52 -17.46 6.36 -15.53
N THR A 53 -16.99 6.55 -14.30
CA THR A 53 -16.80 7.90 -13.76
C THR A 53 -15.33 8.30 -13.80
N GLY A 54 -14.45 7.30 -13.84
CA GLY A 54 -13.02 7.57 -13.88
C GLY A 54 -12.54 8.29 -12.64
N GLN A 55 -13.16 8.01 -11.50
CA GLN A 55 -12.79 8.64 -10.24
C GLN A 55 -12.10 7.65 -9.32
N SER A 56 -11.06 8.11 -8.62
CA SER A 56 -10.32 7.26 -7.71
C SER A 56 -11.25 6.61 -6.68
N LYS A 57 -11.21 5.29 -6.60
CA LYS A 57 -12.04 4.55 -5.67
C LYS A 57 -11.83 5.04 -4.24
N GLY A 58 -10.70 4.67 -3.65
CA GLY A 58 -10.39 5.08 -2.30
C GLY A 58 -9.34 4.21 -1.64
N PHE A 59 -8.41 3.70 -2.44
CA PHE A 59 -7.36 2.84 -1.93
C PHE A 59 -6.23 2.69 -2.96
N ALA A 60 -5.00 2.56 -2.47
CA ALA A 60 -3.84 2.41 -3.34
C ALA A 60 -2.94 1.28 -2.86
N PHE A 61 -2.04 0.83 -3.73
CA PHE A 61 -1.12 -0.24 -3.40
C PHE A 61 0.30 0.13 -3.77
N ILE A 62 1.15 0.31 -2.76
CA ILE A 62 2.54 0.67 -2.98
C ILE A 62 3.45 -0.56 -2.86
N SER A 63 4.28 -0.77 -3.88
CA SER A 63 5.20 -1.90 -3.90
C SER A 63 6.62 -1.45 -3.55
N PHE A 64 7.16 -2.03 -2.47
CA PHE A 64 8.51 -1.69 -2.03
C PHE A 64 9.53 -2.69 -2.57
N HIS A 65 10.80 -2.46 -2.27
CA HIS A 65 11.87 -3.33 -2.72
C HIS A 65 12.25 -4.34 -1.63
N ARG A 66 12.43 -3.85 -0.42
CA ARG A 66 12.79 -4.70 0.71
C ARG A 66 11.66 -4.77 1.72
N ARG A 67 11.73 -5.75 2.61
CA ARG A 67 10.71 -5.93 3.64
C ARG A 67 10.80 -4.84 4.69
N GLU A 68 12.02 -4.37 4.94
CA GLU A 68 12.25 -3.32 5.93
C GLU A 68 11.61 -2.00 5.49
N ASP A 69 12.07 -1.48 4.36
CA ASP A 69 11.55 -0.23 3.84
C ASP A 69 10.02 -0.27 3.73
N ALA A 70 9.49 -1.43 3.37
CA ALA A 70 8.06 -1.62 3.24
C ALA A 70 7.37 -1.53 4.61
N ALA A 71 8.01 -2.11 5.63
CA ALA A 71 7.46 -2.10 6.98
C ALA A 71 7.53 -0.71 7.59
N ARG A 72 8.62 0.01 7.30
CA ARG A 72 8.82 1.35 7.82
C ARG A 72 7.57 2.21 7.60
N ALA A 73 7.00 2.10 6.41
CA ALA A 73 5.80 2.86 6.07
C ALA A 73 4.63 2.47 6.96
N ILE A 74 4.15 1.24 6.79
CA ILE A 74 3.03 0.74 7.59
C ILE A 74 3.08 1.28 9.01
N ALA A 75 4.29 1.49 9.52
CA ALA A 75 4.47 2.01 10.87
C ALA A 75 4.07 3.48 10.96
N GLY A 76 4.51 4.27 9.98
CA GLY A 76 4.18 5.69 9.97
C GLY A 76 2.79 5.95 9.44
N VAL A 77 2.57 5.64 8.17
CA VAL A 77 1.26 5.85 7.55
C VAL A 77 0.13 5.47 8.50
N SER A 78 0.36 4.44 9.30
CA SER A 78 -0.64 3.98 10.25
C SER A 78 -0.97 5.07 11.27
N GLY A 79 -2.18 5.59 11.21
CA GLY A 79 -2.60 6.63 12.13
C GLY A 79 -2.26 8.02 11.62
N PHE A 80 -1.98 8.12 10.32
CA PHE A 80 -1.64 9.41 9.72
C PHE A 80 -2.89 10.24 9.46
N GLY A 81 -2.71 11.56 9.34
CA GLY A 81 -3.82 12.44 9.11
C GLY A 81 -3.86 12.96 7.68
N TYR A 82 -4.40 12.16 6.77
CA TYR A 82 -4.48 12.53 5.37
C TYR A 82 -5.87 13.06 5.03
N ASP A 83 -5.92 14.22 4.38
CA ASP A 83 -7.19 14.84 4.00
C ASP A 83 -8.17 14.83 5.17
N HIS A 84 -7.73 15.37 6.31
CA HIS A 84 -8.58 15.42 7.50
C HIS A 84 -9.27 14.09 7.73
N LEU A 85 -8.55 13.00 7.51
CA LEU A 85 -9.09 11.65 7.70
C LEU A 85 -8.03 10.71 8.24
N ILE A 86 -8.46 9.54 8.68
CA ILE A 86 -7.55 8.54 9.22
C ILE A 86 -7.16 7.51 8.16
N LEU A 87 -5.96 7.67 7.62
CA LEU A 87 -5.46 6.76 6.60
C LEU A 87 -5.16 5.38 7.20
N ASN A 88 -5.53 4.33 6.47
CA ASN A 88 -5.30 2.97 6.93
C ASN A 88 -4.38 2.22 5.96
N VAL A 89 -3.37 1.55 6.50
CA VAL A 89 -2.43 0.80 5.69
C VAL A 89 -2.12 -0.55 6.32
N GLU A 90 -1.96 -1.57 5.48
CA GLU A 90 -1.65 -2.91 5.96
C GLU A 90 -0.90 -3.72 4.90
N TRP A 91 -0.24 -4.79 5.33
CA TRP A 91 0.52 -5.63 4.42
C TRP A 91 -0.39 -6.32 3.41
N ALA A 92 -0.10 -6.14 2.13
CA ALA A 92 -0.89 -6.74 1.07
C ALA A 92 -0.12 -7.85 0.36
N LYS A 93 -0.79 -8.98 0.14
CA LYS A 93 -0.17 -10.11 -0.53
C LYS A 93 -0.54 -10.16 -2.00
N PRO A 94 0.43 -9.81 -2.87
CA PRO A 94 0.23 -9.81 -4.32
C PRO A 94 -0.51 -11.04 -4.81
N SER A 95 -1.80 -10.87 -5.12
CA SER A 95 -2.62 -11.97 -5.59
C SER A 95 -2.36 -12.25 -7.07
N THR A 96 -1.81 -13.43 -7.36
CA THR A 96 -1.50 -13.82 -8.73
C THR A 96 -2.35 -15.00 -9.17
N ASN A 97 -2.56 -15.95 -8.26
CA ASN A 97 -3.34 -17.13 -8.54
C ASN A 97 -3.88 -17.76 -7.26
N SER A 98 -4.73 -18.78 -7.41
CA SER A 98 -5.31 -19.47 -6.26
C SER A 98 -5.00 -20.96 -6.31
N GLY A 99 -4.30 -21.44 -5.27
CA GLY A 99 -3.95 -22.85 -5.22
C GLY A 99 -3.70 -23.32 -3.80
N PRO A 100 -4.06 -24.58 -3.52
CA PRO A 100 -3.88 -25.18 -2.20
C PRO A 100 -2.44 -25.60 -1.93
N SER A 101 -1.56 -25.31 -2.88
CA SER A 101 -0.15 -25.65 -2.76
C SER A 101 0.63 -24.53 -2.10
N SER A 102 1.29 -24.84 -0.98
CA SER A 102 2.06 -23.84 -0.26
C SER A 102 3.37 -23.54 -0.98
N GLY A 103 3.99 -22.41 -0.63
CA GLY A 103 5.24 -22.03 -1.25
C GLY A 103 5.03 -21.19 -2.50
N GLY A 1 -7.32 -16.50 -12.27
CA GLY A 1 -7.58 -15.17 -11.76
C GLY A 1 -6.43 -14.64 -10.92
N SER A 2 -6.55 -14.76 -9.61
CA SER A 2 -5.52 -14.28 -8.69
C SER A 2 -4.37 -15.28 -8.61
N SER A 3 -4.69 -16.53 -8.29
CA SER A 3 -3.69 -17.57 -8.18
C SER A 3 -3.92 -18.67 -9.21
N GLY A 4 -5.19 -19.04 -9.40
CA GLY A 4 -5.53 -20.08 -10.35
C GLY A 4 -5.15 -21.46 -9.86
N SER A 5 -5.16 -22.43 -10.76
CA SER A 5 -4.83 -23.81 -10.42
C SER A 5 -3.32 -24.00 -10.36
N SER A 6 -2.76 -23.93 -9.15
CA SER A 6 -1.33 -24.09 -8.95
C SER A 6 -0.55 -23.23 -9.93
N GLY A 7 -0.93 -21.95 -10.02
CA GLY A 7 -0.26 -21.04 -10.92
C GLY A 7 1.03 -20.50 -10.34
N PRO A 8 1.48 -19.34 -10.84
CA PRO A 8 2.71 -18.69 -10.38
C PRO A 8 2.53 -17.99 -9.04
N ASN A 9 3.59 -17.37 -8.56
CA ASN A 9 3.55 -16.66 -7.27
C ASN A 9 2.67 -17.39 -6.27
N ARG A 10 2.92 -18.68 -6.11
CA ARG A 10 2.15 -19.50 -5.17
C ARG A 10 2.60 -19.26 -3.74
N ARG A 11 3.91 -19.21 -3.54
CA ARG A 11 4.48 -18.98 -2.21
C ARG A 11 3.75 -17.84 -1.49
N ALA A 12 3.40 -18.09 -0.23
CA ALA A 12 2.71 -17.08 0.56
C ALA A 12 3.27 -15.69 0.31
N ASP A 13 4.60 -15.58 0.30
CA ASP A 13 5.26 -14.31 0.07
C ASP A 13 5.71 -14.19 -1.39
N ASP A 14 5.32 -13.10 -2.03
CA ASP A 14 5.69 -12.87 -3.43
C ASP A 14 6.65 -11.70 -3.55
N ASN A 15 6.31 -10.59 -2.91
CA ASN A 15 7.16 -9.39 -2.94
C ASN A 15 6.68 -8.36 -1.92
N ALA A 16 7.40 -7.25 -1.83
CA ALA A 16 7.06 -6.18 -0.90
C ALA A 16 5.87 -5.38 -1.41
N THR A 17 4.70 -5.59 -0.82
CA THR A 17 3.49 -4.87 -1.20
C THR A 17 2.67 -4.47 0.01
N ILE A 18 2.05 -3.31 -0.07
CA ILE A 18 1.22 -2.80 1.02
C ILE A 18 -0.06 -2.16 0.50
N ARG A 19 -1.14 -2.34 1.25
CA ARG A 19 -2.43 -1.78 0.86
C ARG A 19 -2.73 -0.50 1.64
N VAL A 20 -3.53 0.38 1.05
CA VAL A 20 -3.89 1.64 1.68
C VAL A 20 -5.36 1.96 1.46
N THR A 21 -6.01 2.49 2.50
CA THR A 21 -7.41 2.86 2.41
C THR A 21 -7.66 4.25 2.99
N ASN A 22 -8.87 4.76 2.77
CA ASN A 22 -9.24 6.08 3.27
C ASN A 22 -8.37 7.17 2.63
N LEU A 23 -8.33 7.17 1.30
CA LEU A 23 -7.55 8.15 0.56
C LEU A 23 -8.45 9.23 -0.04
N SER A 24 -7.84 10.32 -0.48
CA SER A 24 -8.58 11.43 -1.07
C SER A 24 -8.30 11.55 -2.56
N GLU A 25 -9.24 12.13 -3.30
CA GLU A 25 -9.09 12.31 -4.73
C GLU A 25 -7.94 13.26 -5.06
N ASP A 26 -7.35 13.85 -4.02
CA ASP A 26 -6.25 14.77 -4.18
C ASP A 26 -4.92 14.08 -3.90
N THR A 27 -4.92 12.75 -3.94
CA THR A 27 -3.71 11.98 -3.69
C THR A 27 -3.49 10.93 -4.79
N ARG A 28 -2.60 11.25 -5.72
CA ARG A 28 -2.30 10.34 -6.82
C ARG A 28 -0.96 9.65 -6.60
N GLU A 29 -0.52 8.87 -7.58
CA GLU A 29 0.74 8.15 -7.49
C GLU A 29 1.87 9.08 -7.09
N THR A 30 1.87 10.28 -7.67
CA THR A 30 2.90 11.28 -7.37
C THR A 30 2.79 11.78 -5.94
N ASP A 31 1.56 11.80 -5.42
CA ASP A 31 1.33 12.26 -4.05
C ASP A 31 1.73 11.19 -3.04
N LEU A 32 1.65 9.93 -3.46
CA LEU A 32 2.01 8.81 -2.59
C LEU A 32 3.49 8.47 -2.73
N GLN A 33 4.06 8.78 -3.89
CA GLN A 33 5.47 8.50 -4.15
C GLN A 33 6.36 9.30 -3.20
N GLU A 34 5.90 10.49 -2.84
CA GLU A 34 6.66 11.36 -1.94
C GLU A 34 6.31 11.08 -0.48
N LEU A 35 5.19 10.38 -0.27
CA LEU A 35 4.74 10.04 1.07
C LEU A 35 5.41 8.77 1.56
N PHE A 36 5.63 7.82 0.66
CA PHE A 36 6.27 6.56 1.00
C PHE A 36 7.74 6.56 0.61
N ARG A 37 8.24 7.72 0.20
CA ARG A 37 9.63 7.87 -0.21
C ARG A 37 10.54 8.01 1.01
N PRO A 38 10.10 8.82 1.98
CA PRO A 38 10.86 9.07 3.21
C PRO A 38 11.36 7.77 3.85
N PHE A 39 10.76 6.65 3.46
CA PHE A 39 11.14 5.35 3.99
C PHE A 39 12.19 4.69 3.11
N GLY A 40 12.12 4.96 1.81
CA GLY A 40 13.07 4.38 0.87
C GLY A 40 12.68 4.62 -0.57
N SER A 41 13.28 3.85 -1.47
CA SER A 41 12.99 3.98 -2.90
C SER A 41 11.85 3.05 -3.31
N ILE A 42 10.75 3.63 -3.76
CA ILE A 42 9.60 2.85 -4.19
C ILE A 42 9.84 2.20 -5.53
N SER A 43 9.26 1.02 -5.74
CA SER A 43 9.41 0.29 -6.99
C SER A 43 8.22 0.52 -7.90
N ARG A 44 7.03 0.49 -7.34
CA ARG A 44 5.80 0.69 -8.10
C ARG A 44 4.70 1.28 -7.23
N ILE A 45 3.77 1.99 -7.86
CA ILE A 45 2.66 2.62 -7.14
C ILE A 45 1.35 2.46 -7.91
N TYR A 46 0.37 1.84 -7.26
CA TYR A 46 -0.93 1.64 -7.88
C TYR A 46 -2.01 2.46 -7.19
N LEU A 47 -3.02 2.87 -7.95
CA LEU A 47 -4.11 3.66 -7.40
C LEU A 47 -5.46 3.14 -7.90
N ALA A 48 -6.36 2.89 -6.96
CA ALA A 48 -7.69 2.39 -7.29
C ALA A 48 -8.52 3.47 -8.00
N LYS A 49 -8.97 3.16 -9.21
CA LYS A 49 -9.77 4.10 -9.98
C LYS A 49 -11.06 3.44 -10.48
N ASP A 50 -12.10 4.23 -10.65
CA ASP A 50 -13.38 3.72 -11.12
C ASP A 50 -13.39 3.63 -12.65
N LYS A 51 -14.53 3.24 -13.20
CA LYS A 51 -14.68 3.10 -14.65
C LYS A 51 -15.62 4.17 -15.20
N THR A 52 -16.88 4.13 -14.77
CA THR A 52 -17.87 5.10 -15.23
C THR A 52 -17.33 6.52 -15.15
N THR A 53 -17.14 7.02 -13.93
CA THR A 53 -16.62 8.36 -13.74
C THR A 53 -15.12 8.42 -13.97
N GLY A 54 -14.43 7.34 -13.62
CA GLY A 54 -12.99 7.28 -13.81
C GLY A 54 -12.24 8.11 -12.78
N GLN A 55 -12.72 8.08 -11.54
CA GLN A 55 -12.09 8.84 -10.46
C GLN A 55 -11.42 7.90 -9.45
N SER A 56 -10.87 8.48 -8.40
CA SER A 56 -10.20 7.70 -7.36
C SER A 56 -11.21 7.08 -6.40
N LYS A 57 -11.12 5.77 -6.23
CA LYS A 57 -12.03 5.05 -5.33
C LYS A 57 -11.79 5.46 -3.89
N GLY A 58 -10.70 4.97 -3.30
CA GLY A 58 -10.38 5.28 -1.93
C GLY A 58 -9.34 4.34 -1.35
N PHE A 59 -8.43 3.86 -2.18
CA PHE A 59 -7.39 2.95 -1.74
C PHE A 59 -6.29 2.83 -2.79
N ALA A 60 -5.07 2.54 -2.35
CA ALA A 60 -3.94 2.39 -3.26
C ALA A 60 -3.01 1.27 -2.79
N PHE A 61 -2.12 0.84 -3.68
CA PHE A 61 -1.19 -0.23 -3.37
C PHE A 61 0.25 0.19 -3.72
N ILE A 62 1.10 0.27 -2.71
CA ILE A 62 2.49 0.65 -2.90
C ILE A 62 3.41 -0.56 -2.78
N SER A 63 4.32 -0.71 -3.74
CA SER A 63 5.26 -1.82 -3.74
C SER A 63 6.67 -1.33 -3.47
N PHE A 64 7.29 -1.85 -2.41
CA PHE A 64 8.65 -1.46 -2.04
C PHE A 64 9.66 -2.44 -2.62
N HIS A 65 10.94 -2.19 -2.35
CA HIS A 65 12.01 -3.06 -2.83
C HIS A 65 12.38 -4.10 -1.79
N ARG A 66 12.34 -3.72 -0.52
CA ARG A 66 12.67 -4.62 0.57
C ARG A 66 11.53 -4.70 1.58
N ARG A 67 11.64 -5.66 2.50
CA ARG A 67 10.62 -5.85 3.52
C ARG A 67 10.78 -4.85 4.66
N GLU A 68 12.01 -4.36 4.82
CA GLU A 68 12.30 -3.39 5.88
C GLU A 68 11.78 -2.01 5.51
N ASP A 69 12.05 -1.58 4.28
CA ASP A 69 11.60 -0.28 3.81
C ASP A 69 10.08 -0.22 3.70
N ALA A 70 9.48 -1.35 3.33
CA ALA A 70 8.03 -1.43 3.19
C ALA A 70 7.34 -1.36 4.55
N ALA A 71 7.97 -1.98 5.55
CA ALA A 71 7.42 -1.98 6.90
C ALA A 71 7.50 -0.58 7.53
N ARG A 72 8.59 0.12 7.27
CA ARG A 72 8.79 1.45 7.81
C ARG A 72 7.55 2.32 7.58
N ALA A 73 6.99 2.23 6.38
CA ALA A 73 5.81 3.00 6.03
C ALA A 73 4.60 2.57 6.87
N ILE A 74 4.16 1.34 6.67
CA ILE A 74 3.02 0.80 7.41
C ILE A 74 2.99 1.34 8.84
N ALA A 75 4.17 1.47 9.43
CA ALA A 75 4.27 1.98 10.80
C ALA A 75 3.88 3.45 10.87
N GLY A 76 4.52 4.27 10.05
CA GLY A 76 4.22 5.69 10.04
C GLY A 76 2.83 5.99 9.52
N VAL A 77 2.61 5.72 8.24
CA VAL A 77 1.30 5.96 7.61
C VAL A 77 0.17 5.50 8.52
N SER A 78 0.39 4.39 9.22
CA SER A 78 -0.62 3.84 10.12
C SER A 78 -1.13 4.91 11.07
N GLY A 79 -2.40 5.27 10.92
CA GLY A 79 -2.98 6.29 11.79
C GLY A 79 -2.62 7.69 11.36
N PHE A 80 -2.29 7.85 10.08
CA PHE A 80 -1.92 9.16 9.55
C PHE A 80 -3.15 9.95 9.12
N GLY A 81 -3.15 11.24 9.45
CA GLY A 81 -4.29 12.09 9.08
C GLY A 81 -4.13 12.70 7.71
N TYR A 82 -4.75 12.08 6.71
CA TYR A 82 -4.67 12.57 5.34
C TYR A 82 -6.04 13.05 4.87
N ASP A 83 -6.12 14.34 4.57
CA ASP A 83 -7.37 14.93 4.09
C ASP A 83 -8.46 14.84 5.15
N HIS A 84 -8.15 15.33 6.36
CA HIS A 84 -9.09 15.29 7.47
C HIS A 84 -9.71 13.90 7.61
N LEU A 85 -8.97 12.89 7.18
CA LEU A 85 -9.44 11.51 7.27
C LEU A 85 -8.39 10.61 7.90
N ILE A 86 -8.80 9.41 8.31
CA ILE A 86 -7.89 8.46 8.93
C ILE A 86 -7.38 7.44 7.92
N LEU A 87 -6.15 7.66 7.44
CA LEU A 87 -5.55 6.75 6.46
C LEU A 87 -5.14 5.44 7.12
N ASN A 88 -5.41 4.33 6.43
CA ASN A 88 -5.06 3.01 6.94
C ASN A 88 -4.14 2.27 5.97
N VAL A 89 -3.30 1.40 6.52
CA VAL A 89 -2.37 0.63 5.69
C VAL A 89 -2.09 -0.74 6.33
N GLU A 90 -1.98 -1.76 5.49
CA GLU A 90 -1.72 -3.12 5.95
C GLU A 90 -1.05 -3.95 4.86
N TRP A 91 -0.28 -4.95 5.27
CA TRP A 91 0.41 -5.83 4.33
C TRP A 91 -0.59 -6.57 3.45
N ALA A 92 -0.41 -6.45 2.14
CA ALA A 92 -1.30 -7.12 1.20
C ALA A 92 -1.32 -8.64 1.42
N LYS A 93 -0.19 -9.17 1.87
CA LYS A 93 -0.07 -10.60 2.14
C LYS A 93 -0.11 -10.89 3.64
N PRO A 94 -0.57 -12.09 4.00
CA PRO A 94 -0.67 -12.52 5.40
C PRO A 94 0.70 -12.78 6.02
N SER A 95 1.17 -11.82 6.83
CA SER A 95 2.46 -11.95 7.49
C SER A 95 2.73 -13.40 7.88
N THR A 96 3.99 -13.82 7.74
CA THR A 96 4.37 -15.18 8.09
C THR A 96 5.85 -15.25 8.46
N ASN A 97 6.19 -16.16 9.37
CA ASN A 97 7.56 -16.33 9.82
C ASN A 97 8.45 -16.80 8.67
N SER A 98 9.27 -15.90 8.15
CA SER A 98 10.16 -16.21 7.04
C SER A 98 11.50 -15.48 7.19
N GLY A 99 12.59 -16.23 7.06
CA GLY A 99 13.91 -15.64 7.18
C GLY A 99 15.01 -16.60 6.81
N PRO A 100 15.32 -16.68 5.50
CA PRO A 100 16.36 -17.57 4.98
C PRO A 100 17.76 -17.01 5.23
N SER A 101 17.88 -15.69 5.28
CA SER A 101 19.16 -15.04 5.50
C SER A 101 19.38 -14.77 6.99
N SER A 102 20.59 -14.33 7.32
CA SER A 102 20.94 -14.05 8.71
C SER A 102 20.92 -15.31 9.55
N GLY A 103 21.47 -16.39 9.00
CA GLY A 103 21.52 -17.65 9.71
C GLY A 103 20.95 -18.80 8.90
N GLY A 1 -10.86 1.45 19.52
CA GLY A 1 -9.66 0.69 19.29
C GLY A 1 -9.85 -0.38 18.22
N SER A 2 -8.75 -0.80 17.60
CA SER A 2 -8.80 -1.81 16.56
C SER A 2 -8.22 -3.13 17.05
N SER A 3 -9.09 -3.97 17.61
CA SER A 3 -8.67 -5.27 18.14
C SER A 3 -9.30 -6.41 17.34
N GLY A 4 -8.74 -7.60 17.49
CA GLY A 4 -9.25 -8.76 16.77
C GLY A 4 -8.17 -9.51 16.03
N SER A 5 -7.40 -10.33 16.75
CA SER A 5 -6.34 -11.10 16.14
C SER A 5 -6.74 -12.56 15.98
N SER A 6 -7.19 -12.91 14.78
CA SER A 6 -7.61 -14.29 14.50
C SER A 6 -7.27 -14.68 13.07
N GLY A 7 -6.94 -15.95 12.87
CA GLY A 7 -6.60 -16.43 11.54
C GLY A 7 -5.16 -16.93 11.47
N PRO A 8 -4.94 -18.17 11.91
CA PRO A 8 -3.61 -18.79 11.89
C PRO A 8 -3.20 -19.26 10.50
N ASN A 9 -2.23 -18.59 9.92
CA ASN A 9 -1.74 -18.95 8.59
C ASN A 9 -0.26 -18.64 8.44
N ARG A 10 0.37 -19.23 7.43
CA ARG A 10 1.79 -19.03 7.18
C ARG A 10 2.01 -17.86 6.22
N ARG A 11 2.20 -16.66 6.78
CA ARG A 11 2.41 -15.47 5.97
C ARG A 11 3.86 -15.41 5.49
N ALA A 12 4.05 -15.69 4.20
CA ALA A 12 5.38 -15.66 3.60
C ALA A 12 5.85 -14.24 3.35
N ASP A 13 4.93 -13.40 2.85
CA ASP A 13 5.24 -12.01 2.57
C ASP A 13 6.56 -11.89 1.80
N ASP A 14 6.74 -12.78 0.82
CA ASP A 14 7.96 -12.77 0.02
C ASP A 14 8.20 -11.40 -0.60
N ASN A 15 7.26 -10.94 -1.42
CA ASN A 15 7.38 -9.64 -2.06
C ASN A 15 6.97 -8.52 -1.11
N ALA A 16 7.27 -7.29 -1.49
CA ALA A 16 6.94 -6.13 -0.68
C ALA A 16 5.74 -5.38 -1.24
N THR A 17 4.59 -5.52 -0.60
CA THR A 17 3.37 -4.86 -1.04
C THR A 17 2.53 -4.40 0.14
N ILE A 18 1.94 -3.21 0.01
CA ILE A 18 1.11 -2.66 1.08
C ILE A 18 -0.14 -1.99 0.50
N ARG A 19 -1.26 -2.16 1.19
CA ARG A 19 -2.52 -1.58 0.75
C ARG A 19 -2.87 -0.35 1.59
N VAL A 20 -3.51 0.63 0.96
CA VAL A 20 -3.90 1.85 1.65
C VAL A 20 -5.36 2.21 1.35
N THR A 21 -6.05 2.72 2.36
CA THR A 21 -7.45 3.11 2.21
C THR A 21 -7.73 4.45 2.88
N ASN A 22 -8.89 5.02 2.58
CA ASN A 22 -9.28 6.30 3.15
C ASN A 22 -8.46 7.44 2.55
N LEU A 23 -8.29 7.40 1.23
CA LEU A 23 -7.53 8.43 0.53
C LEU A 23 -8.45 9.56 0.06
N SER A 24 -7.85 10.59 -0.53
CA SER A 24 -8.61 11.73 -1.02
C SER A 24 -8.34 11.97 -2.51
N GLU A 25 -9.33 12.55 -3.20
CA GLU A 25 -9.19 12.83 -4.62
C GLU A 25 -7.94 13.65 -4.90
N ASP A 26 -7.54 14.45 -3.91
CA ASP A 26 -6.36 15.30 -4.05
C ASP A 26 -5.10 14.53 -3.69
N THR A 27 -5.19 13.21 -3.70
CA THR A 27 -4.05 12.37 -3.37
C THR A 27 -3.89 11.24 -4.39
N ARG A 28 -2.98 11.45 -5.34
CA ARG A 28 -2.73 10.47 -6.38
C ARG A 28 -1.36 9.81 -6.19
N GLU A 29 -0.97 8.97 -7.14
CA GLU A 29 0.32 8.29 -7.07
C GLU A 29 1.43 9.25 -6.67
N THR A 30 1.67 10.25 -7.51
CA THR A 30 2.71 11.24 -7.25
C THR A 30 2.64 11.74 -5.82
N ASP A 31 1.42 11.85 -5.29
CA ASP A 31 1.20 12.33 -3.93
C ASP A 31 1.64 11.27 -2.91
N LEU A 32 1.50 10.01 -3.30
CA LEU A 32 1.89 8.90 -2.42
C LEU A 32 3.37 8.58 -2.57
N GLN A 33 3.92 8.89 -3.73
CA GLN A 33 5.34 8.63 -4.00
C GLN A 33 6.23 9.42 -3.05
N GLU A 34 5.80 10.64 -2.72
CA GLU A 34 6.56 11.50 -1.82
C GLU A 34 6.26 11.15 -0.36
N LEU A 35 5.08 10.59 -0.12
CA LEU A 35 4.68 10.22 1.23
C LEU A 35 5.41 8.96 1.69
N PHE A 36 5.56 8.01 0.77
CA PHE A 36 6.24 6.75 1.08
C PHE A 36 7.71 6.82 0.68
N ARG A 37 8.18 8.02 0.36
CA ARG A 37 9.57 8.22 -0.04
C ARG A 37 10.50 8.20 1.17
N PRO A 38 10.09 8.91 2.23
CA PRO A 38 10.87 9.00 3.47
C PRO A 38 11.33 7.62 3.95
N PHE A 39 10.70 6.57 3.45
CA PHE A 39 11.04 5.21 3.83
C PHE A 39 12.10 4.63 2.89
N GLY A 40 11.96 4.92 1.60
CA GLY A 40 12.91 4.43 0.62
C GLY A 40 12.47 4.69 -0.80
N SER A 41 13.04 3.94 -1.74
CA SER A 41 12.70 4.11 -3.15
C SER A 41 11.57 3.16 -3.55
N ILE A 42 10.38 3.72 -3.77
CA ILE A 42 9.23 2.93 -4.16
C ILE A 42 9.43 2.29 -5.53
N SER A 43 8.93 1.07 -5.69
CA SER A 43 9.07 0.35 -6.95
C SER A 43 7.86 0.60 -7.85
N ARG A 44 6.67 0.43 -7.28
CA ARG A 44 5.43 0.64 -8.03
C ARG A 44 4.38 1.32 -7.15
N ILE A 45 3.50 2.09 -7.79
CA ILE A 45 2.45 2.80 -7.07
C ILE A 45 1.11 2.66 -7.80
N TYR A 46 0.26 1.77 -7.29
CA TYR A 46 -1.05 1.54 -7.88
C TYR A 46 -2.10 2.41 -7.22
N LEU A 47 -3.05 2.90 -8.01
CA LEU A 47 -4.12 3.75 -7.50
C LEU A 47 -5.49 3.25 -7.96
N ALA A 48 -6.40 3.08 -7.02
CA ALA A 48 -7.74 2.59 -7.32
C ALA A 48 -8.47 3.57 -8.23
N LYS A 49 -8.79 3.12 -9.44
CA LYS A 49 -9.50 3.96 -10.40
C LYS A 49 -10.59 3.17 -11.12
N ASP A 50 -11.77 3.78 -11.24
CA ASP A 50 -12.89 3.13 -11.90
C ASP A 50 -12.89 3.44 -13.40
N LYS A 51 -13.64 2.64 -14.16
CA LYS A 51 -13.72 2.82 -15.60
C LYS A 51 -15.01 3.54 -15.98
N THR A 52 -16.09 3.25 -15.24
CA THR A 52 -17.38 3.88 -15.49
C THR A 52 -17.40 5.32 -15.02
N THR A 53 -16.82 5.56 -13.84
CA THR A 53 -16.77 6.90 -13.28
C THR A 53 -15.47 7.61 -13.64
N GLY A 54 -14.38 6.85 -13.64
CA GLY A 54 -13.09 7.42 -13.98
C GLY A 54 -12.55 8.33 -12.88
N GLN A 55 -12.66 7.87 -11.63
CA GLN A 55 -12.18 8.64 -10.49
C GLN A 55 -11.43 7.75 -9.51
N SER A 56 -10.93 8.36 -8.44
CA SER A 56 -10.18 7.62 -7.43
C SER A 56 -11.13 6.99 -6.40
N LYS A 57 -11.24 5.67 -6.45
CA LYS A 57 -12.10 4.94 -5.54
C LYS A 57 -11.86 5.38 -4.09
N GLY A 58 -10.67 5.07 -3.58
CA GLY A 58 -10.34 5.44 -2.22
C GLY A 58 -9.34 4.49 -1.59
N PHE A 59 -8.43 3.95 -2.40
CA PHE A 59 -7.43 3.01 -1.92
C PHE A 59 -6.32 2.82 -2.95
N ALA A 60 -5.10 2.60 -2.47
CA ALA A 60 -3.95 2.40 -3.35
C ALA A 60 -3.07 1.26 -2.84
N PHE A 61 -2.06 0.91 -3.63
CA PHE A 61 -1.14 -0.15 -3.27
C PHE A 61 0.29 0.21 -3.64
N ILE A 62 1.14 0.35 -2.62
CA ILE A 62 2.54 0.71 -2.84
C ILE A 62 3.44 -0.52 -2.72
N SER A 63 4.21 -0.78 -3.78
CA SER A 63 5.11 -1.93 -3.79
C SER A 63 6.55 -1.49 -3.54
N PHE A 64 7.10 -1.88 -2.39
CA PHE A 64 8.46 -1.53 -2.02
C PHE A 64 9.46 -2.52 -2.63
N HIS A 65 10.74 -2.19 -2.54
CA HIS A 65 11.79 -3.04 -3.08
C HIS A 65 12.21 -4.10 -2.05
N ARG A 66 12.28 -3.69 -0.79
CA ARG A 66 12.66 -4.61 0.28
C ARG A 66 11.54 -4.75 1.30
N ARG A 67 11.72 -5.66 2.25
CA ARG A 67 10.72 -5.90 3.28
C ARG A 67 10.79 -4.83 4.37
N GLU A 68 12.01 -4.43 4.72
CA GLU A 68 12.22 -3.42 5.74
C GLU A 68 11.57 -2.09 5.35
N ASP A 69 12.03 -1.53 4.24
CA ASP A 69 11.50 -0.26 3.75
C ASP A 69 9.98 -0.31 3.69
N ALA A 70 9.44 -1.45 3.29
CA ALA A 70 7.99 -1.63 3.19
C ALA A 70 7.34 -1.56 4.57
N ALA A 71 7.92 -2.28 5.53
CA ALA A 71 7.40 -2.31 6.89
C ALA A 71 7.46 -0.93 7.53
N ARG A 72 8.56 -0.22 7.30
CA ARG A 72 8.74 1.11 7.86
C ARG A 72 7.51 1.98 7.62
N ALA A 73 6.96 1.88 6.41
CA ALA A 73 5.77 2.65 6.05
C ALA A 73 4.59 2.31 6.96
N ILE A 74 4.05 1.10 6.79
CA ILE A 74 2.92 0.65 7.59
C ILE A 74 3.00 1.20 9.01
N ALA A 75 4.21 1.18 9.57
CA ALA A 75 4.42 1.67 10.93
C ALA A 75 4.07 3.15 11.03
N GLY A 76 4.58 3.94 10.09
CA GLY A 76 4.32 5.38 10.09
C GLY A 76 2.93 5.71 9.60
N VAL A 77 2.67 5.44 8.32
CA VAL A 77 1.38 5.71 7.73
C VAL A 77 0.25 5.31 8.67
N SER A 78 0.39 4.15 9.30
CA SER A 78 -0.62 3.64 10.21
C SER A 78 -1.02 4.72 11.22
N GLY A 79 -2.20 5.30 11.02
CA GLY A 79 -2.67 6.34 11.93
C GLY A 79 -2.26 7.72 11.48
N PHE A 80 -2.18 7.93 10.17
CA PHE A 80 -1.78 9.22 9.62
C PHE A 80 -3.01 10.05 9.25
N GLY A 81 -3.01 11.30 9.70
CA GLY A 81 -4.13 12.18 9.40
C GLY A 81 -4.08 12.75 8.00
N TYR A 82 -3.93 11.88 7.01
CA TYR A 82 -3.86 12.30 5.61
C TYR A 82 -5.23 12.70 5.09
N ASP A 83 -5.32 13.89 4.52
CA ASP A 83 -6.57 14.39 3.97
C ASP A 83 -7.62 14.54 5.07
N HIS A 84 -7.26 15.28 6.12
CA HIS A 84 -8.18 15.50 7.24
C HIS A 84 -8.99 14.24 7.54
N LEU A 85 -8.38 13.08 7.29
CA LEU A 85 -9.03 11.80 7.53
C LEU A 85 -8.06 10.79 8.13
N ILE A 86 -8.59 9.67 8.61
CA ILE A 86 -7.77 8.62 9.20
C ILE A 86 -7.32 7.62 8.14
N LEU A 87 -6.10 7.79 7.65
CA LEU A 87 -5.55 6.90 6.63
C LEU A 87 -5.25 5.54 7.22
N ASN A 88 -5.53 4.49 6.45
CA ASN A 88 -5.30 3.12 6.90
C ASN A 88 -4.34 2.40 5.95
N VAL A 89 -3.50 1.54 6.50
CA VAL A 89 -2.54 0.78 5.71
C VAL A 89 -2.22 -0.56 6.36
N GLU A 90 -1.89 -1.54 5.53
CA GLU A 90 -1.58 -2.88 6.03
C GLU A 90 -0.92 -3.72 4.94
N TRP A 91 -0.31 -4.83 5.33
CA TRP A 91 0.36 -5.72 4.39
C TRP A 91 -0.66 -6.39 3.46
N ALA A 92 -0.44 -6.24 2.15
CA ALA A 92 -1.33 -6.82 1.17
C ALA A 92 -0.59 -7.83 0.29
N LYS A 93 -1.02 -9.08 0.35
CA LYS A 93 -0.40 -10.15 -0.44
C LYS A 93 -1.30 -11.37 -0.51
N PRO A 94 -1.47 -11.92 -1.73
CA PRO A 94 -2.31 -13.10 -1.95
C PRO A 94 -1.61 -14.39 -1.51
N SER A 95 -2.23 -15.10 -0.58
CA SER A 95 -1.68 -16.36 -0.08
C SER A 95 -2.09 -17.53 -0.95
N THR A 96 -1.93 -17.37 -2.26
CA THR A 96 -2.29 -18.41 -3.21
C THR A 96 -1.19 -19.46 -3.32
N ASN A 97 -0.62 -19.83 -2.18
CA ASN A 97 0.45 -20.83 -2.14
C ASN A 97 1.54 -20.49 -3.16
N SER A 98 1.88 -19.21 -3.25
CA SER A 98 2.90 -18.76 -4.19
C SER A 98 4.28 -18.77 -3.54
N GLY A 99 5.28 -19.23 -4.27
CA GLY A 99 6.63 -19.28 -3.75
C GLY A 99 7.67 -19.58 -4.82
N PRO A 100 8.92 -19.19 -4.56
CA PRO A 100 10.03 -19.41 -5.50
C PRO A 100 10.03 -20.82 -6.08
N SER A 101 9.54 -20.94 -7.32
CA SER A 101 9.48 -22.23 -8.00
C SER A 101 10.86 -22.87 -8.05
N SER A 102 11.81 -22.18 -8.67
CA SER A 102 13.17 -22.68 -8.80
C SER A 102 13.86 -22.76 -7.43
N GLY A 103 14.46 -23.91 -7.14
CA GLY A 103 15.13 -24.09 -5.87
C GLY A 103 16.47 -24.78 -6.02
N GLY A 1 -14.10 8.28 13.62
CA GLY A 1 -13.02 7.38 13.23
C GLY A 1 -13.52 6.00 12.89
N SER A 2 -12.78 5.30 12.03
CA SER A 2 -13.16 3.96 11.61
C SER A 2 -11.95 3.20 11.07
N SER A 3 -11.86 1.92 11.41
CA SER A 3 -10.75 1.07 10.96
C SER A 3 -11.17 -0.39 10.90
N GLY A 4 -10.34 -1.20 10.24
CA GLY A 4 -10.64 -2.62 10.12
C GLY A 4 -9.51 -3.40 9.49
N SER A 5 -8.93 -4.33 10.25
CA SER A 5 -7.83 -5.15 9.75
C SER A 5 -8.32 -6.51 9.29
N SER A 6 -7.48 -7.22 8.54
CA SER A 6 -7.84 -8.54 8.03
C SER A 6 -6.66 -9.49 8.13
N GLY A 7 -6.92 -10.70 8.62
CA GLY A 7 -5.87 -11.69 8.74
C GLY A 7 -4.58 -11.10 9.33
N PRO A 8 -4.42 -11.22 10.65
CA PRO A 8 -3.24 -10.71 11.35
C PRO A 8 -2.01 -11.60 11.15
N ASN A 9 -2.19 -12.69 10.43
CA ASN A 9 -1.10 -13.63 10.17
C ASN A 9 0.02 -12.95 9.41
N ARG A 10 1.10 -12.62 10.12
CA ARG A 10 2.24 -11.96 9.50
C ARG A 10 3.02 -12.93 8.62
N ARG A 11 3.16 -14.17 9.09
CA ARG A 11 3.88 -15.19 8.34
C ARG A 11 3.65 -15.04 6.84
N ALA A 12 2.39 -14.89 6.46
CA ALA A 12 2.03 -14.74 5.06
C ALA A 12 2.68 -13.50 4.45
N ASP A 13 3.66 -13.72 3.58
CA ASP A 13 4.36 -12.61 2.93
C ASP A 13 5.21 -13.11 1.77
N ASP A 14 4.85 -12.71 0.56
CA ASP A 14 5.59 -13.13 -0.63
C ASP A 14 6.52 -12.02 -1.10
N ASN A 15 5.95 -10.87 -1.44
CA ASN A 15 6.74 -9.73 -1.90
C ASN A 15 6.44 -8.49 -1.07
N ALA A 16 7.17 -7.40 -1.36
CA ALA A 16 6.98 -6.15 -0.63
C ALA A 16 5.81 -5.36 -1.20
N THR A 17 4.66 -5.46 -0.54
CA THR A 17 3.47 -4.75 -0.98
C THR A 17 2.65 -4.26 0.20
N ILE A 18 2.02 -3.11 0.05
CA ILE A 18 1.20 -2.54 1.10
C ILE A 18 -0.07 -1.89 0.54
N ARG A 19 -1.17 -2.03 1.26
CA ARG A 19 -2.45 -1.46 0.83
C ARG A 19 -2.78 -0.21 1.64
N VAL A 20 -3.48 0.72 0.99
CA VAL A 20 -3.87 1.97 1.64
C VAL A 20 -5.32 2.30 1.37
N THR A 21 -6.00 2.85 2.38
CA THR A 21 -7.41 3.22 2.25
C THR A 21 -7.69 4.54 2.95
N ASN A 22 -8.87 5.10 2.68
CA ASN A 22 -9.27 6.37 3.29
C ASN A 22 -8.47 7.53 2.71
N LEU A 23 -8.28 7.50 1.39
CA LEU A 23 -7.53 8.57 0.72
C LEU A 23 -8.47 9.66 0.22
N SER A 24 -7.89 10.77 -0.22
CA SER A 24 -8.66 11.90 -0.71
C SER A 24 -8.49 12.07 -2.21
N GLU A 25 -9.49 12.68 -2.85
CA GLU A 25 -9.45 12.91 -4.29
C GLU A 25 -8.21 13.70 -4.69
N ASP A 26 -7.75 14.55 -3.77
CA ASP A 26 -6.58 15.38 -4.02
C ASP A 26 -5.30 14.62 -3.69
N THR A 27 -5.38 13.29 -3.69
CA THR A 27 -4.23 12.46 -3.40
C THR A 27 -4.01 11.41 -4.49
N ARG A 28 -3.11 11.71 -5.41
CA ARG A 28 -2.81 10.80 -6.52
C ARG A 28 -1.53 10.02 -6.23
N GLU A 29 -1.08 9.24 -7.21
CA GLU A 29 0.13 8.44 -7.07
C GLU A 29 1.30 9.30 -6.66
N THR A 30 1.68 10.24 -7.53
CA THR A 30 2.81 11.13 -7.26
C THR A 30 2.65 11.79 -5.90
N ASP A 31 1.41 11.96 -5.46
CA ASP A 31 1.12 12.59 -4.17
C ASP A 31 1.50 11.66 -3.02
N LEU A 32 1.45 10.35 -3.29
CA LEU A 32 1.78 9.35 -2.27
C LEU A 32 3.24 8.93 -2.39
N GLN A 33 3.75 8.92 -3.62
CA GLN A 33 5.14 8.53 -3.86
C GLN A 33 6.10 9.33 -2.98
N GLU A 34 5.71 10.55 -2.65
CA GLU A 34 6.53 11.42 -1.81
C GLU A 34 6.31 11.11 -0.33
N LEU A 35 5.15 10.56 -0.01
CA LEU A 35 4.82 10.21 1.36
C LEU A 35 5.52 8.92 1.79
N PHE A 36 5.63 7.98 0.85
CA PHE A 36 6.29 6.71 1.12
C PHE A 36 7.75 6.75 0.68
N ARG A 37 8.23 7.93 0.36
CA ARG A 37 9.62 8.10 -0.08
C ARG A 37 10.57 8.10 1.11
N PRO A 38 10.19 8.84 2.17
CA PRO A 38 11.01 8.95 3.39
C PRO A 38 11.48 7.58 3.89
N PHE A 39 10.80 6.53 3.44
CA PHE A 39 11.15 5.17 3.85
C PHE A 39 12.18 4.57 2.90
N GLY A 40 12.01 4.83 1.61
CA GLY A 40 12.94 4.31 0.62
C GLY A 40 12.48 4.59 -0.81
N SER A 41 13.02 3.83 -1.75
CA SER A 41 12.66 4.00 -3.16
C SER A 41 11.51 3.06 -3.55
N ILE A 42 10.37 3.66 -3.86
CA ILE A 42 9.20 2.89 -4.25
C ILE A 42 9.37 2.27 -5.64
N SER A 43 8.88 1.05 -5.81
CA SER A 43 8.99 0.36 -7.08
C SER A 43 7.79 0.67 -7.97
N ARG A 44 6.59 0.59 -7.40
CA ARG A 44 5.37 0.86 -8.14
C ARG A 44 4.31 1.48 -7.23
N ILE A 45 3.37 2.19 -7.83
CA ILE A 45 2.30 2.84 -7.07
C ILE A 45 0.96 2.69 -7.80
N TYR A 46 0.10 1.81 -7.27
CA TYR A 46 -1.21 1.58 -7.85
C TYR A 46 -2.26 2.46 -7.19
N LEU A 47 -3.22 2.93 -7.99
CA LEU A 47 -4.29 3.78 -7.49
C LEU A 47 -5.65 3.23 -7.89
N ALA A 48 -6.57 3.17 -6.93
CA ALA A 48 -7.91 2.67 -7.18
C ALA A 48 -8.67 3.59 -8.12
N LYS A 49 -8.96 3.10 -9.32
CA LYS A 49 -9.69 3.88 -10.31
C LYS A 49 -10.77 3.04 -10.99
N ASP A 50 -12.00 3.53 -10.97
CA ASP A 50 -13.12 2.82 -11.58
C ASP A 50 -12.84 2.52 -13.04
N LYS A 51 -13.81 1.94 -13.73
CA LYS A 51 -13.67 1.60 -15.14
C LYS A 51 -14.55 2.49 -16.01
N THR A 52 -15.77 2.75 -15.54
CA THR A 52 -16.71 3.59 -16.27
C THR A 52 -16.23 5.03 -16.34
N THR A 53 -16.31 5.75 -15.22
CA THR A 53 -15.88 7.14 -15.16
C THR A 53 -14.36 7.24 -15.01
N GLY A 54 -13.80 6.40 -14.15
CA GLY A 54 -12.37 6.40 -13.95
C GLY A 54 -11.94 7.37 -12.86
N GLN A 55 -12.75 7.47 -11.80
CA GLN A 55 -12.45 8.37 -10.70
C GLN A 55 -11.81 7.61 -9.53
N SER A 56 -10.97 8.30 -8.78
CA SER A 56 -10.28 7.69 -7.64
C SER A 56 -11.29 7.15 -6.64
N LYS A 57 -11.27 5.83 -6.44
CA LYS A 57 -12.17 5.17 -5.51
C LYS A 57 -11.92 5.65 -4.08
N GLY A 58 -10.74 5.32 -3.55
CA GLY A 58 -10.40 5.72 -2.20
C GLY A 58 -9.40 4.78 -1.55
N PHE A 59 -8.50 4.24 -2.36
CA PHE A 59 -7.48 3.33 -1.87
C PHE A 59 -6.37 3.12 -2.90
N ALA A 60 -5.19 2.77 -2.44
CA ALA A 60 -4.05 2.54 -3.32
C ALA A 60 -3.17 1.40 -2.81
N PHE A 61 -2.17 1.03 -3.60
CA PHE A 61 -1.26 -0.04 -3.23
C PHE A 61 0.17 0.30 -3.60
N ILE A 62 1.01 0.52 -2.59
CA ILE A 62 2.41 0.86 -2.82
C ILE A 62 3.30 -0.38 -2.74
N SER A 63 4.05 -0.63 -3.82
CA SER A 63 4.94 -1.77 -3.87
C SER A 63 6.38 -1.37 -3.59
N PHE A 64 6.92 -1.86 -2.47
CA PHE A 64 8.28 -1.54 -2.07
C PHE A 64 9.27 -2.53 -2.70
N HIS A 65 10.56 -2.22 -2.58
CA HIS A 65 11.60 -3.07 -3.14
C HIS A 65 11.99 -4.16 -2.14
N ARG A 66 12.08 -3.79 -0.86
CA ARG A 66 12.46 -4.73 0.18
C ARG A 66 11.36 -4.83 1.23
N ARG A 67 11.53 -5.76 2.18
CA ARG A 67 10.55 -5.96 3.24
C ARG A 67 10.68 -4.88 4.31
N GLU A 68 11.92 -4.51 4.61
CA GLU A 68 12.18 -3.50 5.63
C GLU A 68 11.58 -2.15 5.23
N ASP A 69 12.05 -1.61 4.11
CA ASP A 69 11.55 -0.33 3.60
C ASP A 69 10.02 -0.33 3.56
N ALA A 70 9.45 -1.45 3.13
CA ALA A 70 7.99 -1.57 3.04
C ALA A 70 7.34 -1.52 4.42
N ALA A 71 7.91 -2.25 5.36
CA ALA A 71 7.39 -2.28 6.73
C ALA A 71 7.48 -0.91 7.38
N ARG A 72 8.61 -0.23 7.16
CA ARG A 72 8.81 1.09 7.73
C ARG A 72 7.60 1.98 7.51
N ALA A 73 7.02 1.90 6.31
CA ALA A 73 5.85 2.70 5.98
C ALA A 73 4.66 2.32 6.84
N ILE A 74 4.11 1.13 6.60
CA ILE A 74 2.96 0.65 7.35
C ILE A 74 3.02 1.12 8.81
N ALA A 75 4.21 1.03 9.40
CA ALA A 75 4.42 1.45 10.78
C ALA A 75 4.12 2.94 10.96
N GLY A 76 4.65 3.75 10.04
CA GLY A 76 4.44 5.18 10.12
C GLY A 76 3.06 5.59 9.66
N VAL A 77 2.79 5.40 8.37
CA VAL A 77 1.48 5.75 7.80
C VAL A 77 0.35 5.30 8.72
N SER A 78 0.48 4.09 9.26
CA SER A 78 -0.54 3.55 10.15
C SER A 78 -0.94 4.57 11.21
N GLY A 79 -2.15 5.10 11.08
CA GLY A 79 -2.63 6.09 12.03
C GLY A 79 -2.21 7.50 11.67
N PHE A 80 -2.08 7.77 10.38
CA PHE A 80 -1.68 9.08 9.90
C PHE A 80 -2.91 9.93 9.55
N GLY A 81 -2.89 11.19 9.99
CA GLY A 81 -4.00 12.08 9.72
C GLY A 81 -3.94 12.68 8.32
N TYR A 82 -3.81 11.82 7.32
CA TYR A 82 -3.74 12.26 5.93
C TYR A 82 -5.11 12.70 5.42
N ASP A 83 -5.17 13.89 4.84
CA ASP A 83 -6.41 14.42 4.31
C ASP A 83 -7.44 14.60 5.42
N HIS A 84 -7.06 15.33 6.46
CA HIS A 84 -7.95 15.58 7.59
C HIS A 84 -8.78 14.34 7.91
N LEU A 85 -8.21 13.17 7.65
CA LEU A 85 -8.89 11.91 7.92
C LEU A 85 -7.93 10.86 8.46
N ILE A 86 -8.47 9.74 8.93
CA ILE A 86 -7.65 8.67 9.48
C ILE A 86 -7.25 7.68 8.39
N LEU A 87 -6.01 7.79 7.93
CA LEU A 87 -5.50 6.91 6.89
C LEU A 87 -5.42 5.47 7.38
N ASN A 88 -5.58 4.52 6.46
CA ASN A 88 -5.54 3.11 6.81
C ASN A 88 -4.56 2.36 5.91
N VAL A 89 -3.63 1.64 6.52
CA VAL A 89 -2.64 0.88 5.77
C VAL A 89 -2.43 -0.51 6.38
N GLU A 90 -2.05 -1.47 5.54
CA GLU A 90 -1.81 -2.83 5.99
C GLU A 90 -1.14 -3.66 4.91
N TRP A 91 -0.38 -4.67 5.33
CA TRP A 91 0.33 -5.53 4.39
C TRP A 91 -0.63 -6.11 3.35
N ALA A 92 -0.31 -5.93 2.08
CA ALA A 92 -1.14 -6.44 1.00
C ALA A 92 -0.37 -7.46 0.15
N LYS A 93 -1.12 -8.30 -0.56
CA LYS A 93 -0.52 -9.32 -1.41
C LYS A 93 -1.11 -9.29 -2.81
N PRO A 94 -0.37 -9.84 -3.79
CA PRO A 94 -0.82 -9.89 -5.18
C PRO A 94 -2.28 -10.31 -5.32
N SER A 95 -2.86 -10.01 -6.47
CA SER A 95 -4.26 -10.36 -6.73
C SER A 95 -4.36 -11.55 -7.67
N THR A 96 -3.73 -11.44 -8.83
CA THR A 96 -3.75 -12.52 -9.82
C THR A 96 -2.34 -13.02 -10.10
N ASN A 97 -2.09 -14.28 -9.76
CA ASN A 97 -0.78 -14.89 -9.98
C ASN A 97 -0.44 -14.94 -11.47
N SER A 98 0.41 -14.02 -11.91
CA SER A 98 0.80 -13.95 -13.31
C SER A 98 2.14 -14.64 -13.53
N GLY A 99 2.43 -14.99 -14.78
CA GLY A 99 3.68 -15.65 -15.10
C GLY A 99 3.74 -16.11 -16.55
N PRO A 100 3.73 -15.14 -17.48
CA PRO A 100 3.78 -15.42 -18.91
C PRO A 100 5.18 -15.80 -19.38
N SER A 101 5.29 -16.93 -20.05
CA SER A 101 6.57 -17.41 -20.56
C SER A 101 6.65 -17.26 -22.08
N SER A 102 7.82 -16.86 -22.56
CA SER A 102 8.03 -16.68 -24.00
C SER A 102 9.50 -16.91 -24.37
N GLY A 103 9.73 -17.30 -25.61
CA GLY A 103 11.09 -17.54 -26.07
C GLY A 103 11.91 -18.34 -25.07
N GLY A 1 -2.31 -16.14 24.85
CA GLY A 1 -3.51 -16.15 24.02
C GLY A 1 -3.41 -17.15 22.87
N SER A 2 -4.42 -17.16 22.01
CA SER A 2 -4.45 -18.08 20.88
C SER A 2 -3.60 -17.54 19.73
N SER A 3 -2.48 -18.20 19.47
CA SER A 3 -1.58 -17.80 18.39
C SER A 3 -1.41 -18.91 17.37
N GLY A 4 -1.96 -18.70 16.18
CA GLY A 4 -1.86 -19.69 15.12
C GLY A 4 -3.17 -20.39 14.86
N SER A 5 -3.37 -20.86 13.63
CA SER A 5 -4.59 -21.54 13.26
C SER A 5 -4.29 -22.89 12.60
N SER A 6 -5.30 -23.75 12.52
CA SER A 6 -5.14 -25.06 11.92
C SER A 6 -4.54 -24.95 10.52
N GLY A 7 -3.44 -25.67 10.30
CA GLY A 7 -2.78 -25.63 9.01
C GLY A 7 -1.26 -25.70 9.12
N PRO A 8 -0.59 -25.75 7.97
CA PRO A 8 0.88 -25.82 7.92
C PRO A 8 1.53 -24.46 8.20
N ASN A 9 2.85 -24.42 8.07
CA ASN A 9 3.59 -23.18 8.30
C ASN A 9 4.26 -22.70 7.02
N ARG A 10 3.72 -21.63 6.44
CA ARG A 10 4.26 -21.08 5.21
C ARG A 10 4.06 -19.56 5.16
N ARG A 11 4.89 -18.88 4.38
CA ARG A 11 4.81 -17.43 4.25
C ARG A 11 3.55 -17.03 3.51
N ALA A 12 2.87 -16.01 4.03
CA ALA A 12 1.64 -15.52 3.41
C ALA A 12 1.94 -14.50 2.32
N ASP A 13 2.87 -13.58 2.60
CA ASP A 13 3.25 -12.56 1.64
C ASP A 13 4.30 -13.09 0.67
N ASP A 14 4.22 -12.65 -0.58
CA ASP A 14 5.17 -13.08 -1.60
C ASP A 14 6.20 -11.99 -1.87
N ASN A 15 5.73 -10.77 -2.12
CA ASN A 15 6.61 -9.64 -2.40
C ASN A 15 6.32 -8.48 -1.46
N ALA A 16 7.15 -7.44 -1.53
CA ALA A 16 6.96 -6.26 -0.70
C ALA A 16 5.85 -5.37 -1.23
N THR A 17 4.64 -5.55 -0.72
CA THR A 17 3.50 -4.77 -1.15
C THR A 17 2.68 -4.29 0.05
N ILE A 18 2.03 -3.15 -0.11
CA ILE A 18 1.20 -2.58 0.96
C ILE A 18 -0.06 -1.94 0.40
N ARG A 19 -1.15 -2.04 1.15
CA ARG A 19 -2.42 -1.46 0.73
C ARG A 19 -2.76 -0.23 1.55
N VAL A 20 -3.52 0.69 0.95
CA VAL A 20 -3.91 1.92 1.63
C VAL A 20 -5.37 2.24 1.37
N THR A 21 -6.08 2.67 2.42
CA THR A 21 -7.49 3.01 2.30
C THR A 21 -7.79 4.35 2.98
N ASN A 22 -8.96 4.91 2.69
CA ASN A 22 -9.36 6.19 3.27
C ASN A 22 -8.59 7.34 2.64
N LEU A 23 -8.56 7.37 1.30
CA LEU A 23 -7.86 8.41 0.58
C LEU A 23 -8.82 9.50 0.11
N SER A 24 -8.29 10.54 -0.49
CA SER A 24 -9.10 11.66 -0.99
C SER A 24 -8.87 11.88 -2.48
N GLU A 25 -9.52 12.91 -3.02
CA GLU A 25 -9.38 13.24 -4.43
C GLU A 25 -8.12 14.06 -4.68
N ASP A 26 -7.43 14.43 -3.60
CA ASP A 26 -6.21 15.20 -3.71
C ASP A 26 -4.98 14.35 -3.41
N THR A 27 -5.15 13.03 -3.52
CA THR A 27 -4.06 12.10 -3.26
C THR A 27 -3.80 11.22 -4.48
N ARG A 28 -2.82 11.61 -5.28
CA ARG A 28 -2.47 10.85 -6.48
C ARG A 28 -1.15 10.09 -6.28
N GLU A 29 -0.80 9.27 -7.25
CA GLU A 29 0.43 8.48 -7.18
C GLU A 29 1.61 9.36 -6.79
N THR A 30 1.68 10.54 -7.38
CA THR A 30 2.76 11.48 -7.10
C THR A 30 2.69 11.98 -5.67
N ASP A 31 1.51 11.91 -5.07
CA ASP A 31 1.32 12.36 -3.70
C ASP A 31 1.76 11.28 -2.71
N LEU A 32 1.64 10.02 -3.12
CA LEU A 32 2.02 8.90 -2.27
C LEU A 32 3.50 8.58 -2.44
N GLN A 33 4.03 8.82 -3.64
CA GLN A 33 5.44 8.56 -3.92
C GLN A 33 6.33 9.28 -2.92
N GLU A 34 6.09 10.58 -2.74
CA GLU A 34 6.87 11.39 -1.82
C GLU A 34 6.49 11.08 -0.37
N LEU A 35 5.32 10.50 -0.19
CA LEU A 35 4.83 10.16 1.14
C LEU A 35 5.47 8.86 1.64
N PHE A 36 5.70 7.93 0.73
CA PHE A 36 6.31 6.65 1.06
C PHE A 36 7.79 6.63 0.69
N ARG A 37 8.33 7.80 0.35
CA ARG A 37 9.72 7.91 -0.03
C ARG A 37 10.63 7.89 1.19
N PRO A 38 10.25 8.66 2.22
CA PRO A 38 11.01 8.75 3.46
C PRO A 38 11.40 7.38 4.00
N PHE A 39 10.73 6.34 3.52
CA PHE A 39 11.00 4.98 3.95
C PHE A 39 12.04 4.32 3.04
N GLY A 40 12.02 4.69 1.77
CA GLY A 40 12.97 4.12 0.82
C GLY A 40 12.59 4.42 -0.61
N SER A 41 13.16 3.67 -1.55
CA SER A 41 12.89 3.87 -2.97
C SER A 41 11.71 3.00 -3.41
N ILE A 42 10.57 3.64 -3.64
CA ILE A 42 9.38 2.93 -4.07
C ILE A 42 9.60 2.25 -5.42
N SER A 43 9.01 1.06 -5.58
CA SER A 43 9.15 0.31 -6.82
C SER A 43 7.98 0.59 -7.76
N ARG A 44 6.76 0.54 -7.23
CA ARG A 44 5.57 0.79 -8.01
C ARG A 44 4.47 1.41 -7.16
N ILE A 45 3.59 2.17 -7.80
CA ILE A 45 2.48 2.81 -7.09
C ILE A 45 1.19 2.74 -7.90
N TYR A 46 0.23 1.99 -7.39
CA TYR A 46 -1.06 1.83 -8.07
C TYR A 46 -2.14 2.65 -7.37
N LEU A 47 -3.15 3.06 -8.13
CA LEU A 47 -4.25 3.84 -7.60
C LEU A 47 -5.59 3.29 -8.06
N ALA A 48 -6.49 3.06 -7.10
CA ALA A 48 -7.82 2.52 -7.40
C ALA A 48 -8.64 3.53 -8.19
N LYS A 49 -9.08 3.13 -9.39
CA LYS A 49 -9.88 4.00 -10.24
C LYS A 49 -11.03 3.23 -10.86
N ASP A 50 -12.19 3.88 -10.93
CA ASP A 50 -13.38 3.25 -11.52
C ASP A 50 -13.18 2.97 -13.00
N LYS A 51 -14.11 2.22 -13.58
CA LYS A 51 -14.03 1.87 -14.99
C LYS A 51 -14.96 2.76 -15.82
N THR A 52 -16.17 3.00 -15.31
CA THR A 52 -17.14 3.83 -16.00
C THR A 52 -16.78 5.31 -15.89
N THR A 53 -16.98 5.88 -14.71
CA THR A 53 -16.67 7.29 -14.49
C THR A 53 -15.17 7.53 -14.48
N GLY A 54 -14.41 6.49 -14.15
CA GLY A 54 -12.97 6.61 -14.11
C GLY A 54 -12.48 7.54 -13.03
N GLN A 55 -13.16 7.52 -11.88
CA GLN A 55 -12.80 8.37 -10.76
C GLN A 55 -11.97 7.61 -9.73
N SER A 56 -11.52 8.31 -8.70
CA SER A 56 -10.71 7.69 -7.65
C SER A 56 -11.59 7.04 -6.59
N LYS A 57 -11.46 5.73 -6.45
CA LYS A 57 -12.24 4.99 -5.46
C LYS A 57 -11.96 5.48 -4.05
N GLY A 58 -10.79 5.12 -3.53
CA GLY A 58 -10.42 5.54 -2.18
C GLY A 58 -9.40 4.62 -1.56
N PHE A 59 -8.49 4.09 -2.37
CA PHE A 59 -7.45 3.19 -1.89
C PHE A 59 -6.35 3.02 -2.94
N ALA A 60 -5.13 2.75 -2.47
CA ALA A 60 -3.99 2.56 -3.36
C ALA A 60 -3.09 1.44 -2.86
N PHE A 61 -2.15 1.03 -3.71
CA PHE A 61 -1.21 -0.03 -3.34
C PHE A 61 0.22 0.35 -3.73
N ILE A 62 1.08 0.49 -2.73
CA ILE A 62 2.47 0.84 -2.96
C ILE A 62 3.38 -0.36 -2.80
N SER A 63 4.31 -0.54 -3.75
CA SER A 63 5.23 -1.65 -3.72
C SER A 63 6.64 -1.18 -3.31
N PHE A 64 7.34 -2.02 -2.56
CA PHE A 64 8.68 -1.69 -2.11
C PHE A 64 9.69 -2.71 -2.62
N HIS A 65 10.98 -2.41 -2.44
CA HIS A 65 12.04 -3.30 -2.89
C HIS A 65 12.49 -4.22 -1.75
N ARG A 66 12.60 -3.66 -0.56
CA ARG A 66 13.02 -4.42 0.62
C ARG A 66 11.86 -4.62 1.58
N ARG A 67 11.91 -5.70 2.36
CA ARG A 67 10.87 -6.01 3.32
C ARG A 67 10.93 -5.04 4.51
N GLU A 68 12.06 -4.35 4.65
CA GLU A 68 12.24 -3.40 5.73
C GLU A 68 11.68 -2.03 5.36
N ASP A 69 11.92 -1.61 4.13
CA ASP A 69 11.44 -0.33 3.65
C ASP A 69 9.92 -0.32 3.51
N ALA A 70 9.37 -1.47 3.11
CA ALA A 70 7.93 -1.60 2.94
C ALA A 70 7.22 -1.61 4.30
N ALA A 71 7.86 -2.22 5.29
CA ALA A 71 7.29 -2.30 6.63
C ALA A 71 7.37 -0.95 7.34
N ARG A 72 8.45 -0.23 7.09
CA ARG A 72 8.65 1.08 7.71
C ARG A 72 7.42 1.95 7.55
N ALA A 73 6.83 1.93 6.36
CA ALA A 73 5.64 2.73 6.08
C ALA A 73 4.48 2.31 6.98
N ILE A 74 4.00 1.08 6.79
CA ILE A 74 2.90 0.56 7.59
C ILE A 74 2.96 1.10 9.02
N ALA A 75 4.17 1.31 9.53
CA ALA A 75 4.35 1.82 10.88
C ALA A 75 3.98 3.30 10.96
N GLY A 76 4.54 4.09 10.05
CA GLY A 76 4.26 5.51 10.03
C GLY A 76 2.87 5.83 9.51
N VAL A 77 2.64 5.54 8.24
CA VAL A 77 1.34 5.79 7.62
C VAL A 77 0.21 5.36 8.54
N SER A 78 0.47 4.37 9.38
CA SER A 78 -0.53 3.87 10.32
C SER A 78 -0.94 4.96 11.30
N GLY A 79 -2.21 5.38 11.22
CA GLY A 79 -2.70 6.41 12.12
C GLY A 79 -2.29 7.80 11.68
N PHE A 80 -1.95 7.94 10.41
CA PHE A 80 -1.53 9.23 9.86
C PHE A 80 -2.73 10.13 9.59
N GLY A 81 -2.47 11.42 9.43
CA GLY A 81 -3.55 12.36 9.18
C GLY A 81 -3.53 12.89 7.76
N TYR A 82 -4.12 12.13 6.84
CA TYR A 82 -4.17 12.52 5.43
C TYR A 82 -5.54 13.04 5.06
N ASP A 83 -5.59 14.29 4.61
CA ASP A 83 -6.85 14.92 4.22
C ASP A 83 -7.85 14.91 5.37
N HIS A 84 -7.41 15.42 6.52
CA HIS A 84 -8.26 15.48 7.71
C HIS A 84 -9.01 14.17 7.90
N LEU A 85 -8.35 13.06 7.57
CA LEU A 85 -8.96 11.73 7.71
C LEU A 85 -7.95 10.74 8.27
N ILE A 86 -8.46 9.58 8.69
CA ILE A 86 -7.61 8.53 9.23
C ILE A 86 -7.19 7.54 8.16
N LEU A 87 -5.97 7.67 7.68
CA LEU A 87 -5.45 6.78 6.65
C LEU A 87 -5.11 5.41 7.22
N ASN A 88 -5.53 4.36 6.52
CA ASN A 88 -5.28 2.99 6.96
C ASN A 88 -4.36 2.27 5.98
N VAL A 89 -3.42 1.50 6.51
CA VAL A 89 -2.48 0.75 5.69
C VAL A 89 -2.22 -0.64 6.27
N GLU A 90 -1.97 -1.60 5.39
CA GLU A 90 -1.70 -2.97 5.83
C GLU A 90 -1.07 -3.79 4.69
N TRP A 91 -0.30 -4.80 5.07
CA TRP A 91 0.37 -5.65 4.08
C TRP A 91 -0.64 -6.23 3.10
N ALA A 92 -0.43 -5.97 1.82
CA ALA A 92 -1.31 -6.46 0.78
C ALA A 92 -0.87 -7.83 0.29
N LYS A 93 -1.70 -8.47 -0.53
CA LYS A 93 -1.40 -9.79 -1.07
C LYS A 93 -1.67 -9.84 -2.57
N PRO A 94 -0.63 -9.60 -3.38
CA PRO A 94 -0.74 -9.61 -4.84
C PRO A 94 -0.85 -11.03 -5.39
N SER A 95 -2.08 -11.46 -5.66
CA SER A 95 -2.32 -12.80 -6.19
C SER A 95 -2.52 -12.75 -7.70
N THR A 96 -1.42 -12.65 -8.44
CA THR A 96 -1.47 -12.60 -9.89
C THR A 96 -0.78 -13.80 -10.52
N ASN A 97 -1.27 -14.24 -11.67
CA ASN A 97 -0.68 -15.39 -12.37
C ASN A 97 0.40 -14.93 -13.33
N SER A 98 1.64 -15.33 -13.06
CA SER A 98 2.76 -14.97 -13.90
C SER A 98 3.61 -16.19 -14.24
N GLY A 99 3.24 -16.89 -15.30
CA GLY A 99 3.98 -18.07 -15.71
C GLY A 99 3.96 -19.16 -14.65
N PRO A 100 4.43 -20.36 -15.01
CA PRO A 100 4.48 -21.50 -14.10
C PRO A 100 5.62 -21.41 -13.09
N SER A 101 6.70 -20.75 -13.49
CA SER A 101 7.86 -20.58 -12.63
C SER A 101 8.11 -19.11 -12.33
N SER A 102 8.06 -18.75 -11.05
CA SER A 102 8.28 -17.38 -10.64
C SER A 102 9.74 -16.97 -10.83
N GLY A 103 10.00 -16.22 -11.90
CA GLY A 103 11.35 -15.78 -12.19
C GLY A 103 11.60 -15.59 -13.67
N GLY A 1 4.38 -9.35 20.59
CA GLY A 1 4.35 -8.20 21.49
C GLY A 1 3.92 -8.59 22.89
N SER A 2 3.72 -7.59 23.75
CA SER A 2 3.31 -7.84 25.13
C SER A 2 1.79 -7.94 25.25
N SER A 3 1.11 -6.87 24.86
CA SER A 3 -0.35 -6.83 24.93
C SER A 3 -0.96 -7.37 23.64
N GLY A 4 -1.23 -8.67 23.62
CA GLY A 4 -1.81 -9.29 22.44
C GLY A 4 -3.18 -9.87 22.71
N SER A 5 -3.27 -11.20 22.74
CA SER A 5 -4.54 -11.87 22.99
C SER A 5 -5.67 -11.20 22.23
N SER A 6 -5.40 -10.81 20.99
CA SER A 6 -6.39 -10.15 20.16
C SER A 6 -6.10 -10.36 18.68
N GLY A 7 -7.15 -10.59 17.90
CA GLY A 7 -6.97 -10.81 16.46
C GLY A 7 -6.13 -12.02 16.16
N PRO A 8 -6.41 -12.67 15.02
CA PRO A 8 -5.69 -13.87 14.59
C PRO A 8 -4.32 -13.54 14.01
N ASN A 9 -3.27 -13.89 14.73
CA ASN A 9 -1.90 -13.63 14.29
C ASN A 9 -1.64 -14.29 12.94
N ARG A 10 -1.31 -13.49 11.95
CA ARG A 10 -1.03 -14.00 10.61
C ARG A 10 0.21 -13.33 10.01
N ARG A 11 0.88 -14.05 9.12
CA ARG A 11 2.09 -13.53 8.48
C ARG A 11 2.42 -14.32 7.22
N ALA A 12 2.25 -13.68 6.07
CA ALA A 12 2.53 -14.33 4.79
C ALA A 12 2.66 -13.30 3.67
N ASP A 13 3.69 -13.45 2.85
CA ASP A 13 3.93 -12.54 1.74
C ASP A 13 5.10 -13.01 0.89
N ASP A 14 5.14 -12.53 -0.35
CA ASP A 14 6.21 -12.91 -1.27
C ASP A 14 7.11 -11.70 -1.58
N ASN A 15 6.49 -10.58 -1.94
CA ASN A 15 7.23 -9.37 -2.26
C ASN A 15 6.80 -8.22 -1.36
N ALA A 16 7.52 -7.11 -1.44
CA ALA A 16 7.22 -5.94 -0.64
C ALA A 16 6.02 -5.18 -1.19
N THR A 17 4.84 -5.43 -0.63
CA THR A 17 3.62 -4.77 -1.07
C THR A 17 2.79 -4.28 0.10
N ILE A 18 2.17 -3.12 -0.06
CA ILE A 18 1.35 -2.54 1.00
C ILE A 18 0.08 -1.92 0.43
N ARG A 19 -1.03 -2.09 1.13
CA ARG A 19 -2.31 -1.54 0.70
C ARG A 19 -2.66 -0.29 1.50
N VAL A 20 -3.41 0.62 0.88
CA VAL A 20 -3.83 1.86 1.52
C VAL A 20 -5.31 2.14 1.29
N THR A 21 -5.96 2.71 2.30
CA THR A 21 -7.38 3.03 2.20
C THR A 21 -7.69 4.37 2.86
N ASN A 22 -8.92 4.85 2.69
CA ASN A 22 -9.34 6.11 3.26
C ASN A 22 -8.54 7.27 2.66
N LEU A 23 -8.45 7.30 1.34
CA LEU A 23 -7.73 8.36 0.64
C LEU A 23 -8.69 9.40 0.08
N SER A 24 -8.14 10.39 -0.62
CA SER A 24 -8.94 11.45 -1.20
C SER A 24 -8.66 11.59 -2.69
N GLU A 25 -9.39 12.48 -3.35
CA GLU A 25 -9.21 12.72 -4.78
C GLU A 25 -7.98 13.58 -5.04
N ASP A 26 -7.59 14.37 -4.04
CA ASP A 26 -6.43 15.24 -4.17
C ASP A 26 -5.16 14.50 -3.79
N THR A 27 -5.21 13.17 -3.84
CA THR A 27 -4.07 12.34 -3.51
C THR A 27 -3.84 11.26 -4.55
N ARG A 28 -2.95 11.52 -5.50
CA ARG A 28 -2.65 10.57 -6.56
C ARG A 28 -1.34 9.83 -6.27
N GLU A 29 -0.89 9.03 -7.23
CA GLU A 29 0.34 8.28 -7.08
C GLU A 29 1.51 9.19 -6.75
N THR A 30 1.84 10.08 -7.68
CA THR A 30 2.95 11.02 -7.50
C THR A 30 2.81 11.76 -6.17
N ASP A 31 1.61 11.76 -5.62
CA ASP A 31 1.35 12.43 -4.35
C ASP A 31 1.73 11.54 -3.17
N LEU A 32 1.63 10.23 -3.38
CA LEU A 32 1.97 9.26 -2.34
C LEU A 32 3.42 8.82 -2.45
N GLN A 33 3.95 8.87 -3.67
CA GLN A 33 5.34 8.48 -3.90
C GLN A 33 6.29 9.23 -2.98
N GLU A 34 5.92 10.46 -2.62
CA GLU A 34 6.73 11.27 -1.74
C GLU A 34 6.42 10.98 -0.27
N LEU A 35 5.21 10.48 -0.02
CA LEU A 35 4.79 10.16 1.33
C LEU A 35 5.47 8.88 1.83
N PHE A 36 5.69 7.95 0.92
CA PHE A 36 6.34 6.68 1.25
C PHE A 36 7.82 6.72 0.90
N ARG A 37 8.31 7.92 0.57
CA ARG A 37 9.72 8.09 0.22
C ARG A 37 10.60 8.06 1.46
N PRO A 38 10.16 8.77 2.51
CA PRO A 38 10.89 8.85 3.78
C PRO A 38 11.34 7.47 4.27
N PHE A 39 10.71 6.43 3.75
CA PHE A 39 11.03 5.06 4.14
C PHE A 39 12.07 4.46 3.20
N GLY A 40 11.94 4.78 1.91
CA GLY A 40 12.88 4.25 0.93
C GLY A 40 12.46 4.56 -0.49
N SER A 41 13.01 3.82 -1.44
CA SER A 41 12.70 4.03 -2.85
C SER A 41 11.56 3.12 -3.29
N ILE A 42 10.44 3.73 -3.67
CA ILE A 42 9.27 2.98 -4.12
C ILE A 42 9.48 2.41 -5.52
N SER A 43 9.02 1.18 -5.73
CA SER A 43 9.16 0.52 -7.02
C SER A 43 7.96 0.81 -7.91
N ARG A 44 6.77 0.60 -7.37
CA ARG A 44 5.54 0.84 -8.12
C ARG A 44 4.48 1.48 -7.22
N ILE A 45 3.54 2.19 -7.85
CA ILE A 45 2.46 2.85 -7.11
C ILE A 45 1.14 2.76 -7.86
N TYR A 46 0.26 1.89 -7.39
CA TYR A 46 -1.05 1.70 -8.01
C TYR A 46 -2.12 2.52 -7.29
N LEU A 47 -3.05 3.07 -8.07
CA LEU A 47 -4.13 3.87 -7.50
C LEU A 47 -5.49 3.35 -7.96
N ALA A 48 -6.40 3.19 -7.00
CA ALA A 48 -7.74 2.70 -7.30
C ALA A 48 -8.50 3.68 -8.17
N LYS A 49 -8.91 3.24 -9.35
CA LYS A 49 -9.65 4.08 -10.29
C LYS A 49 -10.81 3.31 -10.90
N ASP A 50 -12.02 3.83 -10.73
CA ASP A 50 -13.21 3.20 -11.27
C ASP A 50 -13.15 3.14 -12.80
N LYS A 51 -14.18 2.57 -13.41
CA LYS A 51 -14.25 2.46 -14.86
C LYS A 51 -15.36 3.32 -15.44
N THR A 52 -16.50 3.33 -14.76
CA THR A 52 -17.64 4.13 -15.21
C THR A 52 -17.35 5.62 -15.12
N THR A 53 -16.99 6.07 -13.92
CA THR A 53 -16.68 7.48 -13.71
C THR A 53 -15.18 7.74 -13.81
N GLY A 54 -14.39 6.66 -13.77
CA GLY A 54 -12.96 6.79 -13.87
C GLY A 54 -12.38 7.71 -12.82
N GLN A 55 -12.88 7.61 -11.59
CA GLN A 55 -12.42 8.45 -10.50
C GLN A 55 -11.67 7.62 -9.45
N SER A 56 -11.04 8.30 -8.50
CA SER A 56 -10.29 7.63 -7.45
C SER A 56 -11.23 7.06 -6.40
N LYS A 57 -11.28 5.73 -6.31
CA LYS A 57 -12.13 5.05 -5.34
C LYS A 57 -11.82 5.51 -3.92
N GLY A 58 -10.62 5.16 -3.44
CA GLY A 58 -10.22 5.54 -2.10
C GLY A 58 -9.21 4.58 -1.50
N PHE A 59 -8.35 4.03 -2.35
CA PHE A 59 -7.33 3.09 -1.90
C PHE A 59 -6.23 2.94 -2.93
N ALA A 60 -5.00 2.73 -2.45
CA ALA A 60 -3.85 2.57 -3.34
C ALA A 60 -2.96 1.42 -2.89
N PHE A 61 -2.04 1.01 -3.75
CA PHE A 61 -1.12 -0.08 -3.43
C PHE A 61 0.30 0.28 -3.82
N ILE A 62 1.17 0.45 -2.82
CA ILE A 62 2.56 0.80 -3.06
C ILE A 62 3.46 -0.42 -2.93
N SER A 63 4.27 -0.67 -3.97
CA SER A 63 5.18 -1.81 -3.97
C SER A 63 6.60 -1.36 -3.71
N PHE A 64 7.14 -1.78 -2.55
CA PHE A 64 8.50 -1.41 -2.17
C PHE A 64 9.51 -2.38 -2.79
N HIS A 65 10.79 -2.11 -2.57
CA HIS A 65 11.86 -2.95 -3.11
C HIS A 65 12.27 -4.02 -2.10
N ARG A 66 12.35 -3.63 -0.83
CA ARG A 66 12.73 -4.56 0.23
C ARG A 66 11.58 -4.79 1.19
N ARG A 67 11.76 -5.72 2.11
CA ARG A 67 10.73 -6.05 3.09
C ARG A 67 10.75 -5.05 4.25
N GLU A 68 11.95 -4.63 4.64
CA GLU A 68 12.10 -3.68 5.73
C GLU A 68 11.50 -2.33 5.37
N ASP A 69 11.93 -1.78 4.25
CA ASP A 69 11.42 -0.49 3.79
C ASP A 69 9.90 -0.47 3.78
N ALA A 70 9.31 -1.61 3.41
CA ALA A 70 7.85 -1.71 3.36
C ALA A 70 7.24 -1.61 4.75
N ALA A 71 7.82 -2.33 5.70
CA ALA A 71 7.34 -2.31 7.08
C ALA A 71 7.42 -0.91 7.67
N ARG A 72 8.53 -0.23 7.43
CA ARG A 72 8.74 1.12 7.94
C ARG A 72 7.50 1.99 7.69
N ALA A 73 6.93 1.85 6.50
CA ALA A 73 5.75 2.62 6.14
C ALA A 73 4.56 2.25 7.01
N ILE A 74 4.02 1.05 6.80
CA ILE A 74 2.88 0.57 7.57
C ILE A 74 2.96 1.05 9.02
N ALA A 75 4.16 1.03 9.59
CA ALA A 75 4.37 1.47 10.96
C ALA A 75 4.05 2.94 11.12
N GLY A 76 4.55 3.76 10.19
CA GLY A 76 4.31 5.19 10.24
C GLY A 76 2.96 5.56 9.67
N VAL A 77 2.77 5.30 8.38
CA VAL A 77 1.51 5.62 7.71
C VAL A 77 0.32 5.18 8.55
N SER A 78 0.55 4.26 9.46
CA SER A 78 -0.51 3.74 10.32
C SER A 78 -0.99 4.83 11.29
N GLY A 79 -2.15 5.40 11.00
CA GLY A 79 -2.70 6.44 11.84
C GLY A 79 -2.34 7.83 11.37
N PHE A 80 -2.14 7.98 10.06
CA PHE A 80 -1.79 9.27 9.47
C PHE A 80 -3.04 10.06 9.12
N GLY A 81 -3.05 11.33 9.49
CA GLY A 81 -4.18 12.19 9.20
C GLY A 81 -4.15 12.74 7.78
N TYR A 82 -4.03 11.85 6.80
CA TYR A 82 -3.98 12.25 5.41
C TYR A 82 -5.37 12.62 4.89
N ASP A 83 -5.47 13.79 4.26
CA ASP A 83 -6.75 14.25 3.72
C ASP A 83 -7.77 14.44 4.83
N HIS A 84 -7.42 15.23 5.84
CA HIS A 84 -8.30 15.50 6.96
C HIS A 84 -9.08 14.24 7.34
N LEU A 85 -8.46 13.08 7.14
CA LEU A 85 -9.10 11.81 7.46
C LEU A 85 -8.09 10.83 8.05
N ILE A 86 -8.58 9.70 8.55
CA ILE A 86 -7.72 8.68 9.14
C ILE A 86 -7.27 7.68 8.09
N LEU A 87 -6.04 7.85 7.62
CA LEU A 87 -5.48 6.95 6.61
C LEU A 87 -5.28 5.55 7.17
N ASN A 88 -5.51 4.54 6.34
CA ASN A 88 -5.36 3.15 6.76
C ASN A 88 -4.41 2.41 5.82
N VAL A 89 -3.43 1.73 6.40
CA VAL A 89 -2.46 0.97 5.62
C VAL A 89 -2.17 -0.38 6.27
N GLU A 90 -2.04 -1.41 5.43
CA GLU A 90 -1.76 -2.75 5.93
C GLU A 90 -1.11 -3.61 4.85
N TRP A 91 -0.38 -4.64 5.26
CA TRP A 91 0.31 -5.52 4.33
C TRP A 91 -0.69 -6.16 3.36
N ALA A 92 -0.41 -6.05 2.07
CA ALA A 92 -1.27 -6.61 1.04
C ALA A 92 -0.54 -7.68 0.23
N LYS A 93 -1.29 -8.67 -0.24
CA LYS A 93 -0.72 -9.75 -1.04
C LYS A 93 -0.91 -9.49 -2.53
N PRO A 94 0.02 -10.02 -3.34
CA PRO A 94 -0.02 -9.86 -4.80
C PRO A 94 -1.41 -10.12 -5.36
N SER A 95 -1.70 -9.51 -6.51
CA SER A 95 -3.00 -9.66 -7.16
C SER A 95 -2.99 -10.85 -8.12
N THR A 96 -2.15 -10.77 -9.15
CA THR A 96 -2.04 -11.83 -10.13
C THR A 96 -0.92 -12.80 -9.78
N ASN A 97 -1.11 -14.07 -10.13
CA ASN A 97 -0.11 -15.10 -9.86
C ASN A 97 1.02 -15.06 -10.88
N SER A 98 1.53 -13.85 -11.13
CA SER A 98 2.61 -13.68 -12.09
C SER A 98 3.82 -14.55 -11.73
N GLY A 99 4.78 -14.64 -12.64
CA GLY A 99 5.96 -15.44 -12.39
C GLY A 99 6.20 -16.46 -13.49
N PRO A 100 7.48 -16.65 -13.86
CA PRO A 100 7.88 -17.60 -14.90
C PRO A 100 7.87 -19.04 -14.40
N SER A 101 7.42 -19.23 -13.16
CA SER A 101 7.38 -20.56 -12.57
C SER A 101 6.02 -21.22 -12.82
N SER A 102 4.96 -20.48 -12.55
CA SER A 102 3.60 -20.99 -12.74
C SER A 102 2.85 -20.16 -13.76
N GLY A 103 2.55 -20.76 -14.91
CA GLY A 103 1.83 -20.05 -15.95
C GLY A 103 1.96 -20.73 -17.30
#